data_7R6J
#
_entry.id   7R6J
#
_cell.length_a   135.839
_cell.length_b   178.544
_cell.length_c   179.806
_cell.angle_alpha   90.000
_cell.angle_beta   90.000
_cell.angle_gamma   90.000
#
_symmetry.space_group_name_H-M   'I 2 2 2'
#
loop_
_entity.id
_entity.type
_entity.pdbx_description
1 polymer 'Chaetomium alpha glucosidase'
2 branched 2-acetamido-2-deoxy-beta-D-glucopyranose-(1-4)-2-acetamido-2-deoxy-beta-D-glucopyranose
3 non-polymer (2R,3R,4R,5S)-2-(hydroxymethyl)-1-[(3-{[3-methyl-5-(pyrimidin-2-yl)anilino]methyl}phenyl)methyl]piperidine-3,4,5-triol
4 non-polymer GLYCEROL
5 non-polymer 'SULFATE ION'
6 non-polymer 2-[BIS-(2-HYDROXY-ETHYL)-AMINO]-2-HYDROXYMETHYL-PROPANE-1,3-DIOL
7 water water
#
_entity_poly.entity_id   1
_entity_poly.type   'polypeptide(L)'
_entity_poly.pdbx_seq_one_letter_code
;MGILPSPGMPALLSLVSLLSVLLMGCVAETGVEGESILHSEIGRLNNQSLLWGPYRPNIYFGTRPRIGKSLMTGLMWGKI
ESYTDFQHTVRYTCEQNEGMKGYGWDEYDPRRGGIQSIHDIQNGLDITTSFVKIPGGAHGGSWAARIKGTLNDDAPKDQK
TIVVFYVSQEGENSELEAVPSENEFGYEGDVILKGRSEALGNYKLVVTKGKGVIPQSDHDLSRLRGPGQTVVQSLTYPDE
VLWQAKPILFQQLKAGIDWLVENKYDVADPPPPWQVYLLANKPGSGNVHIVQKVFEGDFEFDILFSSESAGKEVTSKDLE
REVKQATEVFGERFARVFDLKAPFQGDNYKKFGKSMFSNLIGGIGYFYGHSLVDRSYAPEYDEENEGFWEDAAEARARHQ
EALEGPYELFTSIPSRPFFPRGFLWDEGFHLLPIADWDIDLALEIIKSWYNLMDEDGWIAREQILGAEARSKVPKEFQTQ
YPHYANPPTLFLVLDNFVERLRKNNASQPVVKDNLSLDETLSTASVDNPEVGLEYLRRLYPLLRRQFDWFRKTQAGDIKS
YDREAYSTKEAYRWRGRTVSHCLTSGLDDYPRPQPPHPGELHVDLMSWVGVMVKSLISIGSLLGATEDVEFYTKVLDAIE
HNLDDLHWSEKEGCYCDATIDEFEEHKLVCHKGYISLFPFLTGLLKPDSPKLGKLLALIGDESELWSPYGLRSLSKKDEF
YGTAENYWRSPVWININYLAIVQLYNIATQDGPYKETARDLYTRLRKNIVETVYRNWEETGFAWEQYNPETGKGQRTQHF
TGWTSLVVKIMSGHHHHHH
;
_entity_poly.pdbx_strand_id   A,B
#
# COMPACT_ATOMS: atom_id res chain seq x y z
N LEU A 38 -9.48 -33.97 0.77
CA LEU A 38 -8.18 -34.50 1.31
C LEU A 38 -7.12 -33.39 1.37
N HIS A 39 -7.21 -32.38 0.47
CA HIS A 39 -6.27 -31.28 0.45
C HIS A 39 -6.46 -30.41 1.70
N SER A 40 -7.73 -30.17 2.07
CA SER A 40 -8.10 -29.47 3.29
C SER A 40 -7.58 -30.20 4.52
N GLU A 41 -7.72 -31.53 4.50
CA GLU A 41 -7.31 -32.39 5.61
C GLU A 41 -5.79 -32.28 5.84
N ILE A 42 -5.01 -32.41 4.76
CA ILE A 42 -3.56 -32.36 4.85
C ILE A 42 -3.12 -30.99 5.35
N GLY A 43 -3.74 -29.93 4.81
CA GLY A 43 -3.53 -28.56 5.22
C GLY A 43 -3.75 -28.34 6.72
N ARG A 44 -4.84 -28.88 7.28
CA ARG A 44 -5.14 -28.73 8.70
C ARG A 44 -4.09 -29.44 9.57
N LEU A 45 -3.70 -30.66 9.16
CA LEU A 45 -2.69 -31.42 9.89
C LEU A 45 -1.32 -30.75 9.82
N ASN A 46 -0.97 -30.17 8.65
CA ASN A 46 0.26 -29.40 8.52
C ASN A 46 0.26 -28.20 9.47
N ASN A 47 -0.85 -27.46 9.50
CA ASN A 47 -1.05 -26.31 10.37
C ASN A 47 -0.81 -26.70 11.84
N GLN A 48 -1.41 -27.81 12.29
CA GLN A 48 -1.29 -28.19 13.69
C GLN A 48 0.13 -28.63 14.00
N SER A 49 0.77 -29.27 13.01
CA SER A 49 2.10 -29.84 13.17
C SER A 49 3.13 -28.72 13.34
N LEU A 50 2.98 -27.64 12.56
CA LEU A 50 4.01 -26.62 12.42
C LEU A 50 3.75 -25.41 13.30
N LEU A 51 2.61 -25.42 14.02
CA LEU A 51 2.19 -24.23 14.76
C LEU A 51 3.24 -23.71 15.75
N TRP A 52 3.75 -24.56 16.63
CA TRP A 52 4.75 -24.11 17.61
C TRP A 52 6.17 -24.32 17.10
N GLY A 53 7.09 -23.46 17.60
CA GLY A 53 8.49 -23.74 17.33
C GLY A 53 9.33 -22.71 18.04
N PRO A 54 10.67 -22.86 18.04
CA PRO A 54 11.56 -21.81 18.52
C PRO A 54 11.75 -20.74 17.44
N TYR A 55 10.64 -20.19 16.95
CA TYR A 55 10.56 -19.48 15.68
C TYR A 55 10.99 -18.02 15.88
N ARG A 56 12.03 -17.79 16.71
CA ARG A 56 12.53 -16.45 16.96
C ARG A 56 14.07 -16.48 16.76
N PRO A 57 14.54 -16.74 15.53
CA PRO A 57 15.98 -16.96 15.30
C PRO A 57 16.80 -15.70 15.55
N ASN A 58 16.16 -14.53 15.70
CA ASN A 58 16.89 -13.30 15.97
C ASN A 58 17.45 -13.31 17.40
N ILE A 59 16.95 -14.23 18.26
CA ILE A 59 17.45 -14.28 19.63
C ILE A 59 18.08 -15.66 19.88
N TYR A 60 18.94 -15.77 20.91
CA TYR A 60 19.57 -17.06 21.17
C TYR A 60 18.53 -18.16 21.35
N PHE A 61 17.54 -17.93 22.23
CA PHE A 61 16.54 -18.96 22.42
C PHE A 61 15.23 -18.34 22.86
N GLY A 62 14.15 -18.67 22.11
CA GLY A 62 12.81 -18.30 22.50
C GLY A 62 11.81 -19.04 21.62
N THR A 63 10.52 -18.98 21.98
CA THR A 63 9.49 -19.67 21.24
C THR A 63 8.38 -18.68 20.91
N ARG A 64 7.64 -18.97 19.83
CA ARG A 64 6.37 -18.33 19.59
C ARG A 64 5.62 -19.25 18.63
N PRO A 65 4.27 -19.18 18.60
CA PRO A 65 3.52 -19.96 17.61
C PRO A 65 3.39 -19.13 16.32
N ARG A 66 2.94 -19.78 15.23
CA ARG A 66 2.68 -19.08 13.99
C ARG A 66 1.36 -18.30 14.07
N ILE A 67 1.29 -17.33 15.00
CA ILE A 67 0.13 -16.47 15.21
C ILE A 67 0.70 -15.08 15.51
N GLY A 68 0.14 -14.04 14.89
CA GLY A 68 0.70 -12.71 15.00
C GLY A 68 0.77 -12.18 16.44
N LYS A 69 -0.35 -12.26 17.15
CA LYS A 69 -0.45 -11.68 18.48
C LYS A 69 -0.80 -12.81 19.46
N SER A 70 0.23 -13.30 20.14
CA SER A 70 0.05 -14.50 20.94
C SER A 70 1.11 -14.51 22.04
N LEU A 71 1.41 -15.72 22.52
CA LEU A 71 2.35 -15.94 23.62
C LEU A 71 3.75 -16.11 23.03
N MET A 72 4.75 -15.39 23.60
CA MET A 72 6.13 -15.49 23.14
C MET A 72 7.03 -15.62 24.37
N THR A 73 8.12 -16.41 24.25
CA THR A 73 9.07 -16.58 25.35
C THR A 73 10.48 -16.26 24.87
N GLY A 74 11.37 -15.88 25.80
CA GLY A 74 12.77 -15.71 25.42
C GLY A 74 13.68 -15.81 26.65
N LEU A 75 14.92 -16.23 26.43
CA LEU A 75 15.87 -16.49 27.51
C LEU A 75 16.93 -15.41 27.50
N MET A 76 17.41 -14.99 28.68
CA MET A 76 18.58 -14.15 28.81
C MET A 76 19.46 -14.75 29.90
N TRP A 77 20.78 -14.47 29.85
CA TRP A 77 21.69 -14.92 30.90
C TRP A 77 22.88 -13.99 30.90
N GLY A 78 23.53 -13.83 32.06
CA GLY A 78 24.81 -13.14 32.05
C GLY A 78 25.49 -13.32 33.40
N LYS A 79 26.82 -13.41 33.43
CA LYS A 79 27.51 -13.45 34.72
C LYS A 79 27.36 -12.06 35.37
N ILE A 80 27.52 -12.02 36.69
CA ILE A 80 27.57 -10.76 37.40
C ILE A 80 28.74 -10.83 38.40
N GLU A 81 29.74 -9.96 38.22
CA GLU A 81 30.92 -9.93 39.06
C GLU A 81 31.07 -8.59 39.75
N SER A 82 30.25 -7.61 39.38
CA SER A 82 30.36 -6.27 39.94
C SER A 82 28.99 -5.60 39.94
N TYR A 83 28.95 -4.35 40.40
CA TYR A 83 27.70 -3.60 40.47
C TYR A 83 27.28 -3.04 39.10
N THR A 84 28.13 -3.19 38.07
CA THR A 84 27.81 -2.47 36.84
C THR A 84 28.00 -3.34 35.58
N ASP A 85 28.37 -4.61 35.74
CA ASP A 85 28.76 -5.42 34.59
C ASP A 85 27.58 -6.12 33.92
N PHE A 86 26.49 -6.40 34.65
CA PHE A 86 25.40 -7.22 34.12
C PHE A 86 24.80 -6.58 32.86
N GLN A 87 24.66 -5.25 32.84
CA GLN A 87 24.19 -4.56 31.63
C GLN A 87 25.06 -4.87 30.41
N HIS A 88 26.35 -5.17 30.61
CA HIS A 88 27.28 -5.42 29.53
C HIS A 88 27.41 -6.91 29.21
N THR A 89 27.09 -7.79 30.15
CA THR A 89 27.31 -9.21 29.91
C THR A 89 26.02 -9.88 29.43
N VAL A 90 24.86 -9.31 29.76
CA VAL A 90 23.62 -10.06 29.52
C VAL A 90 23.50 -10.37 28.03
N ARG A 91 22.90 -11.52 27.69
CA ARG A 91 22.79 -11.95 26.31
C ARG A 91 21.30 -12.09 25.99
N TYR A 92 20.87 -11.71 24.77
CA TYR A 92 19.48 -11.89 24.44
C TYR A 92 19.38 -12.06 22.92
N THR A 93 19.69 -10.99 22.15
CA THR A 93 19.68 -11.06 20.70
C THR A 93 21.03 -11.55 20.17
N CYS A 94 20.95 -12.33 19.08
CA CYS A 94 22.14 -12.98 18.52
C CYS A 94 23.13 -11.95 18.00
N GLU A 95 24.43 -12.20 18.24
CA GLU A 95 25.51 -11.39 17.70
C GLU A 95 26.65 -12.35 17.38
N GLN A 96 27.73 -11.84 16.76
CA GLN A 96 28.93 -12.65 16.64
C GLN A 96 30.09 -11.67 16.70
N ASN A 97 30.95 -11.86 17.69
CA ASN A 97 32.09 -11.00 18.02
C ASN A 97 33.08 -11.83 18.82
N GLU A 98 34.15 -11.20 19.34
CA GLU A 98 35.23 -11.90 19.99
C GLU A 98 34.75 -12.61 21.26
N GLY A 99 33.71 -12.10 21.94
CA GLY A 99 33.30 -12.70 23.21
C GLY A 99 32.33 -13.88 23.05
N MET A 100 32.06 -14.30 21.80
CA MET A 100 31.25 -15.49 21.59
C MET A 100 32.01 -16.49 20.72
N LYS A 101 32.23 -17.71 21.23
CA LYS A 101 33.00 -18.65 20.45
C LYS A 101 32.16 -19.12 19.27
N GLY A 102 30.87 -19.41 19.51
CA GLY A 102 30.04 -19.94 18.42
C GLY A 102 28.71 -20.41 18.98
N TYR A 103 27.77 -20.74 18.09
CA TYR A 103 26.52 -21.27 18.59
C TYR A 103 25.75 -21.76 17.39
N GLY A 104 24.77 -22.62 17.64
CA GLY A 104 23.94 -23.07 16.54
C GLY A 104 23.27 -24.39 16.89
N TRP A 105 22.46 -24.89 15.96
CA TRP A 105 21.68 -26.10 16.19
C TRP A 105 22.54 -27.32 15.84
N ASP A 106 22.55 -28.31 16.73
CA ASP A 106 23.25 -29.55 16.40
C ASP A 106 22.31 -30.44 15.60
N GLU A 107 21.02 -30.30 15.88
CA GLU A 107 19.99 -31.09 15.23
C GLU A 107 18.72 -30.26 15.31
N TYR A 108 17.89 -30.36 14.28
CA TYR A 108 16.66 -29.59 14.29
C TYR A 108 15.71 -30.11 13.23
N ASP A 109 14.43 -30.17 13.59
CA ASP A 109 13.34 -30.42 12.66
C ASP A 109 12.13 -29.68 13.22
N PRO A 110 11.55 -28.70 12.48
CA PRO A 110 10.52 -27.84 13.07
C PRO A 110 9.28 -28.60 13.54
N ARG A 111 9.03 -29.82 13.02
CA ARG A 111 7.90 -30.63 13.48
C ARG A 111 8.17 -31.26 14.85
N ARG A 112 9.44 -31.43 15.24
CA ARG A 112 9.78 -32.25 16.40
C ARG A 112 10.53 -31.46 17.48
N GLY A 113 11.44 -30.58 17.04
CA GLY A 113 12.30 -29.84 17.95
C GLY A 113 13.76 -30.11 17.66
N GLY A 114 14.63 -29.82 18.62
CA GLY A 114 16.05 -29.97 18.34
C GLY A 114 16.88 -29.54 19.55
N ILE A 115 18.18 -29.43 19.34
CA ILE A 115 19.13 -29.12 20.41
C ILE A 115 20.10 -28.08 19.85
N GLN A 116 20.31 -27.01 20.62
CA GLN A 116 21.20 -25.95 20.20
C GLN A 116 22.34 -25.89 21.24
N SER A 117 23.58 -25.63 20.77
CA SER A 117 24.70 -25.40 21.67
C SER A 117 25.19 -23.96 21.50
N ILE A 118 25.50 -23.31 22.64
CA ILE A 118 25.95 -21.92 22.67
C ILE A 118 27.25 -21.88 23.47
N HIS A 119 28.34 -21.37 22.86
CA HIS A 119 29.64 -21.35 23.53
C HIS A 119 30.05 -19.90 23.79
N ASP A 120 29.86 -19.43 25.03
CA ASP A 120 29.92 -18.01 25.37
C ASP A 120 31.22 -17.78 26.16
N ILE A 121 32.18 -17.09 25.55
CA ILE A 121 33.48 -16.84 26.16
C ILE A 121 33.35 -15.77 27.23
N GLN A 122 32.63 -14.69 26.92
CA GLN A 122 32.53 -13.56 27.85
C GLN A 122 31.93 -14.03 29.17
N ASN A 123 30.88 -14.87 29.10
CA ASN A 123 30.17 -15.34 30.27
C ASN A 123 30.71 -16.67 30.79
N GLY A 124 31.72 -17.24 30.12
CA GLY A 124 32.41 -18.43 30.60
C GLY A 124 31.47 -19.64 30.68
N LEU A 125 30.55 -19.77 29.72
CA LEU A 125 29.52 -20.78 29.86
C LEU A 125 29.32 -21.50 28.54
N ASP A 126 29.04 -22.80 28.64
CA ASP A 126 28.60 -23.60 27.52
C ASP A 126 27.16 -23.98 27.82
N ILE A 127 26.25 -23.58 26.92
CA ILE A 127 24.82 -23.72 27.18
C ILE A 127 24.24 -24.64 26.13
N THR A 128 23.31 -25.51 26.56
CA THR A 128 22.50 -26.33 25.67
C THR A 128 21.04 -25.94 25.90
N THR A 129 20.28 -25.75 24.79
CA THR A 129 18.85 -25.54 24.88
C THR A 129 18.18 -26.64 24.06
N SER A 130 17.51 -27.58 24.72
CA SER A 130 16.79 -28.64 24.03
C SER A 130 15.33 -28.23 23.96
N PHE A 131 14.71 -28.41 22.80
CA PHE A 131 13.31 -28.01 22.63
C PHE A 131 12.59 -29.20 22.01
N VAL A 132 11.39 -29.52 22.49
CA VAL A 132 10.72 -30.67 21.89
C VAL A 132 9.22 -30.40 21.89
N LYS A 133 8.54 -30.95 20.87
CA LYS A 133 7.11 -30.74 20.67
C LYS A 133 6.34 -32.02 20.97
N ILE A 134 5.15 -31.88 21.56
CA ILE A 134 4.37 -33.03 21.98
C ILE A 134 2.95 -32.83 21.46
N PRO A 135 2.59 -33.51 20.35
CA PRO A 135 1.30 -33.32 19.69
C PRO A 135 0.14 -33.71 20.61
N GLY A 136 -1.03 -33.11 20.38
CA GLY A 136 -2.24 -33.47 21.10
C GLY A 136 -3.15 -32.26 21.30
N GLY A 137 -4.47 -32.53 21.40
CA GLY A 137 -5.42 -31.47 21.66
C GLY A 137 -5.78 -30.76 20.37
N ALA A 138 -6.32 -29.55 20.48
CA ALA A 138 -6.81 -28.89 19.28
C ALA A 138 -6.15 -27.54 19.08
N HIS A 139 -4.99 -27.30 19.71
CA HIS A 139 -4.42 -25.95 19.70
C HIS A 139 -2.95 -25.96 19.30
N GLY A 140 -2.55 -27.00 18.55
CA GLY A 140 -1.19 -27.07 18.06
C GLY A 140 -0.23 -27.78 19.02
N GLY A 141 -0.80 -28.43 20.05
CA GLY A 141 0.00 -29.31 20.89
C GLY A 141 0.74 -28.59 22.01
N SER A 142 1.64 -29.36 22.65
CA SER A 142 2.44 -28.95 23.80
C SER A 142 3.91 -28.87 23.42
N TRP A 143 4.77 -28.36 24.34
CA TRP A 143 6.22 -28.30 24.09
C TRP A 143 6.98 -28.21 25.40
N ALA A 144 8.27 -28.52 25.36
CA ALA A 144 9.08 -28.34 26.56
C ALA A 144 10.50 -27.96 26.16
N ALA A 145 11.24 -27.40 27.11
CA ALA A 145 12.61 -27.05 26.78
C ALA A 145 13.45 -27.26 28.03
N ARG A 146 14.70 -27.71 27.87
CA ARG A 146 15.63 -27.80 28.98
C ARG A 146 16.76 -26.82 28.71
N ILE A 147 17.06 -25.98 29.68
CA ILE A 147 18.15 -25.03 29.56
C ILE A 147 19.28 -25.49 30.48
N LYS A 148 20.44 -25.85 29.93
CA LYS A 148 21.52 -26.36 30.77
C LYS A 148 22.76 -25.45 30.64
N GLY A 149 23.34 -25.01 31.76
CA GLY A 149 24.57 -24.23 31.62
C GLY A 149 25.74 -24.86 32.38
N THR A 150 26.90 -25.00 31.71
CA THR A 150 28.09 -25.56 32.32
C THR A 150 29.22 -24.54 32.22
N LEU A 151 29.84 -24.19 33.34
CA LEU A 151 30.95 -23.25 33.29
C LEU A 151 32.08 -23.88 32.49
N ASN A 152 32.75 -23.13 31.62
CA ASN A 152 33.94 -23.66 30.95
C ASN A 152 35.11 -23.67 31.94
N ASP A 153 36.26 -24.12 31.45
CA ASP A 153 37.43 -24.36 32.30
C ASP A 153 38.01 -23.06 32.86
N ASP A 154 37.80 -21.95 32.16
CA ASP A 154 38.40 -20.67 32.50
C ASP A 154 37.58 -19.94 33.56
N ALA A 155 36.28 -20.23 33.67
CA ALA A 155 35.43 -19.45 34.54
C ALA A 155 35.79 -19.69 36.01
N PRO A 156 35.69 -18.66 36.89
CA PRO A 156 35.74 -18.89 38.33
C PRO A 156 34.67 -19.90 38.72
N LYS A 157 35.00 -20.87 39.60
CA LYS A 157 34.13 -21.99 39.89
C LYS A 157 32.89 -21.52 40.66
N ASP A 158 32.99 -20.33 41.26
CA ASP A 158 31.90 -19.81 42.07
C ASP A 158 31.18 -18.66 41.33
N GLN A 159 31.40 -18.54 40.01
CA GLN A 159 30.72 -17.53 39.20
C GLN A 159 29.24 -17.53 39.53
N LYS A 160 28.68 -16.31 39.61
CA LYS A 160 27.25 -16.08 39.70
C LYS A 160 26.69 -15.72 38.31
N THR A 161 25.68 -16.47 37.87
CA THR A 161 25.05 -16.22 36.57
C THR A 161 23.57 -15.92 36.83
N ILE A 162 23.09 -14.79 36.31
CA ILE A 162 21.68 -14.49 36.34
C ILE A 162 21.02 -15.09 35.11
N VAL A 163 19.90 -15.78 35.30
CA VAL A 163 19.15 -16.31 34.17
C VAL A 163 17.73 -15.79 34.28
N VAL A 164 17.17 -15.39 33.12
CA VAL A 164 15.84 -14.82 33.10
C VAL A 164 15.06 -15.56 32.02
N PHE A 165 13.82 -15.96 32.35
CA PHE A 165 12.91 -16.44 31.33
C PHE A 165 11.76 -15.43 31.23
N TYR A 166 11.63 -14.81 30.05
CA TYR A 166 10.73 -13.69 29.85
C TYR A 166 9.55 -14.18 29.02
N VAL A 167 8.32 -13.89 29.48
CA VAL A 167 7.13 -14.40 28.82
C VAL A 167 6.20 -13.20 28.57
N SER A 168 5.70 -13.07 27.34
CA SER A 168 4.78 -11.97 27.05
C SER A 168 3.58 -12.56 26.30
N GLN A 169 2.41 -11.90 26.42
CA GLN A 169 1.26 -12.32 25.61
C GLN A 169 0.48 -11.10 25.11
N GLU A 170 0.30 -11.08 23.78
CA GLU A 170 -0.39 -10.03 23.04
C GLU A 170 -1.80 -10.56 22.72
N GLY A 171 -2.78 -9.65 22.65
CA GLY A 171 -4.17 -10.02 22.44
C GLY A 171 -5.08 -9.30 23.44
N GLU A 172 -6.22 -8.78 22.94
CA GLU A 172 -7.11 -7.91 23.71
C GLU A 172 -7.77 -8.65 24.88
N ASN A 173 -8.13 -9.93 24.65
CA ASN A 173 -9.07 -10.66 25.49
C ASN A 173 -8.39 -11.73 26.36
N SER A 174 -7.09 -11.94 26.17
CA SER A 174 -6.43 -13.12 26.71
C SER A 174 -5.86 -12.80 28.09
N GLU A 175 -5.44 -13.83 28.81
CA GLU A 175 -5.06 -13.66 30.19
C GLU A 175 -3.92 -14.61 30.52
N LEU A 176 -3.11 -14.20 31.50
CA LEU A 176 -1.93 -14.94 31.91
C LEU A 176 -1.61 -14.49 33.33
N GLU A 177 -1.48 -15.46 34.22
CA GLU A 177 -1.33 -15.14 35.64
C GLU A 177 -0.32 -16.10 36.27
N ALA A 178 0.61 -15.55 37.06
CA ALA A 178 1.52 -16.36 37.86
C ALA A 178 0.84 -16.78 39.16
N VAL A 179 0.84 -18.09 39.44
CA VAL A 179 0.36 -18.57 40.72
C VAL A 179 1.34 -18.10 41.81
N PRO A 180 0.88 -17.39 42.86
CA PRO A 180 1.80 -16.88 43.89
C PRO A 180 2.49 -18.04 44.60
N SER A 181 3.67 -17.77 45.19
CA SER A 181 4.33 -18.86 45.90
C SER A 181 3.77 -18.98 47.32
N GLU A 182 4.09 -20.10 47.97
CA GLU A 182 3.86 -20.30 49.39
C GLU A 182 4.81 -19.40 50.18
N ASN A 183 6.08 -19.39 49.78
CA ASN A 183 7.16 -18.77 50.54
C ASN A 183 7.05 -17.25 50.48
N GLU A 184 7.75 -16.56 51.39
CA GLU A 184 7.47 -15.15 51.60
C GLU A 184 8.04 -14.25 50.49
N PHE A 185 9.14 -14.67 49.86
CA PHE A 185 10.05 -13.76 49.19
C PHE A 185 10.27 -14.18 47.74
N GLY A 186 9.58 -15.23 47.33
CA GLY A 186 9.85 -15.87 46.05
C GLY A 186 9.55 -17.36 46.11
N TYR A 187 10.20 -18.16 45.26
CA TYR A 187 9.77 -19.52 45.03
C TYR A 187 10.87 -20.51 45.43
N GLU A 188 10.47 -21.52 46.21
CA GLU A 188 11.38 -22.62 46.52
C GLU A 188 11.32 -23.65 45.42
N GLY A 189 10.18 -23.74 44.72
CA GLY A 189 9.97 -24.79 43.73
C GLY A 189 9.62 -24.23 42.34
N ASP A 190 8.61 -24.84 41.69
CA ASP A 190 8.26 -24.50 40.32
C ASP A 190 7.46 -23.19 40.29
N VAL A 191 7.59 -22.45 39.19
CA VAL A 191 6.74 -21.29 38.93
C VAL A 191 5.68 -21.73 37.92
N ILE A 192 4.40 -21.55 38.24
CA ILE A 192 3.36 -21.96 37.30
C ILE A 192 2.65 -20.73 36.77
N LEU A 193 2.60 -20.57 35.43
CA LEU A 193 1.76 -19.54 34.84
C LEU A 193 0.52 -20.22 34.26
N LYS A 194 -0.65 -19.64 34.53
CA LYS A 194 -1.88 -20.14 33.94
C LYS A 194 -2.41 -19.06 33.01
N GLY A 195 -2.70 -19.45 31.76
CA GLY A 195 -3.10 -18.51 30.75
C GLY A 195 -4.27 -19.01 29.91
N ARG A 196 -4.87 -18.11 29.13
CA ARG A 196 -5.93 -18.49 28.21
C ARG A 196 -5.94 -17.51 27.04
N SER A 197 -6.17 -18.03 25.83
CA SER A 197 -6.48 -17.16 24.70
C SER A 197 -7.41 -17.90 23.72
N GLU A 198 -8.07 -17.14 22.81
CA GLU A 198 -8.87 -17.73 21.74
C GLU A 198 -8.01 -18.69 20.92
N ALA A 199 -6.79 -18.27 20.57
CA ALA A 199 -5.93 -19.06 19.71
C ALA A 199 -5.43 -20.33 20.43
N LEU A 200 -5.08 -20.23 21.72
CA LEU A 200 -4.41 -21.35 22.36
C LEU A 200 -5.35 -22.10 23.31
N GLY A 201 -6.57 -21.58 23.52
CA GLY A 201 -7.45 -22.10 24.56
C GLY A 201 -6.75 -21.96 25.92
N ASN A 202 -7.04 -22.86 26.87
CA ASN A 202 -6.39 -22.80 28.17
C ASN A 202 -5.03 -23.50 28.11
N TYR A 203 -4.09 -23.04 28.94
CA TYR A 203 -2.78 -23.67 28.93
C TYR A 203 -2.05 -23.36 30.21
N LYS A 204 -0.98 -24.11 30.47
CA LYS A 204 -0.13 -23.71 31.57
C LYS A 204 1.34 -23.81 31.16
N LEU A 205 2.15 -22.92 31.73
CA LEU A 205 3.56 -22.83 31.38
C LEU A 205 4.33 -22.86 32.70
N VAL A 206 5.16 -23.88 32.90
CA VAL A 206 5.87 -24.05 34.16
C VAL A 206 7.37 -23.80 33.95
N VAL A 207 7.99 -23.02 34.85
CA VAL A 207 9.45 -22.95 34.89
C VAL A 207 9.88 -23.70 36.15
N THR A 208 10.55 -24.84 35.93
CA THR A 208 10.86 -25.76 37.01
C THR A 208 11.92 -25.17 37.95
N LYS A 209 11.98 -25.74 39.15
CA LYS A 209 12.90 -25.28 40.17
C LYS A 209 14.31 -25.32 39.59
N GLY A 210 14.62 -26.45 38.95
CA GLY A 210 15.93 -26.68 38.36
C GLY A 210 16.94 -27.23 39.37
N LYS A 211 18.15 -27.46 38.88
CA LYS A 211 19.27 -27.96 39.67
C LYS A 211 20.43 -26.95 39.61
N GLY A 212 21.08 -26.75 40.77
CA GLY A 212 22.31 -25.98 40.86
C GLY A 212 22.30 -25.13 42.15
N VAL A 213 23.47 -24.66 42.55
CA VAL A 213 23.58 -23.90 43.80
C VAL A 213 22.90 -22.54 43.64
N ILE A 214 22.03 -22.17 44.58
CA ILE A 214 21.49 -20.82 44.65
C ILE A 214 22.28 -20.05 45.71
N PRO A 215 22.95 -18.94 45.38
CA PRO A 215 23.75 -18.22 46.39
C PRO A 215 22.82 -17.64 47.46
N GLN A 216 23.36 -17.45 48.68
CA GLN A 216 22.51 -16.96 49.75
C GLN A 216 23.20 -15.74 50.37
N SER A 217 22.46 -14.67 50.64
CA SER A 217 23.07 -13.47 51.18
C SER A 217 22.82 -13.39 52.68
N ASP A 218 23.85 -13.02 53.43
CA ASP A 218 23.71 -12.86 54.86
C ASP A 218 23.47 -11.38 55.18
N HIS A 219 23.31 -10.55 54.14
CA HIS A 219 23.05 -9.13 54.32
C HIS A 219 21.71 -8.88 55.01
N ASP A 220 21.64 -7.76 55.72
CA ASP A 220 20.43 -7.20 56.32
C ASP A 220 19.27 -7.11 55.31
N LEU A 221 19.57 -6.79 54.04
CA LEU A 221 18.56 -6.72 52.98
C LEU A 221 17.73 -8.01 52.88
N SER A 222 18.33 -9.16 53.21
CA SER A 222 17.65 -10.45 53.11
C SER A 222 16.39 -10.50 53.99
N ARG A 223 16.35 -9.68 55.05
CA ARG A 223 15.16 -9.60 55.90
C ARG A 223 13.95 -9.11 55.10
N LEU A 224 14.18 -8.33 54.02
CA LEU A 224 13.11 -7.72 53.24
C LEU A 224 13.06 -8.32 51.84
N ARG A 225 14.18 -8.88 51.36
CA ARG A 225 14.14 -9.41 50.01
C ARG A 225 14.32 -10.92 49.99
N GLY A 226 14.47 -11.52 51.18
CA GLY A 226 14.84 -12.93 51.23
C GLY A 226 16.34 -13.15 50.96
N PRO A 227 16.90 -14.31 51.33
CA PRO A 227 18.35 -14.54 51.21
C PRO A 227 18.80 -14.89 49.79
N GLY A 228 17.84 -15.15 48.90
CA GLY A 228 18.16 -15.53 47.53
C GLY A 228 17.26 -16.68 47.09
N GLN A 229 16.49 -16.49 46.01
CA GLN A 229 15.52 -17.49 45.59
C GLN A 229 14.99 -17.10 44.21
N THR A 230 14.29 -18.03 43.53
CA THR A 230 13.62 -17.66 42.29
C THR A 230 12.58 -16.56 42.57
N VAL A 231 12.44 -15.59 41.65
CA VAL A 231 11.45 -14.54 41.83
C VAL A 231 10.69 -14.35 40.51
N VAL A 232 9.51 -13.75 40.60
CA VAL A 232 8.66 -13.48 39.44
C VAL A 232 8.08 -12.07 39.56
N GLN A 233 8.15 -11.29 38.47
CA GLN A 233 7.41 -10.05 38.37
C GLN A 233 6.43 -10.14 37.21
N SER A 234 5.17 -9.80 37.49
CA SER A 234 4.08 -9.81 36.54
C SER A 234 3.64 -8.37 36.31
N LEU A 235 3.69 -7.92 35.05
CA LEU A 235 3.63 -6.51 34.69
C LEU A 235 2.66 -6.40 33.53
N THR A 236 2.25 -5.17 33.20
CA THR A 236 1.55 -4.93 31.95
CA THR A 236 1.57 -4.95 31.93
C THR A 236 2.10 -3.69 31.24
N TYR A 237 2.25 -3.81 29.92
CA TYR A 237 2.60 -2.69 29.06
C TYR A 237 1.70 -2.77 27.85
N PRO A 238 1.50 -1.68 27.07
CA PRO A 238 0.70 -1.80 25.85
C PRO A 238 1.36 -2.87 24.97
N ASP A 239 0.52 -3.66 24.28
CA ASP A 239 0.89 -4.87 23.55
C ASP A 239 2.03 -4.62 22.57
N GLU A 240 2.07 -3.44 21.95
CA GLU A 240 2.95 -3.30 20.81
C GLU A 240 4.40 -3.16 21.28
N VAL A 241 4.64 -3.00 22.59
CA VAL A 241 6.02 -2.90 23.10
C VAL A 241 6.52 -4.15 23.84
N LEU A 242 5.75 -5.25 23.91
CA LEU A 242 6.16 -6.37 24.75
C LEU A 242 7.43 -7.05 24.25
N TRP A 243 7.74 -6.92 22.95
CA TRP A 243 8.94 -7.52 22.37
C TRP A 243 10.21 -6.90 22.97
N GLN A 244 10.09 -5.72 23.57
CA GLN A 244 11.28 -5.01 24.05
C GLN A 244 11.74 -5.55 25.40
N ALA A 245 12.14 -6.83 25.39
CA ALA A 245 12.36 -7.54 26.64
C ALA A 245 13.54 -6.97 27.43
N LYS A 246 14.61 -6.56 26.74
CA LYS A 246 15.78 -6.11 27.46
C LYS A 246 15.50 -4.79 28.22
N PRO A 247 14.97 -3.73 27.55
CA PRO A 247 14.61 -2.51 28.27
C PRO A 247 13.57 -2.74 29.38
N ILE A 248 12.62 -3.65 29.14
CA ILE A 248 11.58 -3.87 30.14
C ILE A 248 12.25 -4.49 31.38
N LEU A 249 13.18 -5.41 31.17
CA LEU A 249 13.85 -6.05 32.28
C LEU A 249 14.65 -5.00 33.04
N PHE A 250 15.47 -4.22 32.33
CA PHE A 250 16.34 -3.23 32.97
C PHE A 250 15.56 -2.14 33.72
N GLN A 251 14.38 -1.77 33.21
CA GLN A 251 13.59 -0.76 33.89
C GLN A 251 13.21 -1.32 35.26
N GLN A 252 12.93 -2.62 35.34
CA GLN A 252 12.60 -3.22 36.64
C GLN A 252 13.83 -3.31 37.55
N LEU A 253 14.99 -3.65 37.00
CA LEU A 253 16.22 -3.80 37.78
C LEU A 253 16.57 -2.42 38.35
N LYS A 254 16.43 -1.39 37.49
CA LYS A 254 16.70 -0.02 37.91
C LYS A 254 15.78 0.45 39.03
N ALA A 255 14.49 0.15 38.94
CA ALA A 255 13.56 0.47 40.03
C ALA A 255 13.95 -0.23 41.34
N GLY A 256 14.44 -1.49 41.28
CA GLY A 256 14.95 -2.20 42.45
C GLY A 256 16.13 -1.45 43.07
N ILE A 257 17.03 -0.96 42.22
CA ILE A 257 18.18 -0.23 42.71
C ILE A 257 17.76 1.11 43.33
N ASP A 258 16.82 1.81 42.68
CA ASP A 258 16.28 3.04 43.23
C ASP A 258 15.70 2.80 44.63
N TRP A 259 14.96 1.70 44.79
CA TRP A 259 14.45 1.33 46.09
C TRP A 259 15.58 1.18 47.12
N LEU A 260 16.67 0.46 46.77
CA LEU A 260 17.79 0.29 47.67
C LEU A 260 18.29 1.65 48.15
N VAL A 261 18.52 2.58 47.21
CA VAL A 261 19.12 3.87 47.52
C VAL A 261 18.19 4.61 48.49
N GLU A 262 16.88 4.52 48.20
CA GLU A 262 15.85 5.23 48.92
C GLU A 262 15.77 4.70 50.35
N ASN A 263 16.16 3.44 50.55
CA ASN A 263 15.94 2.77 51.81
C ASN A 263 17.26 2.57 52.53
N LYS A 264 18.28 3.34 52.16
CA LYS A 264 19.50 3.47 52.96
C LYS A 264 20.42 2.27 52.80
N TYR A 265 20.24 1.46 51.75
CA TYR A 265 21.28 0.51 51.36
C TYR A 265 22.34 1.22 50.52
N ASP A 266 23.56 1.36 51.05
CA ASP A 266 24.54 2.27 50.46
C ASP A 266 25.94 1.66 50.45
N VAL A 267 26.93 2.47 50.02
CA VAL A 267 28.26 1.96 49.74
C VAL A 267 29.02 1.69 51.04
N ALA A 268 28.49 2.16 52.17
CA ALA A 268 29.16 1.86 53.44
C ALA A 268 29.01 0.38 53.77
N ASP A 269 27.94 -0.27 53.26
CA ASP A 269 27.67 -1.67 53.54
C ASP A 269 26.72 -2.21 52.47
N PRO A 270 27.18 -2.41 51.22
CA PRO A 270 26.27 -2.72 50.12
C PRO A 270 25.94 -4.21 50.14
N PRO A 271 24.74 -4.60 49.68
CA PRO A 271 24.42 -6.01 49.44
C PRO A 271 25.34 -6.53 48.35
N PRO A 272 25.56 -7.86 48.23
CA PRO A 272 26.30 -8.39 47.08
C PRO A 272 25.64 -8.01 45.75
N PRO A 273 26.44 -7.90 44.65
CA PRO A 273 25.92 -7.47 43.35
C PRO A 273 24.75 -8.35 42.92
N TRP A 274 24.87 -9.67 43.07
CA TRP A 274 23.82 -10.55 42.59
C TRP A 274 22.51 -10.34 43.37
N GLN A 275 22.61 -9.80 44.59
CA GLN A 275 21.40 -9.55 45.32
C GLN A 275 20.82 -8.18 44.94
N VAL A 276 21.69 -7.21 44.64
CA VAL A 276 21.28 -5.88 44.16
C VAL A 276 20.49 -6.07 42.86
N TYR A 277 20.86 -7.10 42.08
CA TYR A 277 20.25 -7.33 40.76
C TYR A 277 19.17 -8.42 40.75
N LEU A 278 18.74 -8.86 41.94
CA LEU A 278 17.62 -9.77 42.06
C LEU A 278 16.36 -8.96 42.32
N LEU A 279 15.39 -9.13 41.43
CA LEU A 279 14.14 -8.38 41.47
C LEU A 279 13.35 -8.80 42.72
N ALA A 280 12.64 -7.84 43.29
CA ALA A 280 11.66 -8.11 44.35
C ALA A 280 10.52 -8.95 43.77
N ASN A 281 10.13 -10.03 44.46
CA ASN A 281 9.12 -10.94 43.95
C ASN A 281 7.74 -10.23 43.92
N LYS A 282 7.02 -10.24 42.79
CA LYS A 282 5.65 -9.71 42.80
C LYS A 282 4.82 -10.37 41.69
N PRO A 283 4.46 -11.65 41.82
CA PRO A 283 3.66 -12.33 40.81
C PRO A 283 2.22 -11.84 40.85
N GLY A 284 1.54 -12.05 39.73
CA GLY A 284 0.15 -11.62 39.62
C GLY A 284 -0.30 -11.86 38.19
N SER A 285 -1.30 -11.07 37.76
CA SER A 285 -1.71 -11.17 36.38
C SER A 285 -1.05 -10.05 35.57
N GLY A 286 -0.85 -10.29 34.27
CA GLY A 286 -0.24 -9.30 33.41
C GLY A 286 -0.03 -9.86 32.01
N ASN A 287 0.47 -9.02 31.10
CA ASN A 287 0.85 -9.52 29.79
C ASN A 287 2.37 -9.71 29.67
N VAL A 288 3.12 -9.42 30.75
CA VAL A 288 4.55 -9.74 30.82
C VAL A 288 4.84 -10.43 32.15
N HIS A 289 5.62 -11.51 32.11
CA HIS A 289 6.07 -12.18 33.33
C HIS A 289 7.56 -12.42 33.20
N ILE A 290 8.30 -11.94 34.21
CA ILE A 290 9.73 -12.11 34.22
C ILE A 290 10.05 -13.11 35.32
N VAL A 291 10.63 -14.27 34.95
CA VAL A 291 11.02 -15.30 35.90
C VAL A 291 12.55 -15.28 36.01
N GLN A 292 13.08 -14.96 37.20
CA GLN A 292 14.51 -14.75 37.36
C GLN A 292 15.08 -15.76 38.36
N LYS A 293 16.26 -16.32 38.06
CA LYS A 293 17.01 -17.17 38.97
C LYS A 293 18.45 -16.71 38.94
N VAL A 294 19.15 -16.92 40.05
CA VAL A 294 20.57 -16.68 40.14
C VAL A 294 21.22 -18.01 40.55
N PHE A 295 22.28 -18.42 39.84
CA PHE A 295 22.90 -19.69 40.12
C PHE A 295 24.37 -19.46 40.44
N GLU A 296 24.96 -20.30 41.30
CA GLU A 296 26.40 -20.28 41.45
C GLU A 296 26.94 -21.60 40.90
N GLY A 297 27.88 -21.55 39.97
CA GLY A 297 28.34 -22.75 39.28
C GLY A 297 27.34 -23.21 38.21
N ASP A 298 27.35 -24.52 37.91
CA ASP A 298 26.57 -25.09 36.81
C ASP A 298 25.08 -25.10 37.16
N PHE A 299 24.22 -25.11 36.14
CA PHE A 299 22.78 -25.08 36.42
C PHE A 299 21.98 -25.74 35.30
N GLU A 300 20.71 -26.03 35.59
CA GLU A 300 19.77 -26.43 34.56
C GLU A 300 18.34 -26.21 35.06
N PHE A 301 17.39 -25.99 34.14
CA PHE A 301 15.97 -25.90 34.48
C PHE A 301 15.11 -26.21 33.25
N ASP A 302 13.84 -26.53 33.46
CA ASP A 302 13.00 -26.88 32.33
C ASP A 302 11.90 -25.85 32.15
N ILE A 303 11.37 -25.76 30.93
CA ILE A 303 10.15 -25.02 30.67
C ILE A 303 9.15 -26.02 30.10
N LEU A 304 7.98 -26.12 30.73
CA LEU A 304 6.97 -27.11 30.33
C LEU A 304 5.70 -26.37 29.90
N PHE A 305 5.36 -26.39 28.60
CA PHE A 305 4.12 -25.76 28.17
C PHE A 305 3.10 -26.88 27.92
N SER A 306 1.99 -26.84 28.66
CA SER A 306 0.96 -27.87 28.56
C SER A 306 -0.32 -27.27 28.00
N SER A 307 -0.74 -27.74 26.82
CA SER A 307 -2.02 -27.35 26.21
C SER A 307 -3.17 -28.05 26.94
N GLU A 308 -4.12 -27.30 27.51
CA GLU A 308 -5.12 -27.98 28.32
C GLU A 308 -5.98 -28.94 27.49
N SER A 309 -6.21 -28.60 26.21
CA SER A 309 -7.04 -29.42 25.35
C SER A 309 -6.39 -30.78 25.05
N ALA A 310 -5.17 -31.02 25.55
CA ALA A 310 -4.48 -32.28 25.26
C ALA A 310 -4.58 -33.27 26.43
N GLY A 311 -5.23 -32.89 27.52
CA GLY A 311 -5.30 -33.78 28.67
C GLY A 311 -4.07 -33.66 29.58
N LYS A 312 -3.38 -34.77 29.83
CA LYS A 312 -2.39 -34.83 30.89
C LYS A 312 -1.24 -33.87 30.57
N GLU A 313 -0.74 -33.18 31.60
CA GLU A 313 0.22 -32.12 31.44
C GLU A 313 1.61 -32.71 31.17
N VAL A 314 2.47 -31.91 30.55
CA VAL A 314 3.82 -32.32 30.19
C VAL A 314 4.67 -32.33 31.47
N THR A 315 5.52 -33.36 31.61
CA THR A 315 6.42 -33.43 32.75
C THR A 315 7.86 -33.39 32.23
N SER A 316 8.82 -33.25 33.15
CA SER A 316 10.24 -33.34 32.83
C SER A 316 10.60 -34.72 32.27
N LYS A 317 9.95 -35.77 32.78
CA LYS A 317 10.25 -37.10 32.28
C LYS A 317 9.83 -37.19 30.80
N ASP A 318 8.67 -36.62 30.45
CA ASP A 318 8.24 -36.53 29.06
C ASP A 318 9.30 -35.82 28.21
N LEU A 319 9.83 -34.69 28.73
CA LEU A 319 10.82 -33.91 27.99
C LEU A 319 11.99 -34.82 27.61
N GLU A 320 12.51 -35.55 28.60
CA GLU A 320 13.68 -36.36 28.41
C GLU A 320 13.40 -37.47 27.40
N ARG A 321 12.21 -38.09 27.48
CA ARG A 321 11.88 -39.15 26.54
C ARG A 321 11.76 -38.57 25.13
N GLU A 322 11.07 -37.43 24.99
CA GLU A 322 10.80 -36.91 23.66
C GLU A 322 12.11 -36.41 23.01
N VAL A 323 12.99 -35.81 23.81
CA VAL A 323 14.28 -35.38 23.31
C VAL A 323 15.06 -36.58 22.76
N LYS A 324 15.13 -37.68 23.52
CA LYS A 324 15.78 -38.90 23.06
C LYS A 324 15.18 -39.37 21.72
N GLN A 325 13.85 -39.39 21.64
CA GLN A 325 13.19 -39.90 20.44
C GLN A 325 13.45 -38.98 19.24
N ALA A 326 13.38 -37.66 19.41
CA ALA A 326 13.61 -36.78 18.28
C ALA A 326 14.99 -36.97 17.67
N THR A 327 16.02 -37.14 18.53
CA THR A 327 17.38 -37.36 18.05
C THR A 327 17.51 -38.62 17.21
N GLU A 328 16.84 -39.70 17.66
CA GLU A 328 16.90 -40.96 16.95
C GLU A 328 16.28 -40.79 15.56
N VAL A 329 15.13 -40.11 15.52
CA VAL A 329 14.41 -39.87 14.26
C VAL A 329 15.24 -38.96 13.34
N PHE A 330 15.91 -37.95 13.90
CA PHE A 330 16.71 -37.04 13.09
C PHE A 330 17.80 -37.83 12.37
N GLY A 331 18.52 -38.67 13.13
CA GLY A 331 19.61 -39.47 12.60
C GLY A 331 19.20 -40.34 11.41
N GLU A 332 18.05 -41.00 11.56
CA GLU A 332 17.52 -41.91 10.55
C GLU A 332 17.12 -41.14 9.29
N ARG A 333 16.42 -40.02 9.48
CA ARG A 333 16.01 -39.26 8.30
C ARG A 333 17.27 -38.75 7.58
N PHE A 334 18.24 -38.25 8.35
CA PHE A 334 19.42 -37.67 7.71
C PHE A 334 20.13 -38.69 6.81
N ALA A 335 20.28 -39.93 7.30
CA ALA A 335 21.06 -40.91 6.56
C ALA A 335 20.35 -41.31 5.27
N ARG A 336 19.01 -41.26 5.26
CA ARG A 336 18.23 -41.49 4.06
C ARG A 336 18.31 -40.31 3.10
N VAL A 337 18.00 -39.10 3.60
CA VAL A 337 17.80 -37.92 2.76
C VAL A 337 19.16 -37.36 2.29
N PHE A 338 20.13 -37.26 3.21
CA PHE A 338 21.44 -36.74 2.84
C PHE A 338 22.50 -37.84 2.96
N ASP A 339 22.46 -38.80 2.04
CA ASP A 339 23.42 -39.89 2.01
C ASP A 339 24.67 -39.39 1.29
N LEU A 340 25.69 -39.06 2.05
CA LEU A 340 26.83 -38.36 1.50
C LEU A 340 27.68 -39.32 0.66
N LYS A 341 28.10 -38.89 -0.52
CA LYS A 341 28.83 -39.75 -1.45
C LYS A 341 30.33 -39.46 -1.43
N ALA A 342 31.08 -40.42 -2.00
CA ALA A 342 32.53 -40.34 -2.05
C ALA A 342 32.91 -39.00 -2.66
N PRO A 343 33.99 -38.33 -2.18
CA PRO A 343 34.80 -38.80 -1.05
C PRO A 343 34.39 -38.27 0.32
N PHE A 344 33.10 -38.03 0.53
CA PHE A 344 32.61 -37.37 1.73
C PHE A 344 31.79 -38.32 2.60
N GLN A 345 32.10 -39.62 2.57
CA GLN A 345 31.26 -40.59 3.29
C GLN A 345 31.70 -40.67 4.75
N GLY A 346 32.88 -40.15 5.08
CA GLY A 346 33.39 -40.32 6.43
C GLY A 346 32.56 -39.63 7.51
N ASP A 347 32.82 -40.01 8.77
CA ASP A 347 32.08 -39.50 9.92
C ASP A 347 32.30 -38.00 10.11
N ASN A 348 33.48 -37.49 9.72
CA ASN A 348 33.79 -36.07 9.91
C ASN A 348 32.89 -35.22 9.00
N TYR A 349 32.63 -35.69 7.77
CA TYR A 349 31.80 -34.97 6.81
C TYR A 349 30.32 -35.11 7.13
N LYS A 350 29.94 -36.19 7.81
CA LYS A 350 28.56 -36.38 8.20
C LYS A 350 28.21 -35.39 9.30
N LYS A 351 29.13 -35.20 10.26
CA LYS A 351 28.92 -34.25 11.33
C LYS A 351 28.85 -32.84 10.75
N PHE A 352 29.78 -32.52 9.85
CA PHE A 352 29.77 -31.28 9.10
C PHE A 352 28.42 -31.10 8.41
N GLY A 353 27.93 -32.14 7.70
CA GLY A 353 26.67 -31.98 6.99
C GLY A 353 25.51 -31.72 7.95
N LYS A 354 25.47 -32.42 9.09
CA LYS A 354 24.40 -32.30 10.06
C LYS A 354 24.37 -30.89 10.64
N SER A 355 25.57 -30.31 10.84
CA SER A 355 25.66 -28.96 11.37
C SER A 355 25.14 -27.95 10.33
N MET A 356 25.67 -28.01 9.11
CA MET A 356 25.28 -27.06 8.08
C MET A 356 23.76 -27.16 7.87
N PHE A 357 23.24 -28.40 7.86
CA PHE A 357 21.82 -28.56 7.57
C PHE A 357 20.98 -28.08 8.75
N SER A 358 21.37 -28.46 9.97
CA SER A 358 20.58 -28.11 11.15
C SER A 358 20.51 -26.59 11.33
N ASN A 359 21.61 -25.90 11.02
CA ASN A 359 21.66 -24.45 11.16
C ASN A 359 20.75 -23.79 10.11
N LEU A 360 20.70 -24.38 8.93
CA LEU A 360 19.83 -23.83 7.89
C LEU A 360 18.36 -23.93 8.30
N ILE A 361 17.90 -25.15 8.61
CA ILE A 361 16.48 -25.36 8.83
C ILE A 361 16.14 -24.80 10.21
N GLY A 362 17.11 -24.81 11.11
CA GLY A 362 16.89 -24.21 12.42
C GLY A 362 16.75 -22.67 12.35
N GLY A 363 17.06 -22.06 11.22
CA GLY A 363 16.93 -20.61 11.12
C GLY A 363 15.49 -20.16 10.83
N ILE A 364 14.59 -21.11 10.65
CA ILE A 364 13.21 -20.77 10.30
C ILE A 364 12.62 -19.88 11.40
N GLY A 365 11.98 -18.78 10.98
CA GLY A 365 11.30 -17.89 11.89
C GLY A 365 9.85 -17.64 11.47
N TYR A 366 9.05 -17.14 12.42
CA TYR A 366 7.75 -16.57 12.12
C TYR A 366 7.80 -15.08 12.41
N PHE A 367 7.44 -14.29 11.41
CA PHE A 367 7.50 -12.84 11.50
C PHE A 367 6.12 -12.29 11.19
N TYR A 368 5.80 -11.18 11.87
CA TYR A 368 4.47 -10.58 11.82
C TYR A 368 4.57 -9.10 12.12
N GLY A 369 3.90 -8.28 11.29
CA GLY A 369 3.75 -6.86 11.58
C GLY A 369 3.68 -6.01 10.32
N HIS A 370 3.83 -4.70 10.46
CA HIS A 370 3.78 -3.85 9.27
C HIS A 370 5.16 -3.71 8.66
N SER A 371 5.21 -3.35 7.36
CA SER A 371 6.50 -3.10 6.71
C SER A 371 6.44 -1.72 6.06
N LEU A 372 7.62 -1.15 5.73
CA LEU A 372 7.72 0.21 5.24
C LEU A 372 7.85 0.22 3.71
N VAL A 373 6.91 0.88 3.01
CA VAL A 373 6.79 0.77 1.55
C VAL A 373 6.51 2.14 0.93
N ASP A 374 7.26 2.49 -0.12
CA ASP A 374 7.00 3.73 -0.85
C ASP A 374 5.96 3.39 -1.91
N ARG A 375 4.71 3.79 -1.69
CA ARG A 375 3.64 3.50 -2.65
C ARG A 375 3.38 4.74 -3.53
N SER A 376 4.34 5.66 -3.66
CA SER A 376 4.12 6.82 -4.51
C SER A 376 4.06 6.49 -6.00
N TYR A 377 4.72 5.42 -6.45
CA TYR A 377 4.95 5.12 -7.85
C TYR A 377 5.41 6.39 -8.59
N ALA A 378 6.37 7.11 -8.00
CA ALA A 378 6.84 8.33 -8.63
C ALA A 378 7.27 7.98 -10.05
N PRO A 379 7.07 8.88 -11.03
CA PRO A 379 7.49 8.58 -12.40
C PRO A 379 9.01 8.43 -12.56
N GLU A 380 9.78 9.11 -11.70
CA GLU A 380 11.22 8.98 -11.67
C GLU A 380 11.64 7.51 -11.52
N TYR A 381 10.77 6.66 -10.95
CA TYR A 381 11.13 5.26 -10.73
C TYR A 381 11.05 4.45 -12.02
N ASP A 382 10.50 5.05 -13.10
CA ASP A 382 10.46 4.36 -14.38
C ASP A 382 11.86 4.26 -15.00
N GLU A 383 12.75 5.19 -14.60
CA GLU A 383 14.12 5.17 -15.07
C GLU A 383 14.17 5.21 -16.61
N GLU A 384 13.45 6.15 -17.25
CA GLU A 384 13.38 6.09 -18.71
C GLU A 384 14.40 7.03 -19.35
N ASN A 385 15.08 7.85 -18.53
CA ASN A 385 16.00 8.83 -19.08
C ASN A 385 17.45 8.49 -18.68
N GLU A 386 18.41 9.04 -19.45
CA GLU A 386 19.80 9.06 -19.04
C GLU A 386 19.91 9.79 -17.70
N GLY A 387 20.78 9.28 -16.82
CA GLY A 387 21.01 9.90 -15.53
C GLY A 387 19.87 9.62 -14.54
N PHE A 388 19.11 8.54 -14.80
CA PHE A 388 17.89 8.23 -14.06
C PHE A 388 18.14 8.08 -12.57
N TRP A 389 19.37 7.73 -12.16
CA TRP A 389 19.60 7.41 -10.77
C TRP A 389 19.52 8.68 -9.92
N GLU A 390 19.78 9.84 -10.54
CA GLU A 390 19.63 11.10 -9.83
C GLU A 390 18.16 11.44 -9.64
N ASP A 391 17.34 11.22 -10.67
CA ASP A 391 15.92 11.49 -10.54
C ASP A 391 15.32 10.57 -9.48
N ALA A 392 15.67 9.29 -9.50
CA ALA A 392 15.09 8.35 -8.54
C ALA A 392 15.51 8.68 -7.12
N ALA A 393 16.75 9.17 -6.92
CA ALA A 393 17.20 9.65 -5.63
C ALA A 393 16.33 10.80 -5.17
N GLU A 394 16.01 11.72 -6.10
CA GLU A 394 15.17 12.86 -5.79
C GLU A 394 13.79 12.40 -5.30
N ALA A 395 13.17 11.44 -6.00
CA ALA A 395 11.89 10.90 -5.59
C ALA A 395 11.98 10.26 -4.21
N ARG A 396 13.05 9.47 -3.96
CA ARG A 396 13.20 8.84 -2.66
C ARG A 396 13.30 9.90 -1.57
N ALA A 397 13.85 11.07 -1.90
CA ALA A 397 14.00 12.11 -0.89
C ALA A 397 12.68 12.82 -0.60
N ARG A 398 11.61 12.52 -1.35
CA ARG A 398 10.28 13.02 -1.01
C ARG A 398 9.74 12.29 0.24
N HIS A 399 10.36 11.15 0.63
CA HIS A 399 9.97 10.29 1.74
C HIS A 399 8.46 10.09 1.85
N GLN A 400 7.85 9.52 0.81
CA GLN A 400 6.43 9.23 0.83
C GLN A 400 6.13 7.87 1.45
N GLU A 401 7.16 7.08 1.79
CA GLU A 401 6.90 5.73 2.29
C GLU A 401 6.06 5.81 3.57
N ALA A 402 5.24 4.79 3.80
CA ALA A 402 4.49 4.63 5.03
C ALA A 402 4.37 3.14 5.38
N LEU A 403 4.09 2.86 6.67
CA LEU A 403 3.84 1.50 7.14
C LEU A 403 2.51 1.00 6.57
N GLU A 404 2.51 -0.28 6.22
CA GLU A 404 1.35 -0.96 5.69
C GLU A 404 1.39 -2.41 6.15
N GLY A 405 0.23 -3.07 6.09
CA GLY A 405 0.10 -4.44 6.57
C GLY A 405 -1.09 -4.58 7.50
N PRO A 406 -1.09 -5.46 8.52
CA PRO A 406 0.09 -6.26 8.88
C PRO A 406 0.28 -7.41 7.91
N TYR A 407 1.52 -7.88 7.82
CA TYR A 407 1.82 -9.09 7.06
C TYR A 407 2.40 -10.16 7.98
N GLU A 408 2.34 -11.42 7.56
CA GLU A 408 3.08 -12.45 8.27
C GLU A 408 3.99 -13.19 7.29
N LEU A 409 5.07 -13.76 7.82
CA LEU A 409 5.92 -14.59 6.99
C LEU A 409 6.56 -15.69 7.83
N PHE A 410 6.54 -16.88 7.24
CA PHE A 410 7.18 -18.07 7.77
C PHE A 410 8.27 -18.47 6.76
N THR A 411 9.55 -18.36 7.16
CA THR A 411 10.64 -18.43 6.21
C THR A 411 11.95 -18.76 6.94
N SER A 412 12.89 -19.36 6.22
CA SER A 412 14.26 -19.46 6.71
C SER A 412 14.98 -18.15 6.39
N ILE A 413 16.18 -17.96 6.95
CA ILE A 413 16.83 -16.66 6.87
C ILE A 413 18.30 -16.83 6.49
N PRO A 414 19.00 -15.80 5.99
CA PRO A 414 20.42 -15.96 5.69
C PRO A 414 21.31 -16.03 6.92
N SER A 415 20.96 -15.29 7.98
CA SER A 415 21.90 -15.13 9.08
C SER A 415 21.19 -14.71 10.37
N ARG A 416 21.36 -15.49 11.44
CA ARG A 416 20.80 -15.09 12.72
C ARG A 416 21.40 -13.78 13.23
N PRO A 417 22.73 -13.62 13.35
CA PRO A 417 23.29 -12.41 13.95
C PRO A 417 23.21 -11.16 13.07
N PHE A 418 23.18 -11.34 11.73
CA PHE A 418 23.32 -10.21 10.84
C PHE A 418 22.07 -9.95 9.99
N PHE A 419 21.40 -10.98 9.48
CA PHE A 419 20.31 -10.79 8.52
C PHE A 419 19.11 -11.65 8.88
N PRO A 420 18.49 -11.47 10.08
CA PRO A 420 17.51 -12.44 10.54
C PRO A 420 16.11 -12.14 10.00
N ARG A 421 15.93 -12.23 8.69
CA ARG A 421 14.62 -11.95 8.09
C ARG A 421 14.58 -12.54 6.67
N GLY A 422 13.41 -12.48 6.03
CA GLY A 422 13.23 -13.13 4.73
C GLY A 422 13.89 -12.31 3.62
N PHE A 423 14.70 -12.98 2.78
CA PHE A 423 15.23 -12.38 1.56
C PHE A 423 14.80 -13.26 0.38
N LEU A 424 14.21 -12.62 -0.63
CA LEU A 424 13.45 -13.32 -1.68
C LEU A 424 14.30 -14.32 -2.46
N TRP A 425 15.40 -13.90 -3.12
CA TRP A 425 16.14 -14.90 -3.89
C TRP A 425 16.94 -15.86 -3.01
N ASP A 426 17.43 -15.39 -1.84
CA ASP A 426 18.07 -16.33 -0.92
C ASP A 426 17.14 -17.52 -0.64
N GLU A 427 15.83 -17.27 -0.49
CA GLU A 427 14.95 -18.33 0.00
C GLU A 427 14.85 -19.47 -1.00
N GLY A 428 14.94 -19.18 -2.31
CA GLY A 428 14.93 -20.29 -3.26
C GLY A 428 16.10 -21.25 -3.03
N PHE A 429 17.26 -20.73 -2.64
CA PHE A 429 18.39 -21.60 -2.35
C PHE A 429 18.17 -22.29 -1.01
N HIS A 430 17.66 -21.58 0.01
CA HIS A 430 17.50 -22.21 1.32
C HIS A 430 16.64 -23.45 1.18
N LEU A 431 15.60 -23.34 0.34
CA LEU A 431 14.57 -24.37 0.32
C LEU A 431 15.01 -25.60 -0.47
N LEU A 432 16.16 -25.56 -1.16
CA LEU A 432 16.49 -26.77 -1.91
C LEU A 432 16.87 -27.91 -0.97
N PRO A 433 17.74 -27.73 0.05
CA PRO A 433 17.93 -28.81 1.02
C PRO A 433 16.69 -29.07 1.89
N ILE A 434 15.95 -28.01 2.21
CA ILE A 434 14.81 -28.15 3.10
C ILE A 434 13.72 -29.00 2.40
N ALA A 435 13.52 -28.81 1.09
CA ALA A 435 12.55 -29.60 0.33
C ALA A 435 12.93 -31.08 0.28
N ASP A 436 14.23 -31.37 0.28
CA ASP A 436 14.68 -32.75 0.37
C ASP A 436 14.20 -33.36 1.68
N TRP A 437 14.40 -32.62 2.77
CA TRP A 437 14.08 -33.08 4.10
C TRP A 437 12.57 -33.25 4.27
N ASP A 438 11.81 -32.25 3.82
CA ASP A 438 10.40 -32.15 4.17
C ASP A 438 9.72 -31.30 3.13
N ILE A 439 9.23 -31.92 2.03
CA ILE A 439 8.68 -31.15 0.93
C ILE A 439 7.47 -30.34 1.41
N ASP A 440 6.64 -30.91 2.29
CA ASP A 440 5.47 -30.19 2.79
C ASP A 440 5.88 -28.90 3.51
N LEU A 441 6.97 -28.95 4.29
CA LEU A 441 7.43 -27.73 4.92
C LEU A 441 7.85 -26.70 3.87
N ALA A 442 8.62 -27.13 2.86
CA ALA A 442 9.08 -26.18 1.86
C ALA A 442 7.89 -25.50 1.16
N LEU A 443 6.86 -26.29 0.85
CA LEU A 443 5.70 -25.75 0.13
C LEU A 443 4.93 -24.77 1.01
N GLU A 444 4.94 -25.04 2.32
CA GLU A 444 4.37 -24.13 3.29
C GLU A 444 5.09 -22.78 3.23
N ILE A 445 6.42 -22.82 3.13
CA ILE A 445 7.18 -21.57 3.08
C ILE A 445 6.99 -20.85 1.75
N ILE A 446 6.97 -21.60 0.66
CA ILE A 446 6.65 -20.97 -0.61
C ILE A 446 5.31 -20.25 -0.54
N LYS A 447 4.30 -20.94 0.02
CA LYS A 447 2.97 -20.36 0.08
C LYS A 447 2.96 -19.10 0.94
N SER A 448 3.72 -19.14 2.04
CA SER A 448 3.84 -17.95 2.86
C SER A 448 4.35 -16.78 2.03
N TRP A 449 5.42 -16.99 1.25
CA TRP A 449 6.03 -15.89 0.52
C TRP A 449 5.01 -15.36 -0.51
N TYR A 450 4.35 -16.28 -1.23
CA TYR A 450 3.46 -15.83 -2.30
C TYR A 450 2.24 -15.11 -1.74
N ASN A 451 1.89 -15.39 -0.48
CA ASN A 451 0.76 -14.70 0.14
C ASN A 451 1.08 -13.23 0.44
N LEU A 452 2.34 -12.81 0.25
CA LEU A 452 2.71 -11.41 0.40
C LEU A 452 2.47 -10.66 -0.92
N MET A 453 2.29 -11.37 -2.02
CA MET A 453 2.35 -10.67 -3.30
C MET A 453 1.18 -9.70 -3.44
N ASP A 454 1.44 -8.49 -3.97
CA ASP A 454 0.42 -7.44 -4.09
C ASP A 454 -0.38 -7.65 -5.36
N GLU A 455 -1.34 -6.75 -5.63
CA GLU A 455 -2.28 -6.95 -6.73
C GLU A 455 -1.55 -6.92 -8.08
N ASP A 456 -0.43 -6.19 -8.15
CA ASP A 456 0.37 -6.05 -9.38
C ASP A 456 1.28 -7.24 -9.68
N GLY A 457 1.64 -8.04 -8.65
CA GLY A 457 2.60 -9.11 -8.88
C GLY A 457 3.94 -8.91 -8.16
N TRP A 458 4.02 -7.94 -7.24
CA TRP A 458 5.27 -7.61 -6.56
C TRP A 458 5.32 -8.28 -5.18
N ILE A 459 6.50 -8.84 -4.85
CA ILE A 459 6.87 -9.23 -3.49
C ILE A 459 8.15 -8.47 -3.14
N ALA A 460 8.16 -7.73 -2.01
CA ALA A 460 9.35 -6.98 -1.62
C ALA A 460 10.54 -7.93 -1.45
N ARG A 461 11.74 -7.54 -1.90
CA ARG A 461 12.84 -8.51 -1.91
C ARG A 461 13.37 -8.75 -0.49
N GLU A 462 13.05 -7.84 0.46
CA GLU A 462 13.51 -7.97 1.85
C GLU A 462 12.29 -7.69 2.74
N GLN A 463 12.00 -8.61 3.66
CA GLN A 463 10.75 -8.61 4.41
C GLN A 463 11.05 -8.24 5.86
N ILE A 464 10.86 -6.97 6.20
CA ILE A 464 11.13 -6.50 7.56
C ILE A 464 9.77 -6.23 8.23
N LEU A 465 9.24 -7.24 8.93
CA LEU A 465 7.85 -7.22 9.40
C LEU A 465 7.81 -6.87 10.89
N GLY A 466 7.33 -5.67 11.23
CA GLY A 466 7.03 -5.28 12.60
C GLY A 466 8.23 -4.62 13.30
N ALA A 467 7.94 -3.99 14.45
CA ALA A 467 8.87 -3.16 15.18
C ALA A 467 10.12 -3.95 15.61
N GLU A 468 9.93 -5.20 16.05
CA GLU A 468 11.05 -6.03 16.46
C GLU A 468 12.03 -6.20 15.28
N ALA A 469 11.52 -6.52 14.10
CA ALA A 469 12.34 -6.66 12.89
C ALA A 469 13.01 -5.35 12.49
N ARG A 470 12.27 -4.22 12.54
CA ARG A 470 12.83 -2.94 12.16
C ARG A 470 13.96 -2.52 13.11
N SER A 471 13.99 -3.10 14.32
CA SER A 471 14.91 -2.64 15.37
C SER A 471 16.35 -2.94 14.96
N LYS A 472 16.53 -3.89 14.04
CA LYS A 472 17.85 -4.37 13.63
C LYS A 472 18.33 -3.65 12.36
N VAL A 473 17.52 -2.72 11.82
CA VAL A 473 17.77 -2.24 10.47
C VAL A 473 17.78 -0.71 10.48
N PRO A 474 18.82 -0.04 9.95
CA PRO A 474 18.82 1.42 9.95
C PRO A 474 17.66 1.92 9.10
N LYS A 475 17.10 3.06 9.51
CA LYS A 475 15.85 3.52 8.93
C LYS A 475 16.04 3.74 7.43
N GLU A 476 17.25 4.15 7.04
CA GLU A 476 17.54 4.47 5.64
C GLU A 476 17.47 3.20 4.79
N PHE A 477 17.39 2.02 5.40
CA PHE A 477 17.49 0.80 4.61
C PHE A 477 16.17 0.03 4.71
N GLN A 478 15.18 0.58 5.41
CA GLN A 478 13.97 -0.19 5.67
C GLN A 478 13.02 -0.16 4.46
N THR A 479 12.99 0.97 3.74
CA THR A 479 11.91 1.21 2.79
C THR A 479 11.97 0.22 1.63
N GLN A 480 10.84 -0.38 1.25
CA GLN A 480 10.80 -1.25 0.07
C GLN A 480 10.13 -0.51 -1.10
N TYR A 481 10.54 -0.87 -2.33
CA TYR A 481 10.16 -0.17 -3.56
C TYR A 481 9.48 -1.13 -4.54
N PRO A 482 8.21 -0.88 -4.94
CA PRO A 482 7.46 -1.81 -5.80
C PRO A 482 8.00 -2.03 -7.21
N HIS A 483 9.01 -1.25 -7.62
CA HIS A 483 9.66 -1.47 -8.91
C HIS A 483 10.94 -2.32 -8.78
N TYR A 484 11.33 -2.71 -7.55
CA TYR A 484 12.55 -3.49 -7.36
C TYR A 484 12.25 -4.97 -7.34
N ALA A 485 12.87 -5.72 -8.26
CA ALA A 485 12.73 -7.17 -8.34
C ALA A 485 13.88 -7.84 -7.57
N ASN A 486 13.93 -9.17 -7.64
CA ASN A 486 15.02 -10.00 -7.11
C ASN A 486 14.91 -11.30 -7.90
N PRO A 487 15.97 -12.11 -8.07
CA PRO A 487 15.84 -13.32 -8.85
C PRO A 487 14.73 -14.24 -8.34
N PRO A 488 13.93 -14.84 -9.25
CA PRO A 488 12.83 -15.72 -8.87
C PRO A 488 13.29 -17.14 -8.58
N THR A 489 14.24 -17.31 -7.64
CA THR A 489 14.80 -18.62 -7.34
C THR A 489 13.81 -19.59 -6.73
N LEU A 490 12.71 -19.08 -6.17
CA LEU A 490 11.71 -19.98 -5.62
C LEU A 490 11.13 -20.88 -6.72
N PHE A 491 11.24 -20.46 -7.98
CA PHE A 491 10.84 -21.33 -9.09
C PHE A 491 11.68 -22.62 -9.16
N LEU A 492 12.98 -22.55 -8.81
CA LEU A 492 13.86 -23.73 -8.78
C LEU A 492 13.30 -24.82 -7.86
N VAL A 493 12.79 -24.41 -6.71
CA VAL A 493 12.25 -25.35 -5.72
C VAL A 493 10.99 -25.99 -6.29
N LEU A 494 10.13 -25.16 -6.90
CA LEU A 494 8.93 -25.65 -7.55
C LEU A 494 9.27 -26.68 -8.63
N ASP A 495 10.36 -26.45 -9.39
CA ASP A 495 10.82 -27.39 -10.40
C ASP A 495 11.10 -28.76 -9.80
N ASN A 496 11.82 -28.79 -8.66
CA ASN A 496 12.12 -30.03 -7.97
C ASN A 496 10.82 -30.69 -7.51
N PHE A 497 9.89 -29.89 -6.97
CA PHE A 497 8.63 -30.45 -6.53
C PHE A 497 7.90 -31.11 -7.72
N VAL A 498 7.89 -30.42 -8.86
CA VAL A 498 7.14 -30.91 -10.02
C VAL A 498 7.72 -32.24 -10.48
N GLU A 499 9.05 -32.35 -10.54
CA GLU A 499 9.74 -33.58 -10.90
C GLU A 499 9.40 -34.72 -9.94
N ARG A 500 9.38 -34.45 -8.63
CA ARG A 500 8.96 -35.48 -7.68
C ARG A 500 7.49 -35.85 -7.89
N LEU A 501 6.63 -34.85 -8.11
CA LEU A 501 5.21 -35.09 -8.28
C LEU A 501 5.00 -36.06 -9.44
N ARG A 502 5.70 -35.82 -10.57
CA ARG A 502 5.57 -36.62 -11.78
C ARG A 502 6.16 -38.01 -11.54
N LYS A 503 7.40 -38.08 -11.06
CA LYS A 503 8.04 -39.35 -10.74
C LYS A 503 7.59 -39.81 -9.35
N LEU A 517 3.47 -40.27 11.92
CA LEU A 517 2.56 -39.28 11.29
C LEU A 517 3.31 -38.04 10.78
N ASP A 518 4.37 -37.63 11.50
CA ASP A 518 5.18 -36.49 11.09
C ASP A 518 5.91 -36.84 9.80
N GLU A 519 6.36 -38.10 9.73
CA GLU A 519 7.02 -38.63 8.55
C GLU A 519 6.04 -38.61 7.36
N THR A 520 4.77 -38.98 7.63
CA THR A 520 3.74 -39.02 6.59
C THR A 520 3.45 -37.61 6.08
N LEU A 521 3.31 -36.65 7.01
CA LEU A 521 2.97 -35.29 6.64
C LEU A 521 4.07 -34.69 5.79
N SER A 522 5.32 -35.08 6.09
CA SER A 522 6.49 -34.47 5.47
C SER A 522 6.45 -34.66 3.96
N THR A 523 5.79 -35.73 3.47
CA THR A 523 5.76 -35.96 2.03
C THR A 523 4.34 -36.09 1.47
N ALA A 524 3.33 -35.66 2.24
CA ALA A 524 1.94 -35.86 1.87
C ALA A 524 1.62 -35.24 0.50
N SER A 525 2.26 -34.13 0.17
CA SER A 525 1.90 -33.36 -1.01
C SER A 525 2.44 -34.00 -2.27
N VAL A 526 3.41 -34.92 -2.12
CA VAL A 526 3.88 -35.69 -3.27
C VAL A 526 3.26 -37.09 -3.28
N ASP A 527 3.02 -37.68 -2.10
CA ASP A 527 2.50 -39.04 -2.03
C ASP A 527 1.03 -39.07 -2.43
N ASN A 528 0.34 -37.93 -2.32
CA ASN A 528 -1.05 -37.79 -2.74
C ASN A 528 -1.12 -36.85 -3.94
N PRO A 529 -1.13 -37.38 -5.18
CA PRO A 529 -0.90 -36.57 -6.37
C PRO A 529 -1.90 -35.43 -6.50
N GLU A 530 -3.16 -35.68 -6.08
CA GLU A 530 -4.22 -34.69 -6.17
C GLU A 530 -4.03 -33.61 -5.11
N VAL A 531 -3.33 -33.93 -4.02
CA VAL A 531 -2.98 -32.89 -3.06
C VAL A 531 -1.96 -31.94 -3.69
N GLY A 532 -0.86 -32.49 -4.22
CA GLY A 532 0.18 -31.67 -4.80
C GLY A 532 -0.40 -30.79 -5.91
N LEU A 533 -1.42 -31.33 -6.57
CA LEU A 533 -1.83 -30.63 -7.75
C LEU A 533 -2.85 -29.56 -7.41
N GLU A 534 -3.67 -29.81 -6.39
CA GLU A 534 -4.47 -28.71 -5.87
C GLU A 534 -3.55 -27.59 -5.39
N TYR A 535 -2.38 -27.96 -4.84
CA TYR A 535 -1.46 -26.93 -4.39
C TYR A 535 -1.04 -26.09 -5.59
N LEU A 536 -0.64 -26.76 -6.67
CA LEU A 536 -0.18 -26.02 -7.84
C LEU A 536 -1.32 -25.17 -8.43
N ARG A 537 -2.55 -25.70 -8.42
CA ARG A 537 -3.70 -25.00 -8.95
C ARG A 537 -3.89 -23.67 -8.22
N ARG A 538 -3.74 -23.68 -6.89
CA ARG A 538 -3.93 -22.43 -6.16
C ARG A 538 -2.76 -21.47 -6.40
N LEU A 539 -1.55 -22.00 -6.56
CA LEU A 539 -0.36 -21.15 -6.60
C LEU A 539 -0.16 -20.59 -8.02
N TYR A 540 -0.55 -21.36 -9.03
CA TYR A 540 -0.26 -21.07 -10.43
C TYR A 540 -0.61 -19.64 -10.85
N PRO A 541 -1.79 -19.11 -10.52
CA PRO A 541 -2.13 -17.75 -10.90
C PRO A 541 -1.19 -16.69 -10.32
N LEU A 542 -0.69 -16.94 -9.11
CA LEU A 542 0.24 -16.01 -8.50
C LEU A 542 1.58 -16.07 -9.24
N LEU A 543 1.99 -17.28 -9.63
CA LEU A 543 3.24 -17.44 -10.39
C LEU A 543 3.10 -16.67 -11.71
N ARG A 544 1.92 -16.80 -12.32
CA ARG A 544 1.68 -16.15 -13.60
C ARG A 544 1.68 -14.63 -13.41
N ARG A 545 1.10 -14.16 -12.30
CA ARG A 545 1.06 -12.74 -12.05
C ARG A 545 2.49 -12.19 -11.91
N GLN A 546 3.38 -12.96 -11.27
CA GLN A 546 4.73 -12.48 -11.03
C GLN A 546 5.50 -12.48 -12.35
N PHE A 547 5.21 -13.46 -13.22
CA PHE A 547 5.82 -13.52 -14.54
C PHE A 547 5.45 -12.29 -15.37
N ASP A 548 4.16 -11.97 -15.36
CA ASP A 548 3.61 -10.80 -16.05
C ASP A 548 4.24 -9.52 -15.49
N TRP A 549 4.46 -9.51 -14.17
CA TRP A 549 5.00 -8.34 -13.47
C TRP A 549 6.43 -8.04 -13.93
N PHE A 550 7.28 -9.09 -14.02
CA PHE A 550 8.66 -8.97 -14.53
C PHE A 550 8.63 -8.34 -15.92
N ARG A 551 7.73 -8.86 -16.77
CA ARG A 551 7.62 -8.40 -18.16
C ARG A 551 7.10 -6.98 -18.22
N LYS A 552 6.22 -6.60 -17.29
CA LYS A 552 5.70 -5.25 -17.29
C LYS A 552 6.73 -4.27 -16.71
N THR A 553 7.40 -4.63 -15.61
CA THR A 553 8.13 -3.61 -14.88
C THR A 553 9.64 -3.67 -15.16
N GLN A 554 10.13 -4.83 -15.65
CA GLN A 554 11.58 -4.98 -15.85
C GLN A 554 11.94 -5.10 -17.34
N ALA A 555 11.10 -4.52 -18.23
CA ALA A 555 11.28 -4.63 -19.66
C ALA A 555 12.46 -3.80 -20.10
N GLY A 556 13.25 -4.34 -21.04
CA GLY A 556 14.31 -3.59 -21.69
C GLY A 556 13.80 -3.01 -23.02
N ASP A 557 14.58 -2.14 -23.64
CA ASP A 557 14.16 -1.41 -24.83
C ASP A 557 14.91 -1.92 -26.06
N ILE A 558 14.18 -2.62 -26.95
CA ILE A 558 14.66 -3.05 -28.25
C ILE A 558 14.33 -2.01 -29.34
N LYS A 559 13.05 -1.58 -29.41
CA LYS A 559 12.52 -0.91 -30.60
C LYS A 559 13.05 0.51 -30.74
N SER A 560 13.45 1.14 -29.64
CA SER A 560 13.82 2.54 -29.73
C SER A 560 15.26 2.73 -30.25
N TYR A 561 16.02 1.65 -30.40
CA TYR A 561 17.40 1.79 -30.84
C TYR A 561 17.62 0.99 -32.12
N ASP A 562 18.83 1.07 -32.69
CA ASP A 562 19.20 0.19 -33.80
C ASP A 562 19.56 -1.19 -33.24
N ARG A 563 18.54 -1.95 -32.83
CA ARG A 563 18.74 -3.29 -32.28
C ARG A 563 18.02 -4.29 -33.17
N GLU A 564 18.79 -5.23 -33.72
CA GLU A 564 18.25 -6.29 -34.56
C GLU A 564 18.23 -7.56 -33.72
N ALA A 565 17.08 -8.20 -33.66
CA ALA A 565 16.97 -9.47 -32.95
C ALA A 565 15.77 -10.23 -33.48
N TYR A 566 15.75 -11.53 -33.20
CA TYR A 566 14.71 -12.43 -33.64
C TYR A 566 13.33 -12.00 -33.10
N SER A 567 13.26 -11.62 -31.83
CA SER A 567 12.02 -11.17 -31.22
C SER A 567 12.11 -9.69 -30.90
N THR A 568 11.01 -8.93 -31.06
CA THR A 568 11.09 -7.52 -30.72
C THR A 568 10.64 -7.28 -29.28
N LYS A 569 10.26 -8.35 -28.57
CA LYS A 569 9.65 -8.26 -27.25
C LYS A 569 10.63 -8.66 -26.12
N GLU A 570 11.47 -9.67 -26.33
CA GLU A 570 12.21 -10.27 -25.22
C GLU A 570 13.52 -9.53 -24.94
N ALA A 571 13.52 -8.64 -23.96
CA ALA A 571 14.68 -7.86 -23.52
C ALA A 571 14.42 -7.35 -22.11
N TYR A 572 15.41 -7.39 -21.21
CA TYR A 572 15.14 -7.15 -19.79
C TYR A 572 16.24 -6.30 -19.20
N ARG A 573 15.85 -5.42 -18.28
CA ARG A 573 16.73 -4.50 -17.58
C ARG A 573 16.27 -4.35 -16.14
N TRP A 574 17.16 -4.68 -15.18
CA TRP A 574 16.88 -4.60 -13.75
C TRP A 574 16.73 -3.12 -13.41
N ARG A 575 15.61 -2.78 -12.77
CA ARG A 575 15.46 -1.42 -12.27
C ARG A 575 16.22 -1.30 -10.96
N GLY A 576 16.59 -0.08 -10.59
CA GLY A 576 17.18 0.17 -9.27
C GLY A 576 18.71 0.26 -9.31
N ARG A 577 19.29 0.32 -10.51
CA ARG A 577 20.74 0.37 -10.47
C ARG A 577 21.26 1.77 -10.16
N THR A 578 22.41 1.84 -9.46
CA THR A 578 23.14 3.07 -9.23
C THR A 578 24.49 3.00 -9.96
N VAL A 579 25.31 4.05 -9.82
CA VAL A 579 26.53 4.12 -10.61
C VAL A 579 27.38 2.88 -10.34
N SER A 580 27.38 2.37 -9.09
CA SER A 580 28.34 1.31 -8.79
C SER A 580 27.69 -0.02 -8.38
N HIS A 581 26.35 -0.11 -8.46
CA HIS A 581 25.62 -1.23 -7.87
C HIS A 581 24.43 -1.62 -8.74
N CYS A 582 24.00 -2.88 -8.58
CA CYS A 582 22.72 -3.40 -9.02
C CYS A 582 22.18 -4.35 -7.95
N LEU A 583 21.65 -3.78 -6.86
CA LEU A 583 21.29 -4.59 -5.70
C LEU A 583 20.17 -5.58 -6.04
N THR A 584 19.28 -5.20 -6.97
CA THR A 584 18.10 -6.03 -7.20
C THR A 584 18.48 -7.34 -7.90
N SER A 585 19.59 -7.34 -8.65
CA SER A 585 20.06 -8.57 -9.29
C SER A 585 20.56 -9.58 -8.26
N GLY A 586 20.89 -9.12 -7.05
CA GLY A 586 21.44 -10.07 -6.08
C GLY A 586 22.97 -10.07 -6.07
N LEU A 587 23.58 -9.58 -7.17
CA LEU A 587 25.03 -9.52 -7.32
C LEU A 587 25.51 -8.08 -7.18
N ASP A 588 25.48 -7.63 -5.93
CA ASP A 588 25.48 -6.23 -5.54
C ASP A 588 26.39 -5.38 -6.44
N ASP A 589 27.71 -5.66 -6.42
CA ASP A 589 28.65 -4.75 -7.05
C ASP A 589 29.30 -5.41 -8.26
N TYR A 590 28.67 -6.48 -8.80
CA TYR A 590 29.22 -7.05 -10.03
C TYR A 590 29.25 -5.95 -11.08
N PRO A 591 30.36 -5.80 -11.84
CA PRO A 591 30.50 -4.68 -12.78
C PRO A 591 29.43 -4.76 -13.87
N ARG A 592 28.82 -3.63 -14.19
CA ARG A 592 27.76 -3.59 -15.20
C ARG A 592 28.13 -2.49 -16.20
N PRO A 593 27.37 -2.28 -17.29
CA PRO A 593 27.68 -1.15 -18.20
C PRO A 593 27.81 0.18 -17.46
N GLN A 594 28.80 0.98 -17.86
CA GLN A 594 29.02 2.28 -17.25
C GLN A 594 28.98 3.35 -18.33
N PRO A 595 28.18 4.44 -18.19
CA PRO A 595 27.32 4.65 -17.02
C PRO A 595 26.04 3.81 -17.15
N PRO A 596 25.22 3.71 -16.08
CA PRO A 596 23.94 3.02 -16.21
C PRO A 596 23.11 3.74 -17.28
N HIS A 597 22.15 3.05 -17.90
CA HIS A 597 21.56 3.65 -19.08
C HIS A 597 20.23 2.97 -19.32
N PRO A 598 19.19 3.72 -19.73
CA PRO A 598 17.86 3.14 -19.96
C PRO A 598 17.91 2.10 -21.07
N GLY A 599 18.99 2.13 -21.85
CA GLY A 599 19.20 1.15 -22.92
C GLY A 599 20.00 -0.09 -22.51
N GLU A 600 20.39 -0.21 -21.22
CA GLU A 600 20.98 -1.45 -20.72
C GLU A 600 20.05 -2.64 -20.96
N LEU A 601 20.68 -3.81 -21.20
CA LEU A 601 20.04 -5.12 -21.14
C LEU A 601 20.92 -6.05 -20.30
N HIS A 602 20.31 -6.80 -19.40
CA HIS A 602 21.03 -7.61 -18.43
C HIS A 602 20.82 -9.08 -18.75
N VAL A 603 21.90 -9.83 -18.99
CA VAL A 603 21.71 -11.20 -19.48
C VAL A 603 21.20 -12.11 -18.37
N ASP A 604 21.60 -11.83 -17.12
CA ASP A 604 21.12 -12.64 -16.01
C ASP A 604 19.60 -12.52 -15.90
N LEU A 605 19.06 -11.30 -15.96
CA LEU A 605 17.62 -11.15 -15.80
C LEU A 605 16.90 -11.92 -16.93
N MET A 606 17.38 -11.78 -18.18
CA MET A 606 16.72 -12.52 -19.24
C MET A 606 16.71 -14.02 -18.94
N SER A 607 17.84 -14.52 -18.43
CA SER A 607 17.95 -15.93 -18.04
C SER A 607 16.91 -16.29 -16.98
N TRP A 608 16.72 -15.43 -15.96
CA TRP A 608 15.73 -15.73 -14.93
C TRP A 608 14.32 -15.79 -15.55
N VAL A 609 14.03 -14.96 -16.56
CA VAL A 609 12.71 -14.99 -17.19
C VAL A 609 12.53 -16.36 -17.87
N GLY A 610 13.60 -16.86 -18.49
CA GLY A 610 13.64 -18.21 -19.07
C GLY A 610 13.36 -19.31 -18.05
N VAL A 611 13.97 -19.19 -16.86
CA VAL A 611 13.66 -20.13 -15.79
C VAL A 611 12.16 -20.16 -15.52
N MET A 612 11.55 -18.97 -15.41
CA MET A 612 10.16 -18.87 -15.00
C MET A 612 9.28 -19.46 -16.09
N VAL A 613 9.59 -19.15 -17.36
CA VAL A 613 8.72 -19.61 -18.42
C VAL A 613 8.76 -21.14 -18.50
N LYS A 614 9.93 -21.74 -18.25
CA LYS A 614 10.00 -23.19 -18.28
C LYS A 614 9.15 -23.79 -17.17
N SER A 615 9.17 -23.17 -15.98
CA SER A 615 8.39 -23.68 -14.87
C SER A 615 6.91 -23.61 -15.22
N LEU A 616 6.51 -22.48 -15.79
CA LEU A 616 5.12 -22.22 -16.09
C LEU A 616 4.62 -23.19 -17.16
N ILE A 617 5.50 -23.55 -18.12
CA ILE A 617 5.22 -24.60 -19.10
C ILE A 617 4.90 -25.91 -18.37
N SER A 618 5.77 -26.31 -17.43
CA SER A 618 5.60 -27.57 -16.71
C SER A 618 4.32 -27.57 -15.90
N ILE A 619 4.04 -26.46 -15.20
CA ILE A 619 2.95 -26.46 -14.24
C ILE A 619 1.63 -26.24 -15.00
N GLY A 620 1.65 -25.32 -15.96
CA GLY A 620 0.52 -25.13 -16.85
C GLY A 620 0.07 -26.44 -17.51
N SER A 621 1.04 -27.25 -17.96
CA SER A 621 0.71 -28.51 -18.61
C SER A 621 -0.08 -29.40 -17.68
N LEU A 622 0.39 -29.55 -16.43
CA LEU A 622 -0.28 -30.35 -15.41
C LEU A 622 -1.70 -29.83 -15.17
N LEU A 623 -1.93 -28.53 -15.34
CA LEU A 623 -3.24 -28.11 -14.93
C LEU A 623 -4.16 -28.05 -16.15
N GLY A 624 -3.62 -28.40 -17.32
CA GLY A 624 -4.33 -28.31 -18.59
C GLY A 624 -4.59 -26.89 -19.07
N ALA A 625 -3.65 -25.96 -18.81
CA ALA A 625 -3.79 -24.57 -19.26
C ALA A 625 -3.24 -24.41 -20.68
N THR A 626 -4.00 -24.90 -21.66
CA THR A 626 -3.50 -25.12 -23.01
C THR A 626 -3.06 -23.80 -23.63
N GLU A 627 -3.93 -22.78 -23.58
CA GLU A 627 -3.67 -21.47 -24.16
C GLU A 627 -2.41 -20.86 -23.54
N ASP A 628 -2.29 -20.99 -22.20
CA ASP A 628 -1.19 -20.43 -21.44
C ASP A 628 0.12 -21.02 -21.95
N VAL A 629 0.15 -22.36 -22.05
CA VAL A 629 1.31 -23.12 -22.47
C VAL A 629 1.75 -22.75 -23.89
N GLU A 630 0.79 -22.48 -24.79
CA GLU A 630 1.15 -22.04 -26.12
C GLU A 630 1.82 -20.66 -26.03
N PHE A 631 1.32 -19.80 -25.15
CA PHE A 631 1.93 -18.49 -25.00
C PHE A 631 3.37 -18.62 -24.46
N TYR A 632 3.54 -19.43 -23.42
CA TYR A 632 4.84 -19.63 -22.79
C TYR A 632 5.82 -20.25 -23.77
N THR A 633 5.37 -21.27 -24.50
CA THR A 633 6.19 -21.93 -25.52
C THR A 633 6.79 -20.90 -26.48
N LYS A 634 5.98 -19.93 -26.96
CA LYS A 634 6.48 -18.96 -27.92
C LYS A 634 7.49 -18.02 -27.26
N VAL A 635 7.22 -17.67 -25.99
CA VAL A 635 8.11 -16.80 -25.23
C VAL A 635 9.48 -17.44 -25.07
N LEU A 636 9.51 -18.74 -24.75
CA LEU A 636 10.75 -19.44 -24.48
C LEU A 636 11.61 -19.47 -25.75
N ASP A 637 10.97 -19.84 -26.87
CA ASP A 637 11.62 -19.83 -28.16
C ASP A 637 12.24 -18.45 -28.39
N ALA A 638 11.48 -17.42 -28.06
CA ALA A 638 11.93 -16.05 -28.30
C ALA A 638 13.16 -15.72 -27.43
N ILE A 639 13.14 -16.14 -26.17
CA ILE A 639 14.28 -15.86 -25.30
C ILE A 639 15.51 -16.64 -25.76
N GLU A 640 15.30 -17.91 -26.15
CA GLU A 640 16.42 -18.71 -26.63
C GLU A 640 17.12 -18.02 -27.80
N HIS A 641 16.36 -17.44 -28.73
CA HIS A 641 16.98 -16.74 -29.84
C HIS A 641 17.59 -15.41 -29.40
N ASN A 642 16.88 -14.63 -28.57
CA ASN A 642 17.37 -13.30 -28.26
C ASN A 642 18.57 -13.33 -27.31
N LEU A 643 18.73 -14.40 -26.52
CA LEU A 643 19.91 -14.48 -25.67
C LEU A 643 21.15 -14.40 -26.57
N ASP A 644 21.07 -15.10 -27.70
CA ASP A 644 22.12 -15.11 -28.72
C ASP A 644 22.24 -13.75 -29.39
N ASP A 645 21.12 -13.25 -29.95
CA ASP A 645 21.14 -12.03 -30.77
C ASP A 645 21.57 -10.83 -29.95
N LEU A 646 21.11 -10.71 -28.69
CA LEU A 646 21.42 -9.49 -27.97
C LEU A 646 22.58 -9.64 -26.97
N HIS A 647 22.97 -10.87 -26.62
CA HIS A 647 23.88 -11.04 -25.48
C HIS A 647 25.13 -11.86 -25.79
N TRP A 648 25.16 -12.64 -26.86
CA TRP A 648 26.31 -13.52 -27.09
C TRP A 648 27.47 -12.75 -27.71
N SER A 649 28.67 -12.86 -27.13
CA SER A 649 29.83 -12.26 -27.76
C SER A 649 30.70 -13.33 -28.39
N GLU A 650 30.80 -13.32 -29.72
CA GLU A 650 31.65 -14.27 -30.43
C GLU A 650 33.11 -13.98 -30.10
N LYS A 651 33.49 -12.69 -30.10
CA LYS A 651 34.87 -12.29 -29.84
C LYS A 651 35.32 -12.76 -28.46
N GLU A 652 34.44 -12.66 -27.44
CA GLU A 652 34.88 -12.97 -26.10
C GLU A 652 34.58 -14.43 -25.77
N GLY A 653 33.68 -15.07 -26.54
CA GLY A 653 33.30 -16.44 -26.22
C GLY A 653 32.49 -16.59 -24.92
N CYS A 654 31.56 -15.66 -24.67
N CYS A 654 31.57 -15.64 -24.66
CA CYS A 654 30.63 -15.80 -23.56
CA CYS A 654 30.66 -15.77 -23.53
C CYS A 654 29.49 -14.80 -23.73
C CYS A 654 29.51 -14.78 -23.72
N TYR A 655 28.52 -14.85 -22.81
CA TYR A 655 27.41 -13.90 -22.78
C TYR A 655 27.81 -12.63 -22.03
N CYS A 656 27.15 -11.53 -22.37
CA CYS A 656 27.50 -10.24 -21.81
C CYS A 656 26.19 -9.44 -21.65
N ASP A 657 26.16 -8.55 -20.64
CA ASP A 657 25.19 -7.47 -20.62
C ASP A 657 25.47 -6.60 -21.85
N ALA A 658 24.47 -5.79 -22.22
CA ALA A 658 24.56 -4.89 -23.35
C ALA A 658 24.17 -3.49 -22.88
N THR A 659 24.55 -2.47 -23.66
CA THR A 659 24.13 -1.11 -23.42
C THR A 659 23.92 -0.40 -24.77
N ILE A 660 23.77 0.91 -24.72
CA ILE A 660 23.69 1.75 -25.90
C ILE A 660 24.78 2.79 -25.77
N ASP A 661 25.60 2.92 -26.84
CA ASP A 661 26.77 3.77 -27.05
C ASP A 661 26.46 5.27 -26.93
N GLU A 662 27.53 6.08 -26.86
CA GLU A 662 27.43 7.53 -27.02
C GLU A 662 26.86 7.86 -28.40
N PHE A 663 26.95 6.91 -29.33
CA PHE A 663 26.48 7.10 -30.68
C PHE A 663 25.16 6.36 -30.90
N GLU A 664 24.45 6.05 -29.81
CA GLU A 664 23.15 5.39 -29.81
C GLU A 664 23.20 4.01 -30.48
N GLU A 665 24.36 3.35 -30.47
CA GLU A 665 24.41 1.99 -31.00
C GLU A 665 24.50 0.97 -29.85
N HIS A 666 23.95 -0.23 -30.09
CA HIS A 666 24.08 -1.40 -29.24
C HIS A 666 25.56 -1.78 -29.07
N LYS A 667 25.98 -2.01 -27.82
CA LYS A 667 27.35 -2.41 -27.54
C LYS A 667 27.30 -3.47 -26.44
N LEU A 668 28.07 -4.55 -26.62
CA LEU A 668 28.21 -5.57 -25.59
C LEU A 668 29.25 -5.08 -24.57
N VAL A 669 29.03 -5.35 -23.28
CA VAL A 669 29.97 -4.96 -22.24
C VAL A 669 30.35 -6.24 -21.49
N CYS A 670 31.53 -6.78 -21.78
CA CYS A 670 31.86 -8.12 -21.29
C CYS A 670 32.74 -8.04 -20.05
N HIS A 671 32.24 -8.64 -18.97
CA HIS A 671 33.01 -8.75 -17.74
C HIS A 671 32.91 -10.21 -17.32
N LYS A 672 33.95 -10.99 -17.65
CA LYS A 672 33.86 -12.44 -17.54
C LYS A 672 33.76 -12.81 -16.07
N GLY A 673 32.72 -13.56 -15.74
CA GLY A 673 32.44 -13.91 -14.36
C GLY A 673 31.09 -14.60 -14.32
N TYR A 674 30.42 -14.55 -13.17
CA TYR A 674 29.23 -15.36 -13.06
C TYR A 674 28.21 -14.93 -14.11
N ILE A 675 28.04 -13.62 -14.32
CA ILE A 675 27.03 -13.10 -15.24
C ILE A 675 27.20 -13.74 -16.63
N SER A 676 28.47 -13.90 -17.05
CA SER A 676 28.83 -14.44 -18.37
C SER A 676 28.29 -15.84 -18.57
N LEU A 677 28.06 -16.56 -17.47
CA LEU A 677 27.67 -17.95 -17.52
C LEU A 677 26.17 -18.13 -17.40
N PHE A 678 25.39 -17.04 -17.23
CA PHE A 678 24.03 -17.14 -16.73
C PHE A 678 23.16 -18.10 -17.53
N PRO A 679 23.16 -18.08 -18.89
CA PRO A 679 22.31 -19.02 -19.63
C PRO A 679 22.58 -20.51 -19.36
N PHE A 680 23.84 -20.83 -19.04
CA PHE A 680 24.25 -22.17 -18.63
C PHE A 680 23.79 -22.48 -17.20
N LEU A 681 24.06 -21.57 -16.26
CA LEU A 681 23.69 -21.75 -14.85
C LEU A 681 22.19 -22.02 -14.69
N THR A 682 21.37 -21.42 -15.56
CA THR A 682 19.93 -21.48 -15.35
C THR A 682 19.33 -22.60 -16.18
N GLY A 683 20.20 -23.32 -16.92
CA GLY A 683 19.79 -24.54 -17.60
C GLY A 683 19.07 -24.27 -18.92
N LEU A 684 19.46 -23.20 -19.62
CA LEU A 684 18.79 -22.79 -20.85
C LEU A 684 19.53 -23.29 -22.12
N LEU A 685 20.76 -23.81 -21.98
CA LEU A 685 21.53 -24.22 -23.16
C LEU A 685 21.36 -25.71 -23.43
N LYS A 686 21.31 -26.09 -24.72
CA LYS A 686 21.25 -27.48 -25.14
C LYS A 686 22.58 -28.19 -24.84
N PRO A 687 22.58 -29.52 -24.56
CA PRO A 687 23.81 -30.23 -24.19
C PRO A 687 24.90 -30.32 -25.27
N ASP A 688 24.58 -29.86 -26.50
CA ASP A 688 25.44 -30.02 -27.67
C ASP A 688 25.85 -28.66 -28.25
N SER A 689 25.34 -27.58 -27.66
CA SER A 689 25.56 -26.21 -28.04
C SER A 689 27.06 -25.90 -28.03
N PRO A 690 27.57 -25.35 -29.15
CA PRO A 690 28.93 -24.84 -29.18
C PRO A 690 29.19 -23.70 -28.20
N LYS A 691 28.14 -22.91 -27.92
CA LYS A 691 28.27 -21.83 -26.95
C LYS A 691 28.55 -22.45 -25.59
N LEU A 692 27.79 -23.49 -25.22
CA LEU A 692 28.06 -24.26 -24.01
C LEU A 692 29.55 -24.63 -23.92
N GLY A 693 30.07 -25.26 -24.98
CA GLY A 693 31.46 -25.71 -25.03
C GLY A 693 32.47 -24.59 -24.72
N LYS A 694 32.18 -23.38 -25.21
CA LYS A 694 33.05 -22.25 -24.94
C LYS A 694 32.93 -21.82 -23.48
N LEU A 695 31.71 -21.91 -22.93
CA LEU A 695 31.49 -21.57 -21.53
C LEU A 695 32.20 -22.58 -20.62
N LEU A 696 32.18 -23.87 -20.98
CA LEU A 696 32.93 -24.86 -20.20
C LEU A 696 34.43 -24.55 -20.18
N ALA A 697 34.95 -23.99 -21.27
CA ALA A 697 36.36 -23.63 -21.34
C ALA A 697 36.65 -22.49 -20.38
N LEU A 698 35.70 -21.54 -20.31
CA LEU A 698 35.84 -20.40 -19.44
C LEU A 698 35.76 -20.88 -17.99
N ILE A 699 34.80 -21.77 -17.73
CA ILE A 699 34.60 -22.28 -16.39
C ILE A 699 35.89 -22.94 -15.88
N GLY A 700 36.55 -23.75 -16.73
CA GLY A 700 37.68 -24.56 -16.32
C GLY A 700 39.03 -23.84 -16.34
N ASP A 701 39.05 -22.58 -16.79
CA ASP A 701 40.24 -21.79 -17.02
C ASP A 701 40.76 -21.16 -15.73
N GLU A 702 41.92 -21.63 -15.27
CA GLU A 702 42.50 -21.21 -14.01
C GLU A 702 42.89 -19.74 -14.11
N SER A 703 43.17 -19.25 -15.32
CA SER A 703 43.59 -17.86 -15.44
C SER A 703 42.37 -16.92 -15.43
N GLU A 704 41.15 -17.47 -15.53
CA GLU A 704 39.90 -16.70 -15.46
C GLU A 704 39.17 -16.95 -14.13
N LEU A 705 38.31 -17.98 -14.11
CA LEU A 705 37.33 -18.19 -13.06
C LEU A 705 37.75 -19.31 -12.11
N TRP A 706 38.51 -20.31 -12.60
CA TRP A 706 38.71 -21.52 -11.80
C TRP A 706 39.79 -21.29 -10.75
N SER A 707 39.43 -21.36 -9.46
CA SER A 707 40.42 -21.30 -8.41
C SER A 707 40.42 -22.66 -7.74
N PRO A 708 41.43 -22.97 -6.90
CA PRO A 708 41.46 -24.26 -6.18
C PRO A 708 40.28 -24.41 -5.21
N TYR A 709 39.52 -23.32 -5.01
CA TYR A 709 38.55 -23.25 -3.92
C TYR A 709 37.13 -23.08 -4.45
N GLY A 710 36.95 -23.09 -5.79
CA GLY A 710 35.65 -22.81 -6.40
C GLY A 710 35.77 -21.78 -7.53
N LEU A 711 34.63 -21.48 -8.20
CA LEU A 711 34.65 -20.46 -9.25
C LEU A 711 34.63 -19.06 -8.64
N ARG A 712 35.55 -18.21 -9.11
CA ARG A 712 35.58 -16.80 -8.75
C ARG A 712 34.36 -16.09 -9.34
N SER A 713 33.84 -15.10 -8.60
CA SER A 713 32.69 -14.34 -9.05
C SER A 713 33.04 -13.50 -10.29
N LEU A 714 34.29 -13.02 -10.35
CA LEU A 714 34.81 -12.22 -11.47
C LEU A 714 36.17 -12.78 -11.88
N SER A 715 36.53 -12.65 -13.17
CA SER A 715 37.81 -13.12 -13.72
C SER A 715 38.99 -12.32 -13.16
N LYS A 716 40.11 -13.00 -12.88
CA LYS A 716 41.36 -12.35 -12.51
C LYS A 716 41.79 -11.39 -13.61
N LYS A 717 41.31 -11.61 -14.84
CA LYS A 717 41.74 -10.83 -16.00
C LYS A 717 40.84 -9.62 -16.18
N ASP A 718 39.75 -9.49 -15.41
CA ASP A 718 38.85 -8.36 -15.58
C ASP A 718 39.47 -7.13 -14.95
N GLU A 719 39.23 -5.96 -15.55
CA GLU A 719 39.75 -4.71 -15.01
C GLU A 719 39.20 -4.41 -13.61
N PHE A 720 38.05 -4.98 -13.23
CA PHE A 720 37.50 -4.66 -11.91
C PHE A 720 37.76 -5.74 -10.86
N TYR A 721 38.59 -6.74 -11.18
CA TYR A 721 38.93 -7.80 -10.23
C TYR A 721 39.47 -7.20 -8.93
N GLY A 722 38.85 -7.54 -7.81
CA GLY A 722 39.40 -7.13 -6.52
C GLY A 722 39.41 -5.61 -6.29
N THR A 723 38.45 -4.87 -6.87
CA THR A 723 38.39 -3.43 -6.71
C THR A 723 37.22 -3.03 -5.79
N ALA A 724 37.25 -1.78 -5.29
CA ALA A 724 36.18 -1.19 -4.48
C ALA A 724 35.89 -2.12 -3.30
N GLU A 725 34.61 -2.49 -3.08
CA GLU A 725 34.26 -3.27 -1.91
C GLU A 725 34.49 -4.76 -2.17
N ASN A 726 34.66 -5.14 -3.43
CA ASN A 726 35.12 -6.48 -3.76
C ASN A 726 34.13 -7.53 -3.25
N TYR A 727 32.82 -7.25 -3.36
CA TYR A 727 31.83 -8.17 -2.83
C TYR A 727 31.58 -9.31 -3.82
N TRP A 728 31.29 -8.94 -5.07
CA TRP A 728 31.08 -9.92 -6.14
C TRP A 728 32.12 -9.72 -7.25
N ARG A 729 33.32 -9.27 -6.89
CA ARG A 729 34.35 -8.94 -7.86
C ARG A 729 35.59 -9.83 -7.71
N SER A 730 35.43 -11.02 -7.12
CA SER A 730 36.47 -12.04 -7.07
C SER A 730 36.07 -13.21 -6.18
N PRO A 731 35.37 -12.99 -5.05
CA PRO A 731 35.18 -14.08 -4.11
C PRO A 731 34.33 -15.24 -4.61
N VAL A 732 34.49 -16.38 -3.95
CA VAL A 732 33.72 -17.59 -4.28
C VAL A 732 32.43 -17.59 -3.47
N TRP A 733 31.30 -17.72 -4.18
CA TRP A 733 29.98 -17.75 -3.57
C TRP A 733 29.37 -19.12 -3.83
N ILE A 734 28.82 -19.72 -2.76
CA ILE A 734 28.37 -21.10 -2.80
C ILE A 734 27.11 -21.22 -3.66
N ASN A 735 26.24 -20.20 -3.66
CA ASN A 735 24.95 -20.36 -4.36
C ASN A 735 25.16 -20.53 -5.87
N ILE A 736 26.00 -19.68 -6.45
CA ILE A 736 26.26 -19.74 -7.89
C ILE A 736 27.13 -20.95 -8.23
N ASN A 737 28.13 -21.28 -7.40
CA ASN A 737 28.86 -22.54 -7.55
C ASN A 737 27.91 -23.75 -7.56
N TYR A 738 26.89 -23.71 -6.70
CA TYR A 738 25.91 -24.78 -6.63
C TYR A 738 25.18 -24.93 -7.96
N LEU A 739 24.73 -23.82 -8.54
CA LEU A 739 24.05 -23.87 -9.84
C LEU A 739 24.99 -24.46 -10.90
N ALA A 740 26.26 -24.04 -10.90
CA ALA A 740 27.26 -24.57 -11.82
C ALA A 740 27.42 -26.08 -11.64
N ILE A 741 27.57 -26.55 -10.39
CA ILE A 741 27.74 -27.96 -10.10
C ILE A 741 26.57 -28.77 -10.65
N VAL A 742 25.35 -28.28 -10.44
CA VAL A 742 24.17 -29.04 -10.81
C VAL A 742 24.10 -29.16 -12.35
N GLN A 743 24.46 -28.07 -13.03
CA GLN A 743 24.41 -28.06 -14.47
C GLN A 743 25.55 -28.89 -15.09
N LEU A 744 26.75 -28.84 -14.50
CA LEU A 744 27.83 -29.69 -14.95
C LEU A 744 27.39 -31.17 -14.85
N TYR A 745 26.73 -31.52 -13.74
CA TYR A 745 26.29 -32.87 -13.50
C TYR A 745 25.27 -33.31 -14.55
N ASN A 746 24.45 -32.35 -14.99
CA ASN A 746 23.40 -32.58 -15.97
C ASN A 746 24.04 -33.00 -17.30
N ILE A 747 25.07 -32.26 -17.72
CA ILE A 747 25.79 -32.56 -18.94
C ILE A 747 26.58 -33.86 -18.77
N ALA A 748 27.12 -34.09 -17.56
CA ALA A 748 27.96 -35.25 -17.29
C ALA A 748 27.18 -36.56 -17.43
N THR A 749 25.86 -36.53 -17.22
CA THR A 749 25.10 -37.78 -17.13
C THR A 749 24.13 -37.91 -18.30
N GLN A 750 24.56 -37.40 -19.46
CA GLN A 750 23.81 -37.42 -20.71
C GLN A 750 24.82 -37.63 -21.82
N ASP A 751 24.44 -38.36 -22.88
CA ASP A 751 25.26 -38.46 -24.10
C ASP A 751 25.45 -37.06 -24.69
N GLY A 752 26.67 -36.75 -25.13
CA GLY A 752 26.90 -35.55 -25.93
C GLY A 752 28.39 -35.22 -26.04
N PRO A 753 28.74 -34.18 -26.83
CA PRO A 753 30.14 -33.84 -27.02
C PRO A 753 30.94 -33.41 -25.78
N TYR A 754 30.26 -33.00 -24.70
CA TYR A 754 30.94 -32.39 -23.57
C TYR A 754 30.80 -33.23 -22.30
N LYS A 755 30.15 -34.39 -22.46
CA LYS A 755 29.94 -35.32 -21.35
C LYS A 755 31.19 -35.45 -20.48
N GLU A 756 32.33 -35.75 -21.09
CA GLU A 756 33.55 -36.09 -20.37
C GLU A 756 34.17 -34.84 -19.75
N THR A 757 34.16 -33.71 -20.48
CA THR A 757 34.66 -32.44 -19.97
C THR A 757 33.88 -32.09 -18.69
N ALA A 758 32.55 -32.26 -18.76
CA ALA A 758 31.64 -31.89 -17.70
C ALA A 758 31.82 -32.83 -16.51
N ARG A 759 32.01 -34.13 -16.77
CA ARG A 759 32.24 -35.07 -15.69
C ARG A 759 33.47 -34.62 -14.88
N ASP A 760 34.54 -34.21 -15.58
CA ASP A 760 35.80 -33.85 -14.94
C ASP A 760 35.62 -32.59 -14.10
N LEU A 761 34.98 -31.58 -14.68
CA LEU A 761 34.76 -30.30 -13.98
C LEU A 761 33.80 -30.50 -12.81
N TYR A 762 32.74 -31.33 -13.01
CA TYR A 762 31.81 -31.64 -11.95
C TYR A 762 32.55 -32.22 -10.75
N THR A 763 33.35 -33.26 -11.03
CA THR A 763 34.02 -34.00 -9.98
C THR A 763 34.89 -33.06 -9.14
N ARG A 764 35.70 -32.25 -9.82
CA ARG A 764 36.65 -31.37 -9.16
C ARG A 764 35.95 -30.19 -8.47
N LEU A 765 34.94 -29.57 -9.12
CA LEU A 765 34.29 -28.40 -8.51
C LEU A 765 33.52 -28.82 -7.27
N ARG A 766 32.82 -29.96 -7.33
CA ARG A 766 32.20 -30.52 -6.13
C ARG A 766 33.21 -30.62 -4.99
N LYS A 767 34.37 -31.21 -5.30
CA LYS A 767 35.32 -31.50 -4.25
C LYS A 767 35.89 -30.18 -3.73
N ASN A 768 36.21 -29.25 -4.63
CA ASN A 768 36.84 -27.99 -4.24
C ASN A 768 35.93 -27.22 -3.29
N ILE A 769 34.63 -27.17 -3.64
CA ILE A 769 33.64 -26.37 -2.93
C ILE A 769 33.38 -26.98 -1.57
N VAL A 770 33.09 -28.30 -1.56
CA VAL A 770 32.80 -28.95 -0.29
C VAL A 770 33.99 -28.80 0.66
N GLU A 771 35.18 -29.07 0.15
CA GLU A 771 36.37 -29.09 1.01
C GLU A 771 36.65 -27.69 1.57
N THR A 772 36.42 -26.64 0.76
CA THR A 772 36.67 -25.27 1.19
C THR A 772 35.75 -24.94 2.38
N VAL A 773 34.46 -25.25 2.23
CA VAL A 773 33.49 -24.94 3.27
C VAL A 773 33.79 -25.83 4.48
N TYR A 774 34.12 -27.10 4.25
CA TYR A 774 34.44 -28.02 5.34
C TYR A 774 35.66 -27.55 6.15
N ARG A 775 36.78 -27.30 5.47
CA ARG A 775 37.99 -26.90 6.18
C ARG A 775 37.76 -25.66 7.05
N ASN A 776 37.05 -24.66 6.52
CA ASN A 776 36.81 -23.44 7.27
C ASN A 776 35.94 -23.72 8.49
N TRP A 777 34.92 -24.56 8.31
CA TRP A 777 34.04 -24.96 9.38
C TRP A 777 34.82 -25.71 10.46
N GLU A 778 35.69 -26.62 10.04
CA GLU A 778 36.51 -27.38 10.98
C GLU A 778 37.32 -26.41 11.83
N GLU A 779 37.90 -25.39 11.18
CA GLU A 779 38.83 -24.46 11.81
C GLU A 779 38.09 -23.41 12.67
N THR A 780 36.90 -22.95 12.21
CA THR A 780 36.28 -21.76 12.81
C THR A 780 34.96 -22.08 13.50
N GLY A 781 34.35 -23.21 13.15
CA GLY A 781 33.02 -23.47 13.66
C GLY A 781 31.93 -22.81 12.79
N PHE A 782 32.28 -22.07 11.73
CA PHE A 782 31.25 -21.32 11.00
C PHE A 782 31.17 -21.67 9.52
N ALA A 783 29.95 -21.48 8.99
CA ALA A 783 29.68 -21.22 7.58
C ALA A 783 29.90 -19.74 7.33
N TRP A 784 30.60 -19.41 6.25
CA TRP A 784 30.85 -18.03 5.87
C TRP A 784 30.05 -17.66 4.63
N GLU A 785 29.85 -16.35 4.47
CA GLU A 785 29.12 -15.74 3.38
C GLU A 785 29.81 -16.01 2.04
N GLN A 786 31.15 -15.99 2.02
CA GLN A 786 31.91 -16.22 0.80
C GLN A 786 33.33 -16.62 1.17
N TYR A 787 34.09 -17.05 0.15
CA TYR A 787 35.42 -17.62 0.36
C TYR A 787 36.45 -16.95 -0.55
N ASN A 788 37.66 -16.77 0.01
CA ASN A 788 38.73 -16.05 -0.68
C ASN A 788 39.35 -17.00 -1.71
N PRO A 789 39.40 -16.66 -3.02
CA PRO A 789 39.97 -17.58 -4.01
C PRO A 789 41.50 -17.69 -4.00
N GLU A 790 42.20 -16.80 -3.29
CA GLU A 790 43.66 -16.89 -3.19
C GLU A 790 44.06 -17.74 -1.98
N THR A 791 43.37 -17.55 -0.86
CA THR A 791 43.81 -18.19 0.38
C THR A 791 42.85 -19.30 0.80
N GLY A 792 41.65 -19.35 0.22
CA GLY A 792 40.66 -20.32 0.68
C GLY A 792 39.88 -19.93 1.96
N LYS A 793 40.22 -18.80 2.60
CA LYS A 793 39.63 -18.43 3.89
C LYS A 793 38.19 -17.94 3.76
N GLY A 794 37.29 -18.38 4.64
CA GLY A 794 35.97 -17.75 4.73
C GLY A 794 36.12 -16.27 5.10
N GLN A 795 35.31 -15.39 4.50
CA GLN A 795 35.41 -13.97 4.79
C GLN A 795 34.00 -13.38 4.72
N ARG A 796 33.87 -12.08 4.99
CA ARG A 796 32.58 -11.44 5.19
C ARG A 796 31.90 -12.09 6.40
N THR A 797 30.58 -12.27 6.38
CA THR A 797 29.91 -12.61 7.64
C THR A 797 29.90 -14.09 7.93
N GLN A 798 29.92 -14.40 9.24
CA GLN A 798 29.85 -15.73 9.80
C GLN A 798 28.38 -16.13 9.99
N HIS A 799 28.13 -17.41 10.31
CA HIS A 799 26.81 -17.96 10.56
C HIS A 799 25.91 -17.80 9.34
N PHE A 800 26.51 -17.86 8.14
CA PHE A 800 25.72 -17.70 6.93
C PHE A 800 25.06 -19.02 6.53
N THR A 801 23.95 -19.36 7.18
CA THR A 801 23.18 -20.55 6.84
C THR A 801 21.68 -20.20 6.70
N GLY A 802 21.27 -19.63 5.55
CA GLY A 802 22.16 -19.10 4.53
C GLY A 802 22.48 -20.14 3.46
N TRP A 803 22.72 -19.71 2.22
CA TRP A 803 22.86 -20.67 1.13
C TRP A 803 24.19 -21.42 1.15
N THR A 804 25.16 -21.00 1.99
CA THR A 804 26.38 -21.79 2.10
C THR A 804 26.01 -23.24 2.46
N SER A 805 24.90 -23.42 3.18
CA SER A 805 24.43 -24.75 3.56
C SER A 805 24.05 -25.62 2.35
N LEU A 806 24.07 -25.09 1.12
CA LEU A 806 23.80 -25.93 -0.06
C LEU A 806 24.80 -27.08 -0.14
N VAL A 807 25.88 -26.92 0.62
CA VAL A 807 26.98 -27.88 0.60
CA VAL A 807 26.97 -27.88 0.59
C VAL A 807 26.46 -29.27 0.99
N VAL A 808 25.40 -29.34 1.82
CA VAL A 808 24.90 -30.64 2.23
CA VAL A 808 24.92 -30.65 2.23
C VAL A 808 24.37 -31.36 1.00
N LYS A 809 23.75 -30.59 0.13
CA LYS A 809 23.15 -31.22 -1.00
C LYS A 809 24.18 -31.44 -2.11
N ILE A 810 25.27 -30.69 -2.14
CA ILE A 810 26.31 -31.00 -3.09
C ILE A 810 27.00 -32.32 -2.70
N MET A 811 27.19 -32.54 -1.39
CA MET A 811 27.80 -33.77 -0.92
C MET A 811 26.90 -34.97 -1.24
N SER A 812 25.57 -34.83 -1.10
CA SER A 812 24.70 -35.98 -1.23
C SER A 812 24.47 -36.37 -2.70
N GLY A 813 24.59 -35.39 -3.60
CA GLY A 813 24.77 -35.60 -5.02
C GLY A 813 23.52 -36.09 -5.75
N HIS A 814 23.73 -36.87 -6.82
CA HIS A 814 22.70 -37.62 -7.53
C HIS A 814 21.55 -36.69 -7.94
N HIS A 815 21.87 -35.58 -8.64
CA HIS A 815 20.89 -34.56 -8.98
C HIS A 815 19.92 -35.06 -10.06
N GLU B 35 -8.51 43.30 -16.17
CA GLU B 35 -7.81 44.38 -16.96
C GLU B 35 -8.52 45.72 -16.77
N SER B 36 -9.86 45.76 -16.91
CA SER B 36 -10.56 46.96 -16.44
C SER B 36 -10.44 47.09 -14.92
N ILE B 37 -10.41 48.32 -14.44
CA ILE B 37 -10.41 48.58 -13.01
C ILE B 37 -11.57 47.84 -12.32
N LEU B 38 -12.77 47.85 -12.94
CA LEU B 38 -13.92 47.23 -12.28
C LEU B 38 -13.77 45.71 -12.29
N HIS B 39 -13.34 45.13 -13.41
CA HIS B 39 -13.12 43.69 -13.48
C HIS B 39 -12.15 43.23 -12.38
N SER B 40 -11.02 43.92 -12.24
CA SER B 40 -10.03 43.58 -11.24
C SER B 40 -10.59 43.71 -9.84
N GLU B 41 -11.39 44.75 -9.60
CA GLU B 41 -11.87 44.99 -8.25
C GLU B 41 -12.85 43.89 -7.86
N ILE B 42 -13.78 43.55 -8.77
CA ILE B 42 -14.72 42.46 -8.51
C ILE B 42 -13.96 41.17 -8.19
N GLY B 43 -12.92 40.89 -8.99
CA GLY B 43 -12.10 39.70 -8.83
C GLY B 43 -11.42 39.66 -7.45
N ARG B 44 -10.92 40.81 -6.98
CA ARG B 44 -10.33 40.92 -5.65
C ARG B 44 -11.37 40.62 -4.57
N LEU B 45 -12.59 41.15 -4.73
CA LEU B 45 -13.61 41.00 -3.70
C LEU B 45 -14.07 39.54 -3.68
N ASN B 46 -14.20 38.94 -4.86
CA ASN B 46 -14.55 37.53 -4.90
C ASN B 46 -13.46 36.65 -4.26
N ASN B 47 -12.21 37.03 -4.51
CA ASN B 47 -11.04 36.32 -4.00
C ASN B 47 -11.05 36.39 -2.47
N GLN B 48 -11.26 37.58 -1.92
CA GLN B 48 -11.28 37.71 -0.45
C GLN B 48 -12.49 36.99 0.16
N SER B 49 -13.62 36.98 -0.57
N SER B 49 -13.62 36.98 -0.57
CA SER B 49 -14.85 36.39 -0.10
CA SER B 49 -14.87 36.39 -0.08
C SER B 49 -14.73 34.87 0.00
C SER B 49 -14.71 34.87 0.02
N LEU B 50 -14.07 34.27 -0.99
CA LEU B 50 -14.06 32.81 -1.15
C LEU B 50 -12.79 32.19 -0.55
N LEU B 51 -11.87 33.01 0.00
CA LEU B 51 -10.54 32.52 0.37
C LEU B 51 -10.61 31.30 1.29
N TRP B 52 -11.35 31.39 2.39
CA TRP B 52 -11.38 30.32 3.38
C TRP B 52 -12.58 29.42 3.16
N GLY B 53 -12.43 28.13 3.45
CA GLY B 53 -13.58 27.27 3.54
C GLY B 53 -13.12 25.92 4.08
N PRO B 54 -14.06 24.97 4.24
CA PRO B 54 -13.73 23.59 4.59
C PRO B 54 -13.37 22.88 3.28
N TYR B 55 -12.39 23.41 2.58
CA TYR B 55 -12.18 23.01 1.20
C TYR B 55 -11.33 21.73 1.11
N ARG B 56 -11.56 20.81 2.05
CA ARG B 56 -10.89 19.52 2.08
C ARG B 56 -11.94 18.43 2.13
N PRO B 57 -12.68 18.23 1.00
CA PRO B 57 -13.83 17.34 0.98
C PRO B 57 -13.47 15.87 1.15
N ASN B 58 -12.20 15.52 0.93
CA ASN B 58 -11.70 14.15 1.07
C ASN B 58 -11.70 13.69 2.52
N ILE B 59 -11.72 14.64 3.48
CA ILE B 59 -11.79 14.24 4.89
C ILE B 59 -13.12 14.68 5.51
N TYR B 60 -13.45 14.09 6.67
CA TYR B 60 -14.65 14.47 7.41
C TYR B 60 -14.71 15.95 7.67
N PHE B 61 -13.64 16.53 8.24
CA PHE B 61 -13.74 17.94 8.51
C PHE B 61 -12.34 18.53 8.62
N GLY B 62 -12.09 19.59 7.85
CA GLY B 62 -10.88 20.38 7.95
C GLY B 62 -10.97 21.59 7.05
N THR B 63 -10.04 22.52 7.24
CA THR B 63 -10.12 23.75 6.50
C THR B 63 -8.81 23.99 5.78
N ARG B 64 -8.88 24.80 4.72
CA ARG B 64 -7.68 25.42 4.19
C ARG B 64 -8.14 26.61 3.35
N PRO B 65 -7.26 27.59 3.08
CA PRO B 65 -7.57 28.68 2.14
C PRO B 65 -7.21 28.27 0.71
N ARG B 66 -7.63 29.08 -0.28
CA ARG B 66 -7.26 28.81 -1.67
C ARG B 66 -5.85 29.31 -1.93
N ILE B 67 -4.86 28.75 -1.22
CA ILE B 67 -3.45 29.09 -1.38
C ILE B 67 -2.69 27.76 -1.35
N GLY B 68 -1.82 27.56 -2.34
CA GLY B 68 -1.22 26.25 -2.51
C GLY B 68 -0.47 25.81 -1.25
N LYS B 69 0.38 26.71 -0.73
CA LYS B 69 1.15 26.35 0.45
C LYS B 69 0.76 27.25 1.61
N SER B 70 0.00 26.75 2.58
CA SER B 70 -0.49 27.66 3.60
C SER B 70 -0.93 26.82 4.80
N LEU B 71 -1.86 27.35 5.59
CA LEU B 71 -2.29 26.75 6.86
C LEU B 71 -3.44 25.78 6.55
N MET B 72 -3.38 24.53 7.04
CA MET B 72 -4.44 23.55 6.84
C MET B 72 -4.81 22.92 8.17
N THR B 73 -6.08 22.49 8.32
CA THR B 73 -6.47 21.86 9.57
C THR B 73 -7.23 20.58 9.27
N GLY B 74 -7.29 19.67 10.25
CA GLY B 74 -8.07 18.47 10.04
C GLY B 74 -8.46 17.86 11.38
N LEU B 75 -9.64 17.24 11.44
CA LEU B 75 -10.19 16.67 12.65
C LEU B 75 -10.09 15.15 12.61
N MET B 76 -9.75 14.54 13.75
CA MET B 76 -9.83 13.09 13.86
C MET B 76 -10.49 12.75 15.20
N TRP B 77 -11.21 11.63 15.23
CA TRP B 77 -11.78 11.18 16.51
C TRP B 77 -11.82 9.67 16.51
N GLY B 78 -11.96 9.09 17.71
CA GLY B 78 -12.24 7.67 17.80
C GLY B 78 -12.32 7.23 19.25
N LYS B 79 -13.12 6.19 19.50
CA LYS B 79 -13.23 5.67 20.86
C LYS B 79 -11.99 4.82 21.16
N ILE B 80 -11.68 4.68 22.46
CA ILE B 80 -10.56 3.83 22.84
C ILE B 80 -10.97 2.99 24.04
N GLU B 81 -10.89 1.68 23.86
CA GLU B 81 -11.21 0.74 24.92
C GLU B 81 -10.02 -0.18 25.20
N SER B 82 -9.04 -0.31 24.30
CA SER B 82 -7.96 -1.26 24.53
C SER B 82 -6.63 -0.64 24.09
N TYR B 83 -5.53 -1.39 24.21
CA TYR B 83 -4.23 -0.82 23.89
C TYR B 83 -3.97 -0.88 22.39
N THR B 84 -4.89 -1.53 21.65
CA THR B 84 -4.66 -1.73 20.22
C THR B 84 -5.88 -1.40 19.35
N ASP B 85 -6.99 -0.87 19.91
CA ASP B 85 -8.20 -0.65 19.10
C ASP B 85 -8.20 0.72 18.37
N PHE B 86 -7.55 1.76 18.92
CA PHE B 86 -7.70 3.10 18.39
C PHE B 86 -7.31 3.16 16.91
N GLN B 87 -6.30 2.39 16.52
CA GLN B 87 -5.85 2.33 15.13
C GLN B 87 -7.00 1.91 14.21
N HIS B 88 -7.94 1.13 14.73
CA HIS B 88 -9.07 0.67 13.94
C HIS B 88 -10.27 1.61 14.04
N THR B 89 -10.39 2.37 15.13
CA THR B 89 -11.61 3.14 15.33
C THR B 89 -11.44 4.56 14.76
N VAL B 90 -10.20 5.06 14.69
CA VAL B 90 -9.96 6.48 14.40
C VAL B 90 -10.58 6.86 13.04
N ARG B 91 -11.11 8.09 12.94
CA ARG B 91 -11.72 8.61 11.72
C ARG B 91 -10.89 9.79 11.22
N TYR B 92 -10.74 9.87 9.89
CA TYR B 92 -10.08 11.04 9.32
C TYR B 92 -10.55 11.27 7.88
N THR B 93 -10.17 10.36 6.98
CA THR B 93 -10.61 10.45 5.59
C THR B 93 -12.01 9.84 5.40
N CYS B 94 -12.81 10.47 4.56
CA CYS B 94 -14.16 9.98 4.28
C CYS B 94 -14.14 8.56 3.72
N GLU B 95 -15.02 7.70 4.25
CA GLU B 95 -15.33 6.38 3.70
C GLU B 95 -16.84 6.17 3.75
N GLN B 96 -17.33 5.05 3.19
CA GLN B 96 -18.72 4.68 3.42
C GLN B 96 -18.81 3.16 3.49
N ASN B 97 -19.20 2.62 4.66
CA ASN B 97 -19.20 1.19 4.93
C ASN B 97 -20.19 1.01 6.08
N GLU B 98 -20.38 -0.24 6.54
CA GLU B 98 -21.33 -0.65 7.57
C GLU B 98 -21.17 0.19 8.84
N GLY B 99 -19.94 0.61 9.18
CA GLY B 99 -19.67 1.26 10.44
C GLY B 99 -20.05 2.74 10.41
N MET B 100 -20.47 3.23 9.24
CA MET B 100 -20.86 4.63 9.16
C MET B 100 -22.30 4.72 8.64
N LYS B 101 -23.20 5.31 9.44
CA LYS B 101 -24.59 5.42 9.02
C LYS B 101 -24.71 6.40 7.87
N GLY B 102 -24.15 7.60 8.05
CA GLY B 102 -24.11 8.59 6.97
C GLY B 102 -23.48 9.89 7.45
N TYR B 103 -23.32 10.84 6.53
CA TYR B 103 -22.78 12.14 6.88
C TYR B 103 -22.98 13.08 5.70
N GLY B 104 -22.95 14.37 5.98
CA GLY B 104 -23.12 15.36 4.94
C GLY B 104 -23.48 16.71 5.53
N TRP B 105 -23.60 17.70 4.62
CA TRP B 105 -23.91 19.07 4.98
C TRP B 105 -25.43 19.22 4.99
N ASP B 106 -25.98 19.73 6.11
CA ASP B 106 -27.42 19.98 6.23
C ASP B 106 -27.73 21.28 5.50
N GLU B 107 -26.74 22.17 5.55
CA GLU B 107 -26.87 23.48 4.96
C GLU B 107 -25.46 23.98 4.66
N TYR B 108 -25.29 24.64 3.53
CA TYR B 108 -23.96 25.13 3.28
C TYR B 108 -23.98 26.16 2.16
N ASP B 109 -23.16 27.17 2.38
CA ASP B 109 -22.93 28.22 1.41
C ASP B 109 -21.47 28.60 1.57
N PRO B 110 -20.64 28.47 0.51
CA PRO B 110 -19.20 28.71 0.63
C PRO B 110 -18.86 30.13 1.10
N ARG B 111 -19.77 31.09 0.91
CA ARG B 111 -19.46 32.45 1.36
C ARG B 111 -19.67 32.62 2.86
N ARG B 112 -20.48 31.76 3.47
CA ARG B 112 -20.99 32.06 4.79
C ARG B 112 -20.61 30.95 5.77
N GLY B 113 -20.69 29.71 5.30
CA GLY B 113 -20.51 28.57 6.19
C GLY B 113 -21.65 27.57 6.10
N GLY B 114 -21.72 26.67 7.08
CA GLY B 114 -22.71 25.62 7.04
C GLY B 114 -22.60 24.72 8.27
N ILE B 115 -23.38 23.63 8.25
CA ILE B 115 -23.40 22.70 9.36
C ILE B 115 -23.40 21.29 8.77
N GLN B 116 -22.46 20.46 9.26
CA GLN B 116 -22.35 19.10 8.80
C GLN B 116 -22.75 18.17 9.94
N SER B 117 -23.46 17.08 9.61
CA SER B 117 -23.82 16.05 10.56
C SER B 117 -23.09 14.75 10.19
N ILE B 118 -22.55 14.04 11.20
CA ILE B 118 -21.87 12.77 10.97
C ILE B 118 -22.44 11.74 11.93
N HIS B 119 -22.93 10.63 11.39
CA HIS B 119 -23.56 9.58 12.17
C HIS B 119 -22.68 8.33 12.11
N ASP B 120 -21.88 8.16 13.17
CA ASP B 120 -20.83 7.15 13.23
C ASP B 120 -21.29 5.98 14.10
N ILE B 121 -21.52 4.81 13.51
CA ILE B 121 -22.01 3.65 14.25
C ILE B 121 -20.87 3.03 15.07
N GLN B 122 -19.70 2.82 14.45
CA GLN B 122 -18.59 2.16 15.11
C GLN B 122 -18.19 2.90 16.39
N ASN B 123 -18.14 4.24 16.33
CA ASN B 123 -17.75 5.04 17.48
C ASN B 123 -18.95 5.49 18.32
N GLY B 124 -20.17 5.16 17.91
CA GLY B 124 -21.33 5.33 18.78
C GLY B 124 -21.67 6.80 19.01
N LEU B 125 -21.36 7.66 18.02
CA LEU B 125 -21.41 9.10 18.20
C LEU B 125 -22.15 9.76 17.02
N ASP B 126 -22.98 10.76 17.33
CA ASP B 126 -23.48 11.68 16.31
C ASP B 126 -22.74 13.00 16.49
N ILE B 127 -22.08 13.46 15.42
CA ILE B 127 -21.25 14.65 15.50
C ILE B 127 -21.79 15.74 14.59
N THR B 128 -21.65 16.98 15.06
CA THR B 128 -21.98 18.16 14.29
C THR B 128 -20.72 19.00 14.17
N THR B 129 -20.41 19.42 12.93
CA THR B 129 -19.36 20.41 12.74
C THR B 129 -20.02 21.62 12.07
N SER B 130 -20.05 22.74 12.81
CA SER B 130 -20.57 23.97 12.28
C SER B 130 -19.39 24.87 11.90
N PHE B 131 -19.45 25.50 10.72
CA PHE B 131 -18.36 26.35 10.26
C PHE B 131 -18.98 27.69 9.85
N VAL B 132 -18.32 28.81 10.20
CA VAL B 132 -18.82 30.14 9.84
C VAL B 132 -17.64 31.01 9.44
N LYS B 133 -17.88 31.89 8.47
CA LYS B 133 -16.88 32.85 8.02
C LYS B 133 -17.29 34.25 8.48
N ILE B 134 -16.28 35.06 8.85
CA ILE B 134 -16.52 36.38 9.39
C ILE B 134 -15.63 37.36 8.63
N PRO B 135 -16.20 38.15 7.71
CA PRO B 135 -15.39 39.01 6.85
C PRO B 135 -14.75 40.08 7.71
N GLY B 136 -13.62 40.63 7.23
CA GLY B 136 -12.89 41.66 7.93
C GLY B 136 -11.39 41.59 7.67
N GLY B 137 -10.77 42.77 7.45
CA GLY B 137 -9.34 42.83 7.23
C GLY B 137 -8.98 42.54 5.77
N ALA B 138 -7.69 42.25 5.55
CA ALA B 138 -7.12 42.23 4.20
C ALA B 138 -6.79 40.82 3.72
N HIS B 139 -7.07 39.76 4.51
CA HIS B 139 -6.43 38.47 4.26
C HIS B 139 -7.46 37.35 4.19
N GLY B 140 -8.69 37.70 3.82
CA GLY B 140 -9.72 36.71 3.59
C GLY B 140 -10.56 36.50 4.84
N GLY B 141 -10.34 37.33 5.87
CA GLY B 141 -11.22 37.38 7.02
C GLY B 141 -10.93 36.24 8.01
N SER B 142 -11.89 36.01 8.91
CA SER B 142 -11.76 35.12 10.07
C SER B 142 -12.78 33.99 9.94
N TRP B 143 -12.64 32.95 10.77
CA TRP B 143 -13.59 31.84 10.75
C TRP B 143 -13.65 31.16 12.11
N ALA B 144 -14.69 30.33 12.33
CA ALA B 144 -14.80 29.56 13.57
C ALA B 144 -15.57 28.29 13.27
N ALA B 145 -15.37 27.26 14.07
CA ALA B 145 -16.12 26.02 13.95
C ALA B 145 -16.43 25.51 15.35
N ARG B 146 -17.56 24.82 15.48
CA ARG B 146 -17.89 24.15 16.73
C ARG B 146 -18.03 22.68 16.41
N ILE B 147 -17.32 21.85 17.18
CA ILE B 147 -17.35 20.40 17.03
C ILE B 147 -18.11 19.83 18.22
N LYS B 148 -19.26 19.19 17.95
CA LYS B 148 -20.08 18.66 19.03
C LYS B 148 -20.34 17.18 18.81
N GLY B 149 -20.05 16.38 19.84
CA GLY B 149 -20.25 14.94 19.78
C GLY B 149 -21.22 14.47 20.87
N THR B 150 -22.23 13.71 20.47
CA THR B 150 -23.23 13.24 21.42
C THR B 150 -23.31 11.73 21.22
N LEU B 151 -23.04 10.96 22.29
CA LEU B 151 -23.09 9.50 22.22
C LEU B 151 -24.52 9.11 21.88
N ASN B 152 -24.68 8.08 21.04
CA ASN B 152 -25.99 7.58 20.70
C ASN B 152 -26.45 6.66 21.84
N ASP B 153 -27.66 6.10 21.69
CA ASP B 153 -28.27 5.39 22.81
C ASP B 153 -27.58 4.05 23.08
N ASP B 154 -26.88 3.51 22.06
CA ASP B 154 -26.30 2.18 22.10
C ASP B 154 -24.91 2.18 22.75
N ALA B 155 -24.30 3.36 22.91
CA ALA B 155 -22.89 3.44 23.29
C ALA B 155 -22.75 3.38 24.81
N PRO B 156 -21.65 2.81 25.37
CA PRO B 156 -21.43 2.89 26.81
C PRO B 156 -21.43 4.36 27.23
N LYS B 157 -22.21 4.69 28.26
CA LYS B 157 -22.42 6.05 28.71
C LYS B 157 -21.08 6.69 29.10
N ASP B 158 -20.09 5.87 29.46
CA ASP B 158 -18.83 6.44 29.91
C ASP B 158 -17.72 6.23 28.89
N GLN B 159 -18.13 5.95 27.63
CA GLN B 159 -17.17 5.76 26.54
C GLN B 159 -16.11 6.88 26.57
N LYS B 160 -14.85 6.49 26.36
CA LYS B 160 -13.79 7.48 26.20
C LYS B 160 -13.53 7.69 24.70
N THR B 161 -13.65 8.95 24.27
CA THR B 161 -13.37 9.33 22.89
C THR B 161 -12.12 10.21 22.84
N ILE B 162 -11.17 9.84 21.96
CA ILE B 162 -10.08 10.75 21.69
C ILE B 162 -10.51 11.66 20.55
N VAL B 163 -10.16 12.93 20.65
CA VAL B 163 -10.39 13.88 19.57
C VAL B 163 -9.08 14.62 19.33
N VAL B 164 -8.70 14.76 18.05
CA VAL B 164 -7.48 15.44 17.67
C VAL B 164 -7.83 16.56 16.70
N PHE B 165 -7.21 17.73 16.93
CA PHE B 165 -7.23 18.78 15.93
C PHE B 165 -5.80 18.98 15.42
N TYR B 166 -5.57 18.65 14.14
CA TYR B 166 -4.26 18.71 13.49
C TYR B 166 -4.15 19.98 12.67
N VAL B 167 -3.04 20.72 12.86
CA VAL B 167 -2.82 21.96 12.14
C VAL B 167 -1.44 21.86 11.50
N SER B 168 -1.35 22.20 10.22
CA SER B 168 -0.03 22.25 9.60
C SER B 168 0.09 23.55 8.80
N GLN B 169 1.32 23.96 8.50
CA GLN B 169 1.54 25.14 7.68
C GLN B 169 2.77 24.96 6.79
N GLU B 170 2.56 25.20 5.51
CA GLU B 170 3.59 25.03 4.50
C GLU B 170 3.92 26.42 3.96
N GLY B 171 5.13 26.57 3.43
CA GLY B 171 5.50 27.78 2.70
C GLY B 171 6.59 28.58 3.43
N GLU B 172 7.41 29.31 2.65
CA GLU B 172 8.57 30.00 3.20
C GLU B 172 8.11 31.18 4.07
N ASN B 173 8.97 31.59 5.02
CA ASN B 173 8.78 32.85 5.72
C ASN B 173 7.41 32.90 6.37
N SER B 174 7.03 31.78 6.98
CA SER B 174 5.84 31.67 7.81
C SER B 174 6.19 31.06 9.16
N GLU B 175 5.48 31.46 10.22
CA GLU B 175 5.78 30.97 11.56
C GLU B 175 4.49 30.45 12.16
N LEU B 176 4.62 29.55 13.13
CA LEU B 176 3.44 29.11 13.84
C LEU B 176 3.90 28.53 15.17
N GLU B 177 3.29 28.98 16.26
CA GLU B 177 3.81 28.61 17.56
C GLU B 177 2.66 28.51 18.55
N ALA B 178 2.64 27.43 19.33
CA ALA B 178 1.70 27.25 20.43
C ALA B 178 2.23 27.96 21.68
N VAL B 179 1.39 28.82 22.29
CA VAL B 179 1.72 29.45 23.55
C VAL B 179 1.76 28.37 24.65
N PRO B 180 2.83 28.29 25.48
CA PRO B 180 2.90 27.27 26.54
C PRO B 180 1.74 27.43 27.50
N SER B 181 1.30 26.33 28.11
CA SER B 181 0.34 26.44 29.20
C SER B 181 1.04 26.89 30.48
N GLU B 182 0.24 27.28 31.48
CA GLU B 182 0.75 27.71 32.77
C GLU B 182 0.92 26.48 33.67
N ASN B 183 0.37 25.33 33.23
CA ASN B 183 0.25 24.12 34.03
C ASN B 183 1.25 23.05 33.59
N GLU B 184 1.50 22.07 34.48
CA GLU B 184 2.72 21.26 34.39
C GLU B 184 2.70 20.34 33.16
N PHE B 185 1.58 19.63 32.96
CA PHE B 185 1.50 18.50 32.05
C PHE B 185 0.65 18.82 30.81
N GLY B 186 0.20 20.06 30.67
CA GLY B 186 -0.78 20.36 29.63
C GLY B 186 -1.73 21.48 30.05
N TYR B 187 -2.92 21.53 29.41
CA TYR B 187 -3.71 22.75 29.42
C TYR B 187 -5.03 22.52 30.14
N GLU B 188 -5.35 23.46 31.03
CA GLU B 188 -6.62 23.46 31.71
C GLU B 188 -7.63 24.32 30.96
N GLY B 189 -7.13 25.29 30.16
CA GLY B 189 -8.01 26.18 29.39
C GLY B 189 -7.87 26.01 27.87
N ASP B 190 -7.84 27.15 27.17
CA ASP B 190 -7.74 27.23 25.72
C ASP B 190 -6.29 27.00 25.28
N VAL B 191 -6.12 26.42 24.10
CA VAL B 191 -4.82 26.39 23.44
C VAL B 191 -4.80 27.52 22.44
N ILE B 192 -3.75 28.33 22.48
CA ILE B 192 -3.57 29.41 21.53
C ILE B 192 -2.38 29.11 20.63
N LEU B 193 -2.62 29.10 19.31
CA LEU B 193 -1.53 29.16 18.34
C LEU B 193 -1.48 30.57 17.72
N LYS B 194 -0.26 31.09 17.57
CA LYS B 194 -0.02 32.37 16.95
C LYS B 194 0.87 32.15 15.73
N GLY B 195 0.48 32.72 14.58
CA GLY B 195 1.22 32.47 13.36
C GLY B 195 1.26 33.71 12.46
N ARG B 196 1.95 33.55 11.33
CA ARG B 196 2.19 34.66 10.42
C ARG B 196 2.54 34.02 9.09
N SER B 197 2.03 34.56 7.98
CA SER B 197 2.61 34.25 6.68
C SER B 197 2.43 35.48 5.81
N GLU B 198 3.13 35.52 4.67
CA GLU B 198 2.88 36.57 3.68
C GLU B 198 1.40 36.62 3.32
N ALA B 199 0.81 35.46 3.01
CA ALA B 199 -0.55 35.39 2.49
C ALA B 199 -1.58 35.70 3.58
N LEU B 200 -1.38 35.22 4.81
CA LEU B 200 -2.40 35.40 5.83
C LEU B 200 -2.12 36.61 6.75
N GLY B 201 -0.95 37.24 6.67
CA GLY B 201 -0.48 38.18 7.70
C GLY B 201 -0.36 37.49 9.07
N ASN B 202 -0.59 38.24 10.16
CA ASN B 202 -0.66 37.65 11.49
C ASN B 202 -2.06 37.13 11.74
N TYR B 203 -2.16 36.07 12.54
CA TYR B 203 -3.42 35.46 12.91
C TYR B 203 -3.19 34.68 14.21
N LYS B 204 -4.31 34.31 14.82
CA LYS B 204 -4.36 33.53 16.05
C LYS B 204 -5.38 32.43 15.79
N LEU B 205 -5.03 31.20 16.16
CA LEU B 205 -5.94 30.07 16.04
C LEU B 205 -6.09 29.47 17.43
N VAL B 206 -7.33 29.42 17.94
CA VAL B 206 -7.57 28.99 19.30
C VAL B 206 -8.42 27.71 19.28
N VAL B 207 -7.99 26.71 20.05
CA VAL B 207 -8.85 25.57 20.31
C VAL B 207 -9.33 25.68 21.76
N THR B 208 -10.65 25.76 21.93
CA THR B 208 -11.16 26.19 23.22
C THR B 208 -11.20 24.99 24.17
N LYS B 209 -11.33 25.30 25.47
CA LYS B 209 -11.33 24.29 26.51
C LYS B 209 -12.39 23.23 26.21
N GLY B 210 -13.60 23.71 25.90
CA GLY B 210 -14.74 22.87 25.57
C GLY B 210 -15.58 22.50 26.79
N LYS B 211 -16.60 21.68 26.56
CA LYS B 211 -17.47 21.19 27.61
C LYS B 211 -17.53 19.68 27.47
N GLY B 212 -17.60 19.01 28.63
CA GLY B 212 -17.67 17.56 28.75
C GLY B 212 -16.69 17.09 29.82
N VAL B 213 -16.92 15.88 30.34
CA VAL B 213 -16.09 15.27 31.38
C VAL B 213 -14.75 14.84 30.80
N ILE B 214 -13.64 15.24 31.47
CA ILE B 214 -12.30 14.78 31.14
C ILE B 214 -11.92 13.65 32.10
N PRO B 215 -11.72 12.39 31.67
CA PRO B 215 -11.41 11.33 32.64
C PRO B 215 -10.06 11.58 33.30
N GLN B 216 -9.92 11.10 34.55
CA GLN B 216 -8.71 11.38 35.31
C GLN B 216 -8.13 10.03 35.74
N SER B 217 -6.80 9.92 35.72
CA SER B 217 -6.18 8.66 36.08
C SER B 217 -5.48 8.75 37.42
N ASP B 218 -5.61 7.70 38.24
CA ASP B 218 -4.84 7.66 39.48
C ASP B 218 -3.69 6.65 39.38
N HIS B 219 -3.41 6.15 38.17
CA HIS B 219 -2.26 5.29 37.94
C HIS B 219 -0.98 6.06 38.24
N ASP B 220 0.09 5.31 38.57
CA ASP B 220 1.40 5.91 38.82
C ASP B 220 1.94 6.67 37.60
N LEU B 221 1.46 6.32 36.40
CA LEU B 221 1.88 7.00 35.17
C LEU B 221 1.53 8.50 35.23
N SER B 222 0.50 8.86 36.00
CA SER B 222 0.06 10.25 36.10
C SER B 222 1.15 11.14 36.69
N ARG B 223 2.12 10.55 37.39
CA ARG B 223 3.18 11.32 38.03
C ARG B 223 4.07 11.91 36.95
N LEU B 224 4.15 11.23 35.80
CA LEU B 224 5.00 11.64 34.70
C LEU B 224 4.20 12.34 33.60
N ARG B 225 2.90 12.05 33.50
CA ARG B 225 2.13 12.38 32.32
C ARG B 225 0.88 13.19 32.68
N GLY B 226 0.67 13.39 34.00
CA GLY B 226 -0.48 14.11 34.50
C GLY B 226 -1.69 13.19 34.60
N PRO B 227 -2.76 13.60 35.33
CA PRO B 227 -3.92 12.75 35.54
C PRO B 227 -4.84 12.73 34.33
N GLY B 228 -4.61 13.63 33.35
CA GLY B 228 -5.48 13.70 32.18
C GLY B 228 -5.86 15.15 31.88
N GLN B 229 -5.48 15.63 30.68
CA GLN B 229 -5.63 17.04 30.36
C GLN B 229 -5.42 17.23 28.85
N THR B 230 -5.79 18.40 28.33
CA THR B 230 -5.55 18.72 26.93
C THR B 230 -4.05 18.82 26.72
N VAL B 231 -3.54 18.34 25.57
CA VAL B 231 -2.10 18.45 25.34
C VAL B 231 -1.86 18.98 23.92
N VAL B 232 -0.67 19.55 23.70
CA VAL B 232 -0.25 19.99 22.38
C VAL B 232 1.15 19.46 22.09
N GLN B 233 1.33 18.89 20.89
CA GLN B 233 2.69 18.68 20.39
C GLN B 233 2.96 19.55 19.18
N SER B 234 4.03 20.35 19.27
CA SER B 234 4.50 21.17 18.16
C SER B 234 5.74 20.53 17.56
N LEU B 235 5.72 20.34 16.23
CA LEU B 235 6.65 19.45 15.56
C LEU B 235 7.09 20.08 14.25
N THR B 236 8.21 19.57 13.70
CA THR B 236 8.68 20.03 12.42
C THR B 236 8.85 18.82 11.52
N TYR B 237 8.10 18.79 10.40
CA TYR B 237 8.25 17.74 9.39
C TYR B 237 8.67 18.34 8.05
N PRO B 238 9.20 17.52 7.11
CA PRO B 238 9.39 17.97 5.74
C PRO B 238 8.02 18.35 5.15
N ASP B 239 8.01 19.38 4.29
CA ASP B 239 6.79 19.87 3.64
C ASP B 239 6.06 18.77 2.88
N GLU B 240 6.79 17.79 2.33
CA GLU B 240 6.19 16.82 1.43
C GLU B 240 5.34 15.81 2.20
N VAL B 241 5.50 15.77 3.53
CA VAL B 241 4.71 14.79 4.27
C VAL B 241 3.65 15.43 5.17
N LEU B 242 3.49 16.76 5.12
CA LEU B 242 2.51 17.42 6.00
C LEU B 242 1.10 16.89 5.77
N TRP B 243 0.79 16.47 4.53
CA TRP B 243 -0.53 15.91 4.29
C TRP B 243 -0.75 14.57 5.00
N GLN B 244 0.32 13.83 5.31
CA GLN B 244 0.21 12.49 5.90
C GLN B 244 -0.13 12.59 7.39
N ALA B 245 -1.27 13.22 7.68
CA ALA B 245 -1.73 13.53 9.03
C ALA B 245 -1.83 12.29 9.92
N LYS B 246 -2.54 11.27 9.43
CA LYS B 246 -2.79 10.11 10.26
C LYS B 246 -1.49 9.36 10.54
N PRO B 247 -0.63 9.10 9.52
CA PRO B 247 0.69 8.54 9.79
C PRO B 247 1.50 9.31 10.83
N ILE B 248 1.46 10.64 10.75
CA ILE B 248 2.19 11.48 11.70
C ILE B 248 1.61 11.32 13.11
N LEU B 249 0.28 11.24 13.23
CA LEU B 249 -0.28 11.12 14.57
C LEU B 249 0.15 9.79 15.16
N PHE B 250 0.10 8.73 14.34
CA PHE B 250 0.44 7.39 14.80
C PHE B 250 1.92 7.28 15.14
N GLN B 251 2.75 8.04 14.42
CA GLN B 251 4.17 8.04 14.70
C GLN B 251 4.37 8.56 16.12
N GLN B 252 3.69 9.67 16.43
CA GLN B 252 3.79 10.31 17.74
C GLN B 252 3.20 9.43 18.83
N LEU B 253 2.07 8.75 18.54
CA LEU B 253 1.48 7.92 19.56
C LEU B 253 2.44 6.75 19.87
N LYS B 254 3.06 6.19 18.83
CA LYS B 254 3.96 5.05 18.99
C LYS B 254 5.20 5.47 19.78
N ALA B 255 5.74 6.66 19.49
CA ALA B 255 6.89 7.17 20.22
C ALA B 255 6.51 7.33 21.69
N GLY B 256 5.28 7.79 21.94
CA GLY B 256 4.81 8.01 23.30
C GLY B 256 4.74 6.69 24.06
N ILE B 257 4.46 5.60 23.34
CA ILE B 257 4.35 4.29 23.97
C ILE B 257 5.73 3.67 24.18
N ASP B 258 6.60 3.81 23.18
CA ASP B 258 7.99 3.37 23.29
C ASP B 258 8.64 3.98 24.53
N TRP B 259 8.31 5.25 24.81
CA TRP B 259 8.85 6.02 25.92
C TRP B 259 8.57 5.37 27.28
N LEU B 260 7.52 4.55 27.36
CA LEU B 260 7.14 3.97 28.63
C LEU B 260 8.18 2.96 29.13
N VAL B 261 8.85 2.23 28.22
CA VAL B 261 9.75 1.17 28.65
C VAL B 261 11.13 1.76 28.99
N GLU B 262 11.26 3.08 28.88
CA GLU B 262 12.52 3.74 29.20
C GLU B 262 12.36 4.71 30.38
N ASN B 263 11.18 4.73 31.02
CA ASN B 263 10.96 5.72 32.06
C ASN B 263 10.38 5.07 33.31
N LYS B 264 10.57 5.72 34.47
CA LYS B 264 10.34 5.13 35.78
C LYS B 264 8.91 5.38 36.27
N TYR B 265 8.07 4.35 36.23
CA TYR B 265 6.76 4.37 36.87
C TYR B 265 6.37 2.92 37.12
N ASP B 266 5.43 2.69 38.02
CA ASP B 266 5.09 1.35 38.47
C ASP B 266 4.24 0.69 37.39
N VAL B 267 4.59 -0.55 37.00
CA VAL B 267 3.88 -1.20 35.89
C VAL B 267 3.20 -2.47 36.36
N ALA B 268 2.99 -2.59 37.68
CA ALA B 268 2.27 -3.74 38.19
C ALA B 268 0.82 -3.72 37.70
N ASP B 269 0.19 -2.53 37.62
CA ASP B 269 -1.24 -2.49 37.30
C ASP B 269 -1.43 -1.93 35.88
N PRO B 270 -2.41 -2.44 35.09
CA PRO B 270 -2.65 -1.93 33.72
C PRO B 270 -3.09 -0.47 33.78
N PRO B 271 -2.47 0.47 33.03
CA PRO B 271 -2.92 1.85 33.04
C PRO B 271 -4.12 2.00 32.09
N PRO B 272 -4.94 3.06 32.20
CA PRO B 272 -6.08 3.24 31.29
C PRO B 272 -5.62 3.35 29.83
N PRO B 273 -6.26 2.66 28.86
CA PRO B 273 -5.86 2.81 27.46
C PRO B 273 -5.78 4.26 27.00
N TRP B 274 -6.75 5.10 27.41
CA TRP B 274 -6.74 6.48 26.95
C TRP B 274 -5.49 7.22 27.42
N GLN B 275 -4.96 6.84 28.59
CA GLN B 275 -3.84 7.60 29.12
C GLN B 275 -2.56 7.28 28.36
N VAL B 276 -2.40 6.01 28.00
CA VAL B 276 -1.27 5.50 27.24
C VAL B 276 -1.28 6.10 25.82
N TYR B 277 -2.49 6.43 25.33
CA TYR B 277 -2.68 7.08 24.04
C TYR B 277 -2.79 8.61 24.13
N LEU B 278 -2.52 9.18 25.31
CA LEU B 278 -2.51 10.64 25.42
C LEU B 278 -1.07 11.14 25.29
N LEU B 279 -0.83 12.00 24.27
CA LEU B 279 0.52 12.44 23.94
C LEU B 279 1.11 13.23 25.10
N ALA B 280 2.45 13.26 25.20
CA ALA B 280 3.15 14.14 26.13
C ALA B 280 3.06 15.56 25.58
N ASN B 281 2.78 16.52 26.47
CA ASN B 281 2.61 17.91 26.09
C ASN B 281 3.97 18.50 25.72
N LYS B 282 4.08 19.08 24.51
CA LYS B 282 5.34 19.63 24.02
C LYS B 282 5.07 20.80 23.08
N PRO B 283 4.41 21.89 23.55
CA PRO B 283 4.14 23.05 22.69
C PRO B 283 5.39 23.84 22.40
N GLY B 284 5.38 24.51 21.24
CA GLY B 284 6.39 25.47 20.85
C GLY B 284 6.21 25.81 19.38
N SER B 285 7.33 26.11 18.74
CA SER B 285 7.28 26.46 17.34
C SER B 285 7.29 25.19 16.51
N GLY B 286 6.69 25.25 15.30
CA GLY B 286 6.84 24.18 14.33
C GLY B 286 5.86 24.34 13.16
N ASN B 287 5.89 23.38 12.22
CA ASN B 287 5.00 23.41 11.06
C ASN B 287 3.86 22.40 11.20
N VAL B 288 3.83 21.65 12.31
CA VAL B 288 2.74 20.74 12.64
C VAL B 288 2.44 20.95 14.12
N HIS B 289 1.15 21.09 14.47
CA HIS B 289 0.72 21.12 15.85
C HIS B 289 -0.43 20.16 15.99
N ILE B 290 -0.35 19.26 16.97
CA ILE B 290 -1.40 18.28 17.22
C ILE B 290 -1.99 18.65 18.57
N VAL B 291 -3.29 18.99 18.57
CA VAL B 291 -4.00 19.35 19.78
C VAL B 291 -4.90 18.15 20.10
N GLN B 292 -4.73 17.57 21.30
CA GLN B 292 -5.45 16.34 21.61
C GLN B 292 -6.28 16.50 22.90
N LYS B 293 -7.48 15.91 22.88
CA LYS B 293 -8.39 15.92 24.02
C LYS B 293 -8.91 14.51 24.18
N VAL B 294 -9.19 14.14 25.45
CA VAL B 294 -9.94 12.93 25.73
C VAL B 294 -11.21 13.34 26.45
N PHE B 295 -12.34 12.78 26.01
CA PHE B 295 -13.61 13.03 26.68
C PHE B 295 -14.23 11.73 27.17
N GLU B 296 -14.99 11.82 28.27
CA GLU B 296 -15.85 10.71 28.66
C GLU B 296 -17.31 11.16 28.51
N GLY B 297 -18.11 10.44 27.69
CA GLY B 297 -19.43 10.93 27.36
C GLY B 297 -19.42 12.03 26.29
N ASP B 298 -20.44 12.90 26.30
CA ASP B 298 -20.70 13.91 25.29
C ASP B 298 -19.66 15.03 25.38
N PHE B 299 -19.40 15.75 24.28
CA PHE B 299 -18.37 16.78 24.36
C PHE B 299 -18.64 17.86 23.32
N GLU B 300 -17.98 19.00 23.51
CA GLU B 300 -17.96 20.01 22.48
C GLU B 300 -16.78 20.92 22.72
N PHE B 301 -16.22 21.47 21.64
CA PHE B 301 -15.29 22.57 21.74
C PHE B 301 -15.33 23.41 20.46
N ASP B 302 -14.64 24.54 20.50
CA ASP B 302 -14.64 25.44 19.34
C ASP B 302 -13.23 25.69 18.83
N ILE B 303 -13.13 26.06 17.55
CA ILE B 303 -11.89 26.50 16.96
C ILE B 303 -12.13 27.91 16.45
N LEU B 304 -11.31 28.86 16.90
CA LEU B 304 -11.53 30.24 16.54
C LEU B 304 -10.30 30.74 15.80
N PHE B 305 -10.45 31.05 14.51
CA PHE B 305 -9.39 31.64 13.70
C PHE B 305 -9.64 33.14 13.55
N SER B 306 -8.75 33.97 14.10
CA SER B 306 -8.84 35.43 14.03
C SER B 306 -7.75 36.01 13.15
N SER B 307 -8.15 36.67 12.05
CA SER B 307 -7.24 37.39 11.19
C SER B 307 -6.87 38.70 11.89
N GLU B 308 -5.57 38.95 12.11
CA GLU B 308 -5.21 40.13 12.88
C GLU B 308 -5.72 41.39 12.18
N SER B 309 -5.57 41.47 10.85
CA SER B 309 -5.91 42.65 10.07
C SER B 309 -7.42 42.98 10.20
N ALA B 310 -8.23 42.06 10.72
CA ALA B 310 -9.63 42.36 10.99
C ALA B 310 -9.80 43.19 12.27
N GLY B 311 -8.80 43.18 13.15
CA GLY B 311 -8.73 44.12 14.26
C GLY B 311 -9.80 43.84 15.32
N LYS B 312 -10.38 42.64 15.27
CA LYS B 312 -11.35 42.12 16.22
C LYS B 312 -11.22 40.59 16.27
N GLU B 313 -10.83 40.07 17.44
CA GLU B 313 -10.71 38.65 17.69
C GLU B 313 -12.09 38.00 17.76
N VAL B 314 -12.24 36.80 17.17
CA VAL B 314 -13.46 36.00 17.15
C VAL B 314 -13.67 35.34 18.50
N THR B 315 -14.92 35.34 18.99
CA THR B 315 -15.26 34.69 20.25
C THR B 315 -16.25 33.57 19.97
N SER B 316 -16.43 32.69 20.97
CA SER B 316 -17.49 31.69 20.94
C SER B 316 -18.90 32.28 20.74
N LYS B 317 -19.15 33.45 21.35
CA LYS B 317 -20.47 34.09 21.20
C LYS B 317 -20.63 34.59 19.76
N ASP B 318 -19.57 35.13 19.17
CA ASP B 318 -19.54 35.42 17.73
C ASP B 318 -19.94 34.18 16.93
N LEU B 319 -19.28 33.06 17.21
CA LEU B 319 -19.56 31.84 16.47
C LEU B 319 -21.04 31.48 16.54
N GLU B 320 -21.65 31.55 17.73
CA GLU B 320 -23.04 31.13 17.87
C GLU B 320 -23.99 32.09 17.15
N ARG B 321 -23.68 33.38 17.22
CA ARG B 321 -24.52 34.37 16.58
C ARG B 321 -24.48 34.18 15.06
N GLU B 322 -23.27 33.97 14.51
CA GLU B 322 -23.08 33.93 13.06
C GLU B 322 -23.66 32.65 12.48
N VAL B 323 -23.57 31.54 13.21
CA VAL B 323 -24.16 30.28 12.78
C VAL B 323 -25.67 30.46 12.60
N LYS B 324 -26.29 31.18 13.54
CA LYS B 324 -27.73 31.35 13.48
C LYS B 324 -28.11 32.27 12.31
N GLN B 325 -27.34 33.33 12.07
CA GLN B 325 -27.60 34.28 10.99
C GLN B 325 -27.41 33.59 9.63
N ALA B 326 -26.39 32.73 9.54
CA ALA B 326 -26.07 32.07 8.28
C ALA B 326 -27.24 31.17 7.88
N THR B 327 -27.80 30.47 8.87
CA THR B 327 -28.88 29.51 8.63
C THR B 327 -30.13 30.24 8.18
N GLU B 328 -30.40 31.42 8.77
CA GLU B 328 -31.54 32.23 8.37
C GLU B 328 -31.40 32.62 6.90
N VAL B 329 -30.22 33.12 6.51
CA VAL B 329 -29.98 33.55 5.14
C VAL B 329 -30.07 32.37 4.16
N PHE B 330 -29.61 31.18 4.58
CA PHE B 330 -29.63 30.02 3.70
C PHE B 330 -31.07 29.69 3.32
N GLY B 331 -31.95 29.59 4.34
CA GLY B 331 -33.37 29.31 4.21
C GLY B 331 -34.08 30.31 3.28
N GLU B 332 -33.84 31.61 3.48
CA GLU B 332 -34.45 32.63 2.63
C GLU B 332 -33.98 32.42 1.19
N ARG B 333 -32.66 32.20 1.00
CA ARG B 333 -32.11 32.15 -0.34
C ARG B 333 -32.64 30.92 -1.10
N PHE B 334 -32.71 29.78 -0.42
CA PHE B 334 -33.19 28.53 -1.00
C PHE B 334 -34.62 28.68 -1.49
N ALA B 335 -35.47 29.36 -0.71
CA ALA B 335 -36.87 29.61 -1.07
C ALA B 335 -36.97 30.35 -2.40
N ARG B 336 -36.11 31.35 -2.63
CA ARG B 336 -36.10 32.14 -3.85
C ARG B 336 -35.50 31.35 -5.00
N VAL B 337 -34.33 30.72 -4.78
CA VAL B 337 -33.53 30.14 -5.85
C VAL B 337 -34.14 28.82 -6.31
N PHE B 338 -34.58 27.99 -5.36
CA PHE B 338 -35.12 26.68 -5.68
C PHE B 338 -36.59 26.61 -5.21
N ASP B 339 -37.45 27.34 -5.92
CA ASP B 339 -38.87 27.38 -5.65
C ASP B 339 -39.48 26.07 -6.19
N LEU B 340 -39.63 25.07 -5.32
CA LEU B 340 -40.04 23.77 -5.80
C LEU B 340 -41.49 23.84 -6.27
N LYS B 341 -41.81 23.16 -7.37
CA LYS B 341 -43.13 23.30 -7.99
C LYS B 341 -43.92 22.02 -7.74
N ALA B 342 -45.26 22.11 -7.86
CA ALA B 342 -46.09 20.94 -7.65
C ALA B 342 -45.57 19.77 -8.47
N PRO B 343 -45.69 18.50 -8.02
CA PRO B 343 -46.22 18.17 -6.69
C PRO B 343 -45.21 18.04 -5.55
N PHE B 344 -44.16 18.87 -5.56
CA PHE B 344 -43.04 18.69 -4.62
C PHE B 344 -42.89 19.91 -3.73
N GLN B 345 -44.02 20.54 -3.40
CA GLN B 345 -44.02 21.76 -2.61
C GLN B 345 -43.96 21.41 -1.12
N GLY B 346 -44.18 20.14 -0.76
CA GLY B 346 -44.25 19.74 0.63
C GLY B 346 -42.96 20.04 1.40
N ASP B 347 -43.07 20.05 2.74
CA ASP B 347 -41.93 20.28 3.62
C ASP B 347 -40.88 19.19 3.42
N ASN B 348 -41.33 17.95 3.18
CA ASN B 348 -40.47 16.78 3.02
C ASN B 348 -39.58 16.89 1.78
N TYR B 349 -40.10 17.47 0.70
CA TYR B 349 -39.34 17.63 -0.54
C TYR B 349 -38.35 18.78 -0.34
N LYS B 350 -38.79 19.81 0.39
CA LYS B 350 -37.95 20.94 0.70
C LYS B 350 -36.71 20.46 1.48
N LYS B 351 -36.92 19.56 2.45
CA LYS B 351 -35.82 19.01 3.24
C LYS B 351 -34.92 18.15 2.34
N PHE B 352 -35.54 17.35 1.47
CA PHE B 352 -34.78 16.57 0.51
C PHE B 352 -33.91 17.49 -0.36
N GLY B 353 -34.48 18.56 -0.89
CA GLY B 353 -33.81 19.45 -1.82
C GLY B 353 -32.64 20.19 -1.15
N LYS B 354 -32.80 20.54 0.13
CA LYS B 354 -31.75 21.30 0.80
C LYS B 354 -30.56 20.40 1.05
N SER B 355 -30.84 19.12 1.31
CA SER B 355 -29.79 18.14 1.55
C SER B 355 -29.01 17.88 0.26
N MET B 356 -29.72 17.58 -0.82
CA MET B 356 -29.08 17.32 -2.10
C MET B 356 -28.19 18.48 -2.53
N PHE B 357 -28.68 19.71 -2.37
CA PHE B 357 -27.99 20.90 -2.85
C PHE B 357 -26.80 21.20 -1.93
N SER B 358 -27.01 21.11 -0.61
CA SER B 358 -25.98 21.48 0.35
C SER B 358 -24.79 20.52 0.22
N ASN B 359 -25.09 19.24 -0.02
CA ASN B 359 -24.05 18.25 -0.23
C ASN B 359 -23.30 18.56 -1.53
N LEU B 360 -24.00 18.99 -2.58
CA LEU B 360 -23.31 19.33 -3.83
C LEU B 360 -22.35 20.49 -3.60
N ILE B 361 -22.88 21.62 -3.12
CA ILE B 361 -22.05 22.81 -3.05
C ILE B 361 -21.04 22.63 -1.92
N GLY B 362 -21.38 21.76 -0.96
CA GLY B 362 -20.47 21.50 0.15
C GLY B 362 -19.28 20.64 -0.26
N GLY B 363 -19.38 20.00 -1.43
CA GLY B 363 -18.29 19.16 -1.94
C GLY B 363 -17.11 19.97 -2.49
N ILE B 364 -17.22 21.31 -2.55
CA ILE B 364 -16.22 22.11 -3.24
C ILE B 364 -14.85 21.96 -2.56
N GLY B 365 -13.80 21.71 -3.35
CA GLY B 365 -12.48 21.56 -2.75
C GLY B 365 -11.49 22.51 -3.41
N TYR B 366 -10.41 22.87 -2.70
CA TYR B 366 -9.27 23.51 -3.32
C TYR B 366 -8.12 22.48 -3.40
N PHE B 367 -7.57 22.30 -4.61
CA PHE B 367 -6.54 21.32 -4.86
C PHE B 367 -5.30 22.00 -5.42
N TYR B 368 -4.12 21.53 -4.99
CA TYR B 368 -2.90 22.17 -5.46
C TYR B 368 -1.80 21.13 -5.53
N GLY B 369 -1.09 21.11 -6.66
CA GLY B 369 0.15 20.35 -6.76
C GLY B 369 0.43 19.95 -8.20
N HIS B 370 1.33 18.99 -8.41
CA HIS B 370 1.63 18.55 -9.76
C HIS B 370 0.60 17.55 -10.28
N SER B 371 0.53 17.46 -11.61
CA SER B 371 -0.32 16.56 -12.38
C SER B 371 0.61 15.62 -13.18
N LEU B 372 0.18 14.39 -13.49
CA LEU B 372 1.05 13.44 -14.20
C LEU B 372 0.56 13.33 -15.64
N VAL B 373 1.40 13.74 -16.61
CA VAL B 373 0.98 13.81 -18.00
C VAL B 373 2.05 13.17 -18.90
N ASP B 374 1.58 12.47 -19.94
CA ASP B 374 2.45 11.99 -21.01
C ASP B 374 2.50 13.07 -22.08
N ARG B 375 3.63 13.77 -22.17
CA ARG B 375 3.77 14.79 -23.19
C ARG B 375 4.65 14.29 -24.34
N SER B 376 4.62 12.98 -24.62
CA SER B 376 5.41 12.42 -25.72
C SER B 376 4.77 12.71 -27.08
N TYR B 377 3.42 12.73 -27.14
CA TYR B 377 2.74 12.96 -28.41
C TYR B 377 3.18 11.89 -29.40
N ALA B 378 3.32 10.68 -28.89
CA ALA B 378 3.70 9.51 -29.67
C ALA B 378 2.77 9.30 -30.85
N PRO B 379 3.32 8.86 -32.01
CA PRO B 379 2.54 8.63 -33.22
C PRO B 379 1.48 7.55 -33.05
N GLU B 380 1.73 6.59 -32.16
CA GLU B 380 0.69 5.63 -31.84
C GLU B 380 -0.62 6.31 -31.40
N TYR B 381 -0.50 7.42 -30.67
CA TYR B 381 -1.66 8.09 -30.08
C TYR B 381 -2.56 8.74 -31.15
N ASP B 382 -2.07 8.81 -32.40
CA ASP B 382 -2.87 9.27 -33.52
C ASP B 382 -3.99 8.27 -33.83
N GLU B 383 -3.86 7.02 -33.38
CA GLU B 383 -4.86 5.98 -33.58
C GLU B 383 -5.22 5.85 -35.07
N GLU B 384 -4.22 5.83 -35.97
CA GLU B 384 -4.50 5.70 -37.40
C GLU B 384 -4.79 4.27 -37.86
N ASN B 385 -4.34 3.25 -37.13
CA ASN B 385 -4.38 1.90 -37.67
C ASN B 385 -5.47 1.07 -36.99
N GLU B 386 -5.89 0.00 -37.66
CA GLU B 386 -6.65 -1.06 -37.01
C GLU B 386 -5.81 -1.58 -35.86
N GLY B 387 -6.47 -1.98 -34.76
CA GLY B 387 -5.74 -2.45 -33.58
C GLY B 387 -4.95 -1.33 -32.88
N PHE B 388 -5.43 -0.07 -33.01
CA PHE B 388 -4.71 1.07 -32.46
C PHE B 388 -4.54 0.96 -30.94
N TRP B 389 -5.46 0.26 -30.27
CA TRP B 389 -5.35 0.15 -28.81
C TRP B 389 -4.11 -0.65 -28.39
N GLU B 390 -3.70 -1.60 -29.23
CA GLU B 390 -2.47 -2.33 -28.94
C GLU B 390 -1.26 -1.41 -29.13
N ASP B 391 -1.27 -0.55 -30.16
CA ASP B 391 -0.21 0.41 -30.36
C ASP B 391 -0.13 1.40 -29.19
N ALA B 392 -1.29 1.83 -28.68
CA ALA B 392 -1.30 2.79 -27.57
C ALA B 392 -0.65 2.17 -26.33
N ALA B 393 -0.93 0.88 -26.10
CA ALA B 393 -0.37 0.16 -24.96
C ALA B 393 1.15 0.13 -25.05
N GLU B 394 1.69 -0.08 -26.26
CA GLU B 394 3.12 -0.03 -26.50
C GLU B 394 3.71 1.34 -26.19
N ALA B 395 3.04 2.43 -26.61
CA ALA B 395 3.59 3.74 -26.31
C ALA B 395 3.55 3.99 -24.80
N ARG B 396 2.49 3.53 -24.11
CA ARG B 396 2.43 3.79 -22.68
C ARG B 396 3.57 3.04 -21.98
N ALA B 397 3.90 1.86 -22.52
CA ALA B 397 4.97 1.03 -21.97
C ALA B 397 6.31 1.75 -22.03
N ARG B 398 6.43 2.81 -22.84
CA ARG B 398 7.69 3.55 -22.86
C ARG B 398 7.82 4.53 -21.68
N HIS B 399 6.75 4.72 -20.90
CA HIS B 399 6.82 5.48 -19.65
C HIS B 399 7.45 6.86 -19.80
N GLN B 400 6.94 7.65 -20.75
CA GLN B 400 7.43 9.01 -20.94
C GLN B 400 6.74 9.99 -19.99
N GLU B 401 5.69 9.56 -19.29
CA GLU B 401 4.97 10.57 -18.50
C GLU B 401 5.85 11.14 -17.39
N ALA B 402 5.56 12.40 -17.00
CA ALA B 402 6.27 13.11 -15.94
C ALA B 402 5.32 14.04 -15.17
N LEU B 403 5.75 14.47 -13.96
CA LEU B 403 4.95 15.42 -13.20
C LEU B 403 5.16 16.82 -13.76
N GLU B 404 4.09 17.61 -13.78
CA GLU B 404 4.20 18.97 -14.30
C GLU B 404 3.26 19.84 -13.49
N GLY B 405 3.51 21.14 -13.54
CA GLY B 405 2.80 22.07 -12.66
C GLY B 405 3.80 22.85 -11.81
N PRO B 406 3.47 23.23 -10.55
CA PRO B 406 2.21 22.85 -9.89
C PRO B 406 1.01 23.63 -10.44
N TYR B 407 -0.20 23.06 -10.32
CA TYR B 407 -1.44 23.66 -10.77
C TYR B 407 -2.35 23.81 -9.56
N GLU B 408 -3.37 24.67 -9.65
CA GLU B 408 -4.40 24.66 -8.63
C GLU B 408 -5.77 24.41 -9.29
N LEU B 409 -6.77 24.02 -8.49
CA LEU B 409 -8.12 23.88 -9.02
C LEU B 409 -9.10 24.05 -7.87
N PHE B 410 -10.05 24.97 -8.06
CA PHE B 410 -11.17 25.12 -7.14
C PHE B 410 -12.39 24.54 -7.86
N THR B 411 -13.04 23.52 -7.30
CA THR B 411 -14.02 22.76 -8.07
C THR B 411 -14.95 21.98 -7.14
N SER B 412 -16.21 21.75 -7.55
CA SER B 412 -16.95 20.72 -6.85
C SER B 412 -16.51 19.35 -7.36
N ILE B 413 -16.99 18.27 -6.72
CA ILE B 413 -16.47 16.92 -6.91
C ILE B 413 -17.63 15.97 -7.02
N PRO B 414 -17.48 14.80 -7.68
CA PRO B 414 -18.58 13.83 -7.72
C PRO B 414 -18.90 13.17 -6.37
N SER B 415 -17.88 12.91 -5.52
CA SER B 415 -18.07 12.06 -4.33
C SER B 415 -16.93 12.21 -3.34
N ARG B 416 -17.29 12.60 -2.11
CA ARG B 416 -16.26 12.76 -1.07
C ARG B 416 -15.52 11.45 -0.79
N PRO B 417 -16.19 10.29 -0.53
CA PRO B 417 -15.45 9.07 -0.18
C PRO B 417 -14.78 8.39 -1.38
N PHE B 418 -15.38 8.50 -2.57
CA PHE B 418 -14.92 7.71 -3.70
C PHE B 418 -14.14 8.49 -4.75
N PHE B 419 -14.60 9.72 -5.09
CA PHE B 419 -14.03 10.44 -6.22
C PHE B 419 -13.78 11.91 -5.85
N PRO B 420 -12.93 12.19 -4.84
CA PRO B 420 -12.81 13.56 -4.35
C PRO B 420 -11.82 14.36 -5.18
N ARG B 421 -12.13 14.59 -6.47
CA ARG B 421 -11.23 15.42 -7.28
C ARG B 421 -12.07 15.91 -8.46
N GLY B 422 -11.46 16.73 -9.33
CA GLY B 422 -12.17 17.35 -10.46
C GLY B 422 -12.35 16.37 -11.63
N PHE B 423 -13.59 16.26 -12.14
CA PHE B 423 -13.88 15.50 -13.35
C PHE B 423 -14.56 16.46 -14.35
N LEU B 424 -14.05 16.50 -15.58
CA LEU B 424 -14.29 17.62 -16.47
C LEU B 424 -15.76 17.64 -16.90
N TRP B 425 -16.33 16.53 -17.39
CA TRP B 425 -17.74 16.60 -17.81
C TRP B 425 -18.70 16.57 -16.61
N ASP B 426 -18.26 15.99 -15.47
CA ASP B 426 -19.14 16.06 -14.29
C ASP B 426 -19.39 17.51 -13.92
N GLU B 427 -18.34 18.33 -14.04
CA GLU B 427 -18.40 19.68 -13.50
C GLU B 427 -19.44 20.51 -14.25
N GLY B 428 -19.63 20.28 -15.55
CA GLY B 428 -20.68 21.06 -16.19
C GLY B 428 -22.05 20.79 -15.54
N PHE B 429 -22.29 19.54 -15.12
CA PHE B 429 -23.55 19.24 -14.46
C PHE B 429 -23.62 19.83 -13.05
N HIS B 430 -22.53 19.68 -12.27
CA HIS B 430 -22.49 20.25 -10.91
C HIS B 430 -22.84 21.73 -10.92
N LEU B 431 -22.30 22.49 -11.87
CA LEU B 431 -22.40 23.95 -11.79
C LEU B 431 -23.79 24.44 -12.19
N LEU B 432 -24.63 23.56 -12.75
CA LEU B 432 -25.96 24.05 -13.12
C LEU B 432 -26.77 24.49 -11.89
N PRO B 433 -26.92 23.69 -10.80
CA PRO B 433 -27.57 24.20 -9.57
C PRO B 433 -26.70 25.24 -8.87
N ILE B 434 -25.37 25.07 -8.95
CA ILE B 434 -24.53 26.04 -8.24
C ILE B 434 -24.67 27.44 -8.85
N ALA B 435 -24.70 27.52 -10.19
CA ALA B 435 -24.85 28.81 -10.86
C ALA B 435 -26.19 29.52 -10.53
N ASP B 436 -27.28 28.76 -10.34
CA ASP B 436 -28.56 29.34 -9.90
C ASP B 436 -28.38 30.00 -8.53
N TRP B 437 -27.61 29.36 -7.66
CA TRP B 437 -27.36 29.86 -6.30
C TRP B 437 -26.45 31.08 -6.32
N ASP B 438 -25.35 30.99 -7.10
CA ASP B 438 -24.25 31.94 -6.98
C ASP B 438 -23.50 31.92 -8.31
N ILE B 439 -23.94 32.76 -9.26
CA ILE B 439 -23.35 32.74 -10.59
C ILE B 439 -21.88 33.08 -10.49
N ASP B 440 -21.53 34.03 -9.59
CA ASP B 440 -20.14 34.45 -9.47
C ASP B 440 -19.24 33.29 -9.02
N LEU B 441 -19.77 32.43 -8.14
CA LEU B 441 -19.01 31.28 -7.68
C LEU B 441 -18.82 30.30 -8.84
N ALA B 442 -19.91 30.03 -9.59
CA ALA B 442 -19.79 29.17 -10.76
C ALA B 442 -18.74 29.70 -11.74
N LEU B 443 -18.75 31.02 -11.97
CA LEU B 443 -17.81 31.59 -12.93
C LEU B 443 -16.36 31.44 -12.45
N GLU B 444 -16.15 31.54 -11.14
CA GLU B 444 -14.80 31.35 -10.59
C GLU B 444 -14.34 29.91 -10.82
N ILE B 445 -15.27 28.94 -10.71
CA ILE B 445 -14.91 27.54 -10.90
C ILE B 445 -14.62 27.28 -12.38
N ILE B 446 -15.44 27.85 -13.27
CA ILE B 446 -15.18 27.74 -14.70
C ILE B 446 -13.80 28.30 -15.04
N LYS B 447 -13.45 29.47 -14.51
CA LYS B 447 -12.18 30.13 -14.79
C LYS B 447 -11.00 29.28 -14.27
N SER B 448 -11.21 28.66 -13.11
CA SER B 448 -10.22 27.77 -12.52
C SER B 448 -9.92 26.59 -13.47
N TRP B 449 -10.96 25.94 -13.97
CA TRP B 449 -10.77 24.83 -14.90
C TRP B 449 -10.08 25.32 -16.18
N TYR B 450 -10.57 26.42 -16.77
CA TYR B 450 -10.05 26.84 -18.06
C TYR B 450 -8.62 27.34 -17.92
N ASN B 451 -8.25 27.71 -16.70
CA ASN B 451 -6.86 28.06 -16.41
C ASN B 451 -5.92 26.85 -16.50
N LEU B 452 -6.46 25.63 -16.54
CA LEU B 452 -5.64 24.43 -16.69
C LEU B 452 -5.44 24.07 -18.17
N MET B 453 -6.09 24.78 -19.08
CA MET B 453 -6.01 24.43 -20.49
C MET B 453 -4.60 24.70 -21.02
N ASP B 454 -4.03 23.76 -21.80
CA ASP B 454 -2.69 23.96 -22.32
C ASP B 454 -2.74 24.82 -23.59
N GLU B 455 -1.58 25.05 -24.22
CA GLU B 455 -1.56 25.96 -25.36
C GLU B 455 -2.25 25.35 -26.57
N ASP B 456 -2.53 24.05 -26.58
CA ASP B 456 -3.24 23.46 -27.72
C ASP B 456 -4.75 23.45 -27.57
N GLY B 457 -5.24 23.59 -26.33
CA GLY B 457 -6.68 23.55 -26.06
C GLY B 457 -7.15 22.38 -25.23
N TRP B 458 -6.21 21.62 -24.62
CA TRP B 458 -6.53 20.41 -23.87
C TRP B 458 -6.59 20.72 -22.37
N ILE B 459 -7.65 20.23 -21.71
CA ILE B 459 -7.77 20.16 -20.25
C ILE B 459 -7.88 18.67 -19.92
N ALA B 460 -6.98 18.16 -19.04
CA ALA B 460 -7.10 16.75 -18.66
C ALA B 460 -8.49 16.48 -18.08
N ARG B 461 -9.07 15.31 -18.41
CA ARG B 461 -10.45 15.04 -18.02
C ARG B 461 -10.52 14.72 -16.53
N GLU B 462 -9.38 14.36 -15.89
CA GLU B 462 -9.39 14.03 -14.47
C GLU B 462 -8.22 14.75 -13.82
N GLN B 463 -8.51 15.64 -12.85
CA GLN B 463 -7.48 16.50 -12.31
C GLN B 463 -7.04 15.96 -10.94
N ILE B 464 -5.88 15.30 -10.90
CA ILE B 464 -5.34 14.76 -9.65
C ILE B 464 -4.14 15.64 -9.31
N LEU B 465 -4.31 16.63 -8.43
CA LEU B 465 -3.27 17.61 -8.20
C LEU B 465 -2.67 17.38 -6.80
N GLY B 466 -1.41 16.98 -6.74
CA GLY B 466 -0.72 16.85 -5.46
C GLY B 466 -0.68 15.41 -4.94
N ALA B 467 0.28 15.14 -4.05
CA ALA B 467 0.48 13.81 -3.48
C ALA B 467 -0.75 13.39 -2.69
N GLU B 468 -1.42 14.35 -2.01
CA GLU B 468 -2.59 13.98 -1.22
C GLU B 468 -3.64 13.39 -2.15
N ALA B 469 -3.89 14.04 -3.30
CA ALA B 469 -4.94 13.57 -4.22
C ALA B 469 -4.51 12.23 -4.83
N ARG B 470 -3.23 12.11 -5.16
CA ARG B 470 -2.68 10.97 -5.89
C ARG B 470 -2.76 9.70 -5.03
N SER B 471 -2.73 9.89 -3.70
CA SER B 471 -2.68 8.76 -2.78
C SER B 471 -3.97 7.94 -2.86
N LYS B 472 -5.05 8.51 -3.38
CA LYS B 472 -6.31 7.78 -3.45
C LYS B 472 -6.53 7.21 -4.84
N VAL B 473 -5.53 7.33 -5.74
CA VAL B 473 -5.76 6.92 -7.11
C VAL B 473 -4.78 5.80 -7.50
N PRO B 474 -5.24 4.61 -7.93
CA PRO B 474 -4.32 3.59 -8.45
C PRO B 474 -3.45 4.13 -9.58
N LYS B 475 -2.17 3.72 -9.59
CA LYS B 475 -1.20 4.33 -10.48
C LYS B 475 -1.67 4.22 -11.94
N GLU B 476 -2.33 3.13 -12.29
CA GLU B 476 -2.73 2.93 -13.68
C GLU B 476 -3.74 3.98 -14.17
N PHE B 477 -4.36 4.72 -13.24
CA PHE B 477 -5.31 5.77 -13.58
C PHE B 477 -4.73 7.17 -13.46
N GLN B 478 -3.47 7.33 -13.02
CA GLN B 478 -2.96 8.66 -12.72
C GLN B 478 -2.54 9.45 -13.98
N THR B 479 -1.94 8.81 -14.98
CA THR B 479 -1.41 9.58 -16.10
C THR B 479 -2.55 10.10 -16.99
N GLN B 480 -2.46 11.35 -17.40
CA GLN B 480 -3.47 11.92 -18.29
C GLN B 480 -2.85 12.09 -19.67
N TYR B 481 -3.67 11.92 -20.73
CA TYR B 481 -3.17 11.90 -22.10
C TYR B 481 -3.74 13.10 -22.85
N PRO B 482 -2.90 13.92 -23.52
CA PRO B 482 -3.37 15.10 -24.24
C PRO B 482 -4.22 14.88 -25.49
N HIS B 483 -4.50 13.63 -25.84
CA HIS B 483 -5.40 13.31 -26.95
C HIS B 483 -6.74 12.83 -26.42
N TYR B 484 -6.92 12.83 -25.10
CA TYR B 484 -8.15 12.32 -24.49
C TYR B 484 -9.08 13.46 -24.12
N ALA B 485 -10.29 13.41 -24.67
CA ALA B 485 -11.29 14.45 -24.47
C ALA B 485 -12.24 14.04 -23.35
N ASN B 486 -13.26 14.89 -23.11
CA ASN B 486 -14.39 14.58 -22.24
C ASN B 486 -15.51 15.50 -22.71
N PRO B 487 -16.81 15.16 -22.56
CA PRO B 487 -17.86 16.09 -22.96
C PRO B 487 -17.74 17.51 -22.42
N PRO B 488 -17.92 18.51 -23.31
CA PRO B 488 -17.74 19.91 -22.91
C PRO B 488 -19.02 20.46 -22.28
N THR B 489 -19.44 19.82 -21.18
CA THR B 489 -20.66 20.21 -20.49
C THR B 489 -20.52 21.59 -19.85
N LEU B 490 -19.29 22.07 -19.61
CA LEU B 490 -19.17 23.40 -19.02
C LEU B 490 -19.76 24.48 -19.94
N PHE B 491 -19.87 24.20 -21.24
CA PHE B 491 -20.55 25.14 -22.14
C PHE B 491 -22.04 25.26 -21.77
N LEU B 492 -22.64 24.19 -21.20
CA LEU B 492 -24.05 24.31 -20.83
C LEU B 492 -24.21 25.36 -19.72
N VAL B 493 -23.26 25.38 -18.78
CA VAL B 493 -23.30 26.42 -17.76
C VAL B 493 -23.18 27.81 -18.38
N LEU B 494 -22.29 27.97 -19.36
CA LEU B 494 -22.11 29.28 -19.94
C LEU B 494 -23.37 29.66 -20.72
N ASP B 495 -24.06 28.69 -21.33
CA ASP B 495 -25.29 29.00 -22.06
C ASP B 495 -26.30 29.64 -21.09
N ASN B 496 -26.39 29.13 -19.86
CA ASN B 496 -27.33 29.66 -18.88
C ASN B 496 -26.91 31.07 -18.46
N PHE B 497 -25.60 31.27 -18.27
CA PHE B 497 -25.06 32.58 -17.91
C PHE B 497 -25.39 33.59 -19.01
N VAL B 498 -25.17 33.20 -20.27
CA VAL B 498 -25.43 34.11 -21.38
C VAL B 498 -26.89 34.55 -21.37
N GLU B 499 -27.80 33.57 -21.15
CA GLU B 499 -29.23 33.81 -21.07
C GLU B 499 -29.53 34.88 -20.01
N ARG B 500 -28.92 34.73 -18.84
CA ARG B 500 -29.08 35.68 -17.75
C ARG B 500 -28.51 37.06 -18.09
N LEU B 501 -27.41 37.14 -18.84
CA LEU B 501 -26.86 38.43 -19.22
C LEU B 501 -27.84 39.17 -20.15
N ARG B 502 -28.58 38.42 -20.97
CA ARG B 502 -29.60 38.94 -21.87
C ARG B 502 -30.70 39.64 -21.07
N LYS B 503 -31.35 38.92 -20.14
CA LYS B 503 -32.32 39.53 -19.22
C LYS B 503 -31.84 40.93 -18.76
N THR B 520 -23.44 42.60 -2.81
CA THR B 520 -23.84 41.15 -2.83
C THR B 520 -23.11 40.43 -3.96
N LEU B 521 -21.98 39.82 -3.60
CA LEU B 521 -21.01 39.39 -4.57
C LEU B 521 -21.53 38.24 -5.43
N SER B 522 -22.49 37.50 -4.91
CA SER B 522 -23.06 36.34 -5.59
C SER B 522 -23.45 36.65 -7.03
N THR B 523 -23.99 37.86 -7.30
CA THR B 523 -24.52 38.15 -8.63
C THR B 523 -23.90 39.42 -9.22
N ALA B 524 -22.71 39.83 -8.75
CA ALA B 524 -22.19 41.12 -9.18
C ALA B 524 -21.90 41.11 -10.67
N SER B 525 -21.64 39.92 -11.22
CA SER B 525 -21.28 39.78 -12.62
C SER B 525 -22.50 39.90 -13.52
N VAL B 526 -23.70 39.68 -12.98
CA VAL B 526 -24.91 39.94 -13.77
C VAL B 526 -25.53 41.29 -13.39
N ASP B 527 -25.42 41.73 -12.13
CA ASP B 527 -26.12 42.94 -11.73
C ASP B 527 -25.56 44.16 -12.46
N ASN B 528 -24.26 44.14 -12.72
CA ASN B 528 -23.66 45.03 -13.70
C ASN B 528 -23.20 44.18 -14.87
N PRO B 529 -24.00 44.07 -15.96
CA PRO B 529 -23.72 43.09 -17.01
C PRO B 529 -22.44 43.38 -17.80
N GLU B 530 -21.87 44.58 -17.64
CA GLU B 530 -20.59 44.87 -18.29
C GLU B 530 -19.47 44.02 -17.65
N VAL B 531 -19.59 43.72 -16.36
CA VAL B 531 -18.69 42.81 -15.66
C VAL B 531 -18.76 41.41 -16.30
N GLY B 532 -19.99 40.88 -16.43
CA GLY B 532 -20.19 39.58 -17.05
C GLY B 532 -19.64 39.55 -18.48
N LEU B 533 -19.95 40.59 -19.25
CA LEU B 533 -19.47 40.68 -20.63
C LEU B 533 -17.93 40.69 -20.68
N GLU B 534 -17.27 41.41 -19.77
CA GLU B 534 -15.82 41.40 -19.78
C GLU B 534 -15.29 40.00 -19.44
N TYR B 535 -15.90 39.32 -18.46
CA TYR B 535 -15.55 37.95 -18.14
C TYR B 535 -15.57 37.08 -19.40
N LEU B 536 -16.66 37.19 -20.17
CA LEU B 536 -16.83 36.38 -21.37
C LEU B 536 -15.80 36.78 -22.43
N ARG B 537 -15.48 38.06 -22.49
CA ARG B 537 -14.51 38.51 -23.47
C ARG B 537 -13.16 37.86 -23.19
N ARG B 538 -12.83 37.70 -21.91
CA ARG B 538 -11.57 37.08 -21.53
C ARG B 538 -11.58 35.56 -21.75
N LEU B 539 -12.73 34.89 -21.59
CA LEU B 539 -12.79 33.44 -21.65
C LEU B 539 -12.95 32.97 -23.10
N TYR B 540 -13.61 33.78 -23.93
CA TYR B 540 -13.97 33.43 -25.30
C TYR B 540 -12.81 32.83 -26.10
N PRO B 541 -11.58 33.42 -26.08
CA PRO B 541 -10.45 32.86 -26.83
C PRO B 541 -10.10 31.43 -26.38
N LEU B 542 -10.31 31.11 -25.11
CA LEU B 542 -10.01 29.76 -24.64
C LEU B 542 -11.12 28.82 -25.09
N LEU B 543 -12.38 29.27 -25.07
CA LEU B 543 -13.45 28.43 -25.58
C LEU B 543 -13.21 28.07 -27.06
N ARG B 544 -12.87 29.06 -27.87
CA ARG B 544 -12.51 28.82 -29.27
C ARG B 544 -11.32 27.86 -29.39
N ARG B 545 -10.30 28.06 -28.56
CA ARG B 545 -9.13 27.18 -28.61
C ARG B 545 -9.56 25.74 -28.33
N GLN B 546 -10.52 25.57 -27.42
CA GLN B 546 -10.91 24.22 -27.07
C GLN B 546 -11.74 23.61 -28.20
N PHE B 547 -12.58 24.44 -28.83
CA PHE B 547 -13.39 23.99 -29.96
C PHE B 547 -12.46 23.53 -31.11
N ASP B 548 -11.50 24.38 -31.46
CA ASP B 548 -10.53 24.04 -32.49
C ASP B 548 -9.82 22.72 -32.13
N TRP B 549 -9.51 22.53 -30.83
CA TRP B 549 -8.80 21.35 -30.35
C TRP B 549 -9.63 20.09 -30.60
N PHE B 550 -10.94 20.17 -30.29
CA PHE B 550 -11.84 19.05 -30.55
C PHE B 550 -11.80 18.72 -32.04
N ARG B 551 -11.93 19.75 -32.88
CA ARG B 551 -12.17 19.45 -34.29
C ARG B 551 -10.87 18.90 -34.91
N LYS B 552 -9.72 19.29 -34.37
CA LYS B 552 -8.44 18.78 -34.87
C LYS B 552 -8.15 17.37 -34.35
N THR B 553 -8.24 17.14 -33.02
CA THR B 553 -7.71 15.91 -32.40
C THR B 553 -8.75 14.80 -32.36
N GLN B 554 -10.05 15.15 -32.38
CA GLN B 554 -11.06 14.11 -32.35
C GLN B 554 -11.74 13.96 -33.73
N ALA B 555 -11.06 14.38 -34.80
CA ALA B 555 -11.64 14.26 -36.14
C ALA B 555 -11.89 12.79 -36.49
N GLY B 556 -13.04 12.52 -37.12
CA GLY B 556 -13.30 11.22 -37.74
C GLY B 556 -12.98 11.27 -39.25
N ASP B 557 -13.04 10.11 -39.92
CA ASP B 557 -12.54 9.97 -41.29
C ASP B 557 -13.71 9.73 -42.24
N ILE B 558 -13.98 10.69 -43.12
CA ILE B 558 -14.94 10.52 -44.22
C ILE B 558 -14.20 10.19 -45.53
N LYS B 559 -13.10 10.92 -45.81
CA LYS B 559 -12.37 10.97 -47.07
C LYS B 559 -11.82 9.59 -47.47
N SER B 560 -11.21 8.86 -46.52
CA SER B 560 -10.45 7.64 -46.80
C SER B 560 -11.34 6.47 -47.18
N TYR B 561 -12.65 6.56 -46.91
CA TYR B 561 -13.53 5.43 -47.09
C TYR B 561 -14.61 5.74 -48.12
N ASP B 562 -15.48 4.74 -48.34
CA ASP B 562 -16.58 4.93 -49.26
C ASP B 562 -17.76 5.55 -48.51
N ARG B 563 -17.66 6.85 -48.20
CA ARG B 563 -18.65 7.51 -47.37
C ARG B 563 -19.17 8.72 -48.13
N GLU B 564 -20.49 8.85 -48.21
CA GLU B 564 -21.12 10.00 -48.85
C GLU B 564 -21.82 10.82 -47.78
N ALA B 565 -21.60 12.13 -47.78
CA ALA B 565 -22.22 12.97 -46.77
C ALA B 565 -22.33 14.38 -47.33
N TYR B 566 -23.31 15.13 -46.81
CA TYR B 566 -23.46 16.52 -47.14
C TYR B 566 -22.14 17.28 -46.98
N SER B 567 -21.41 17.02 -45.88
CA SER B 567 -20.14 17.69 -45.65
C SER B 567 -19.08 16.61 -45.54
N THR B 568 -17.90 16.86 -46.12
CA THR B 568 -16.81 15.90 -45.99
C THR B 568 -15.92 16.26 -44.80
N LYS B 569 -16.32 17.26 -44.00
CA LYS B 569 -15.47 17.72 -42.89
C LYS B 569 -16.02 17.30 -41.51
N GLU B 570 -17.35 17.29 -41.34
CA GLU B 570 -17.95 17.17 -40.00
C GLU B 570 -18.22 15.70 -39.67
N ALA B 571 -17.31 15.12 -38.87
CA ALA B 571 -17.38 13.75 -38.40
C ALA B 571 -16.32 13.60 -37.32
N TYR B 572 -16.60 12.76 -36.32
CA TYR B 572 -15.89 12.81 -35.06
C TYR B 572 -15.78 11.39 -34.50
N ARG B 573 -14.64 11.13 -33.82
CA ARG B 573 -14.37 9.81 -33.27
C ARG B 573 -13.61 10.01 -31.94
N TRP B 574 -14.17 9.50 -30.84
CA TRP B 574 -13.52 9.67 -29.54
C TRP B 574 -12.18 8.94 -29.61
N ARG B 575 -11.09 9.66 -29.33
CA ARG B 575 -9.83 8.98 -29.08
C ARG B 575 -9.89 8.25 -27.73
N GLY B 576 -9.13 7.16 -27.58
CA GLY B 576 -8.88 6.57 -26.28
C GLY B 576 -9.73 5.34 -26.03
N ARG B 577 -10.36 4.78 -27.09
CA ARG B 577 -11.17 3.63 -26.76
C ARG B 577 -10.33 2.36 -26.64
N THR B 578 -10.88 1.40 -25.89
CA THR B 578 -10.29 0.06 -25.80
C THR B 578 -11.37 -0.93 -26.23
N VAL B 579 -11.11 -2.23 -26.16
CA VAL B 579 -12.01 -3.20 -26.76
C VAL B 579 -13.41 -3.13 -26.17
N SER B 580 -13.53 -2.88 -24.85
CA SER B 580 -14.85 -2.96 -24.22
C SER B 580 -15.35 -1.63 -23.63
N HIS B 581 -14.63 -0.53 -23.87
CA HIS B 581 -14.91 0.74 -23.18
C HIS B 581 -14.70 1.92 -24.12
N CYS B 582 -15.28 3.07 -23.73
CA CYS B 582 -14.93 4.37 -24.27
C CYS B 582 -15.03 5.39 -23.14
N LEU B 583 -13.95 5.47 -22.33
CA LEU B 583 -13.95 6.22 -21.07
C LEU B 583 -14.03 7.73 -21.31
N THR B 584 -13.39 8.20 -22.38
CA THR B 584 -13.37 9.62 -22.70
C THR B 584 -14.79 10.14 -22.98
N SER B 585 -15.69 9.30 -23.51
CA SER B 585 -17.02 9.80 -23.82
C SER B 585 -17.81 10.04 -22.53
N GLY B 586 -17.36 9.42 -21.44
CA GLY B 586 -18.12 9.53 -20.18
C GLY B 586 -19.02 8.33 -19.92
N LEU B 587 -19.45 7.64 -20.98
CA LEU B 587 -20.37 6.52 -20.81
C LEU B 587 -19.55 5.24 -20.94
N ASP B 588 -18.77 4.97 -19.87
CA ASP B 588 -17.61 4.08 -19.83
C ASP B 588 -17.81 2.83 -20.68
N ASP B 589 -18.88 2.05 -20.43
CA ASP B 589 -19.03 0.74 -21.09
C ASP B 589 -20.29 0.66 -21.95
N TYR B 590 -20.91 1.80 -22.30
CA TYR B 590 -21.98 1.76 -23.29
C TYR B 590 -21.46 1.02 -24.53
N PRO B 591 -22.25 0.10 -25.13
CA PRO B 591 -21.77 -0.68 -26.26
C PRO B 591 -21.47 0.23 -27.45
N ARG B 592 -20.32 -0.03 -28.09
CA ARG B 592 -19.77 0.75 -29.19
C ARG B 592 -19.46 -0.23 -30.31
N PRO B 593 -19.09 0.21 -31.54
CA PRO B 593 -18.78 -0.74 -32.63
C PRO B 593 -17.68 -1.72 -32.23
N GLN B 594 -17.81 -2.97 -32.68
CA GLN B 594 -16.85 -4.03 -32.35
C GLN B 594 -16.23 -4.56 -33.64
N PRO B 595 -14.90 -4.51 -33.82
CA PRO B 595 -13.97 -4.04 -32.79
C PRO B 595 -13.88 -2.51 -32.87
N PRO B 596 -13.11 -1.85 -31.99
CA PRO B 596 -12.81 -0.43 -32.20
C PRO B 596 -12.03 -0.35 -33.50
N HIS B 597 -12.09 0.79 -34.20
CA HIS B 597 -11.58 0.90 -35.56
C HIS B 597 -11.38 2.38 -35.85
N PRO B 598 -10.32 2.77 -36.57
CA PRO B 598 -10.12 4.18 -36.92
C PRO B 598 -11.21 4.79 -37.80
N GLY B 599 -12.06 3.95 -38.43
CA GLY B 599 -13.19 4.41 -39.23
C GLY B 599 -14.48 4.58 -38.42
N GLU B 600 -14.42 4.46 -37.08
CA GLU B 600 -15.60 4.65 -36.24
C GLU B 600 -16.03 6.11 -36.26
N LEU B 601 -17.33 6.33 -36.05
CA LEU B 601 -17.84 7.67 -35.86
C LEU B 601 -18.82 7.59 -34.70
N HIS B 602 -18.69 8.55 -33.78
CA HIS B 602 -19.50 8.50 -32.57
C HIS B 602 -20.50 9.64 -32.63
N VAL B 603 -21.79 9.32 -32.50
CA VAL B 603 -22.82 10.34 -32.69
C VAL B 603 -22.89 11.30 -31.49
N ASP B 604 -22.56 10.78 -30.28
CA ASP B 604 -22.58 11.66 -29.12
C ASP B 604 -21.48 12.72 -29.25
N LEU B 605 -20.32 12.35 -29.78
CA LEU B 605 -19.25 13.34 -29.89
C LEU B 605 -19.65 14.43 -30.90
N MET B 606 -20.20 14.00 -32.04
CA MET B 606 -20.65 14.99 -33.01
C MET B 606 -21.68 15.92 -32.36
N SER B 607 -22.62 15.36 -31.59
CA SER B 607 -23.58 16.17 -30.86
C SER B 607 -22.89 17.20 -29.95
N TRP B 608 -21.86 16.79 -29.19
CA TRP B 608 -21.18 17.74 -28.31
C TRP B 608 -20.53 18.86 -29.12
N VAL B 609 -19.96 18.55 -30.29
CA VAL B 609 -19.40 19.62 -31.11
C VAL B 609 -20.51 20.60 -31.53
N GLY B 610 -21.70 20.06 -31.87
CA GLY B 610 -22.91 20.88 -32.05
C GLY B 610 -23.18 21.84 -30.88
N VAL B 611 -23.19 21.32 -29.65
CA VAL B 611 -23.39 22.14 -28.45
C VAL B 611 -22.38 23.28 -28.43
N MET B 612 -21.12 22.94 -28.72
CA MET B 612 -20.07 23.94 -28.55
C MET B 612 -20.28 25.02 -29.60
N VAL B 613 -20.58 24.62 -30.84
CA VAL B 613 -20.69 25.65 -31.86
C VAL B 613 -21.88 26.58 -31.59
N LYS B 614 -22.98 26.03 -31.06
CA LYS B 614 -24.13 26.86 -30.67
C LYS B 614 -23.76 27.87 -29.59
N SER B 615 -23.02 27.42 -28.56
CA SER B 615 -22.56 28.35 -27.54
C SER B 615 -21.70 29.44 -28.15
N LEU B 616 -20.81 29.06 -29.08
CA LEU B 616 -19.86 30.05 -29.59
C LEU B 616 -20.58 31.06 -30.48
N ILE B 617 -21.60 30.62 -31.23
CA ILE B 617 -22.48 31.56 -31.93
C ILE B 617 -23.06 32.60 -30.96
N SER B 618 -23.62 32.15 -29.83
CA SER B 618 -24.24 33.07 -28.88
C SER B 618 -23.22 34.04 -28.30
N ILE B 619 -22.10 33.47 -27.80
CA ILE B 619 -21.14 34.30 -27.10
C ILE B 619 -20.49 35.25 -28.11
N GLY B 620 -20.12 34.69 -29.28
CA GLY B 620 -19.50 35.49 -30.32
C GLY B 620 -20.42 36.65 -30.71
N SER B 621 -21.72 36.37 -30.87
CA SER B 621 -22.64 37.45 -31.21
C SER B 621 -22.68 38.53 -30.13
N LEU B 622 -22.70 38.14 -28.84
CA LEU B 622 -22.68 39.09 -27.73
C LEU B 622 -21.41 39.94 -27.76
N LEU B 623 -20.31 39.37 -28.21
CA LEU B 623 -19.03 40.07 -28.17
C LEU B 623 -18.78 40.84 -29.47
N GLY B 624 -19.64 40.64 -30.49
CA GLY B 624 -19.44 41.29 -31.78
C GLY B 624 -18.31 40.69 -32.62
N ALA B 625 -18.04 39.39 -32.45
CA ALA B 625 -17.05 38.68 -33.27
C ALA B 625 -17.67 38.26 -34.61
N THR B 626 -17.95 39.26 -35.45
CA THR B 626 -18.69 39.01 -36.68
C THR B 626 -17.87 38.11 -37.59
N GLU B 627 -16.54 38.19 -37.48
CA GLU B 627 -15.65 37.37 -38.30
C GLU B 627 -15.80 35.86 -38.00
N ASP B 628 -16.22 35.47 -36.79
CA ASP B 628 -16.30 34.07 -36.39
C ASP B 628 -17.67 33.48 -36.74
N VAL B 629 -18.65 34.38 -36.85
CA VAL B 629 -20.06 34.06 -36.96
C VAL B 629 -20.29 33.21 -38.21
N GLU B 630 -19.58 33.54 -39.29
CA GLU B 630 -19.76 32.90 -40.58
C GLU B 630 -19.23 31.46 -40.57
N PHE B 631 -18.08 31.26 -39.93
CA PHE B 631 -17.48 29.94 -39.84
C PHE B 631 -18.38 29.03 -38.98
N TYR B 632 -18.82 29.54 -37.83
CA TYR B 632 -19.63 28.78 -36.89
C TYR B 632 -20.94 28.37 -37.56
N THR B 633 -21.52 29.30 -38.33
CA THR B 633 -22.75 29.09 -39.09
C THR B 633 -22.62 27.91 -40.04
N LYS B 634 -21.49 27.85 -40.75
CA LYS B 634 -21.26 26.77 -41.70
C LYS B 634 -21.07 25.44 -40.97
N VAL B 635 -20.36 25.46 -39.84
CA VAL B 635 -20.10 24.23 -39.11
C VAL B 635 -21.42 23.66 -38.57
N LEU B 636 -22.26 24.51 -38.01
CA LEU B 636 -23.51 24.01 -37.42
C LEU B 636 -24.39 23.41 -38.53
N ASP B 637 -24.46 24.08 -39.67
CA ASP B 637 -25.27 23.58 -40.79
C ASP B 637 -24.75 22.20 -41.23
N ALA B 638 -23.42 22.04 -41.31
CA ALA B 638 -22.79 20.80 -41.74
C ALA B 638 -23.10 19.67 -40.74
N ILE B 639 -23.07 19.99 -39.45
CA ILE B 639 -23.35 19.02 -38.41
C ILE B 639 -24.80 18.54 -38.48
N GLU B 640 -25.74 19.48 -38.65
CA GLU B 640 -27.16 19.13 -38.66
C GLU B 640 -27.42 18.16 -39.81
N HIS B 641 -26.76 18.39 -40.94
CA HIS B 641 -26.91 17.50 -42.08
C HIS B 641 -26.20 16.15 -41.87
N ASN B 642 -24.95 16.21 -41.40
CA ASN B 642 -24.12 15.01 -41.30
C ASN B 642 -24.62 14.09 -40.19
N LEU B 643 -25.28 14.65 -39.16
CA LEU B 643 -25.91 13.78 -38.18
C LEU B 643 -26.89 12.86 -38.89
N ASP B 644 -27.61 13.40 -39.88
CA ASP B 644 -28.58 12.59 -40.60
C ASP B 644 -27.87 11.61 -41.53
N ASP B 645 -26.93 12.14 -42.35
CA ASP B 645 -26.30 11.34 -43.39
C ASP B 645 -25.46 10.20 -42.78
N LEU B 646 -24.72 10.48 -41.69
CA LEU B 646 -23.77 9.51 -41.18
C LEU B 646 -24.33 8.65 -40.04
N HIS B 647 -25.39 9.11 -39.34
CA HIS B 647 -25.78 8.48 -38.09
C HIS B 647 -27.27 8.15 -37.97
N TRP B 648 -28.13 8.58 -38.90
CA TRP B 648 -29.55 8.25 -38.72
C TRP B 648 -29.86 6.88 -39.30
N SER B 649 -30.56 6.03 -38.53
CA SER B 649 -31.06 4.76 -39.04
C SER B 649 -32.57 4.82 -39.25
N GLU B 650 -32.98 4.81 -40.51
CA GLU B 650 -34.40 4.74 -40.84
C GLU B 650 -34.99 3.44 -40.30
N LYS B 651 -34.30 2.33 -40.53
CA LYS B 651 -34.70 1.03 -40.00
C LYS B 651 -35.00 1.09 -38.50
N GLU B 652 -34.04 1.58 -37.69
CA GLU B 652 -34.16 1.45 -36.24
C GLU B 652 -34.98 2.60 -35.64
N GLY B 653 -35.13 3.69 -36.39
CA GLY B 653 -35.82 4.88 -35.89
C GLY B 653 -35.04 5.63 -34.80
N CYS B 654 -33.71 5.70 -34.93
N CYS B 654 -33.71 5.68 -34.91
CA CYS B 654 -32.85 6.37 -33.96
CA CYS B 654 -32.89 6.45 -33.98
C CYS B 654 -31.51 6.71 -34.60
C CYS B 654 -31.51 6.69 -34.58
N TYR B 655 -30.67 7.46 -33.87
CA TYR B 655 -29.28 7.66 -34.24
C TYR B 655 -28.42 6.50 -33.74
N CYS B 656 -27.31 6.26 -34.45
CA CYS B 656 -26.40 5.17 -34.17
C CYS B 656 -24.99 5.65 -34.41
N ASP B 657 -24.03 5.07 -33.67
CA ASP B 657 -22.61 5.22 -34.01
C ASP B 657 -22.37 4.53 -35.34
N ALA B 658 -21.26 4.86 -36.02
CA ALA B 658 -20.99 4.15 -37.28
C ALA B 658 -19.60 3.53 -37.21
N THR B 659 -19.34 2.61 -38.13
CA THR B 659 -17.99 2.07 -38.26
C THR B 659 -17.71 1.70 -39.72
N ILE B 660 -16.49 1.21 -39.98
CA ILE B 660 -16.13 0.60 -41.25
C ILE B 660 -16.03 -0.90 -41.01
N ASP B 661 -16.85 -1.72 -41.72
CA ASP B 661 -16.93 -3.11 -41.30
C ASP B 661 -15.78 -3.93 -41.91
N GLU B 662 -15.88 -5.26 -41.78
CA GLU B 662 -14.81 -6.14 -42.26
C GLU B 662 -14.76 -6.15 -43.79
N PHE B 663 -15.82 -5.67 -44.45
CA PHE B 663 -15.86 -5.60 -45.90
C PHE B 663 -15.49 -4.20 -46.38
N GLU B 664 -14.96 -3.36 -45.48
CA GLU B 664 -14.61 -1.98 -45.79
C GLU B 664 -15.84 -1.13 -46.12
N GLU B 665 -17.01 -1.46 -45.53
CA GLU B 665 -18.20 -0.66 -45.81
C GLU B 665 -18.65 0.16 -44.59
N HIS B 666 -19.22 1.34 -44.86
CA HIS B 666 -19.88 2.16 -43.84
C HIS B 666 -21.06 1.38 -43.27
N LYS B 667 -21.05 1.23 -41.95
CA LYS B 667 -22.10 0.44 -41.31
C LYS B 667 -22.54 1.12 -40.02
N LEU B 668 -23.86 1.24 -39.84
CA LEU B 668 -24.44 1.76 -38.61
C LEU B 668 -24.49 0.63 -37.59
N VAL B 669 -24.17 0.98 -36.34
CA VAL B 669 -24.13 0.05 -35.23
C VAL B 669 -25.11 0.57 -34.19
N CYS B 670 -26.33 0.05 -34.23
CA CYS B 670 -27.41 0.61 -33.44
C CYS B 670 -27.51 -0.15 -32.11
N HIS B 671 -27.41 0.60 -31.01
CA HIS B 671 -27.67 0.06 -29.68
C HIS B 671 -28.60 1.03 -28.98
N LYS B 672 -29.90 0.73 -28.98
CA LYS B 672 -30.90 1.69 -28.57
C LYS B 672 -30.72 2.03 -27.09
N GLY B 673 -30.48 3.31 -26.79
CA GLY B 673 -30.28 3.74 -25.41
C GLY B 673 -29.82 5.19 -25.38
N TYR B 674 -29.08 5.60 -24.34
CA TYR B 674 -28.78 7.03 -24.24
C TYR B 674 -28.10 7.54 -25.51
N ILE B 675 -27.12 6.79 -26.04
CA ILE B 675 -26.38 7.28 -27.19
C ILE B 675 -27.29 7.58 -28.40
N SER B 676 -28.35 6.76 -28.55
CA SER B 676 -29.30 6.84 -29.65
C SER B 676 -30.06 8.17 -29.66
N LEU B 677 -30.12 8.83 -28.49
CA LEU B 677 -30.93 10.01 -28.25
C LEU B 677 -30.13 11.30 -28.35
N PHE B 678 -28.81 11.18 -28.56
CA PHE B 678 -27.91 12.29 -28.27
C PHE B 678 -28.27 13.61 -28.96
N PRO B 679 -28.58 13.64 -30.29
CA PRO B 679 -28.96 14.90 -30.94
C PRO B 679 -30.17 15.58 -30.29
N PHE B 680 -31.05 14.77 -29.69
CA PHE B 680 -32.16 15.32 -28.94
C PHE B 680 -31.69 15.84 -27.58
N LEU B 681 -30.87 15.05 -26.87
CA LEU B 681 -30.43 15.40 -25.51
C LEU B 681 -29.64 16.71 -25.50
N THR B 682 -28.94 17.01 -26.60
CA THR B 682 -28.08 18.16 -26.67
C THR B 682 -28.76 19.34 -27.38
N GLY B 683 -30.03 19.16 -27.80
CA GLY B 683 -30.78 20.33 -28.18
C GLY B 683 -30.58 20.69 -29.66
N LEU B 684 -30.18 19.71 -30.47
CA LEU B 684 -29.85 19.99 -31.86
C LEU B 684 -31.05 19.82 -32.81
N LEU B 685 -32.16 19.24 -32.36
CA LEU B 685 -33.24 18.95 -33.31
C LEU B 685 -34.29 20.05 -33.22
N LYS B 686 -34.85 20.40 -34.39
CA LYS B 686 -35.93 21.38 -34.44
C LYS B 686 -37.25 20.71 -34.01
N PRO B 687 -38.22 21.44 -33.45
CA PRO B 687 -39.49 20.84 -33.03
C PRO B 687 -40.35 20.22 -34.14
N ASP B 688 -40.04 20.51 -35.40
CA ASP B 688 -40.83 19.96 -36.49
C ASP B 688 -40.07 18.79 -37.12
N SER B 689 -39.00 18.31 -36.47
CA SER B 689 -38.24 17.19 -37.03
C SER B 689 -39.00 15.86 -36.89
N PRO B 690 -39.24 15.08 -37.97
CA PRO B 690 -39.87 13.77 -37.82
C PRO B 690 -38.96 12.78 -37.10
N LYS B 691 -37.65 13.09 -37.12
CA LYS B 691 -36.69 12.29 -36.39
C LYS B 691 -36.96 12.46 -34.91
N LEU B 692 -37.33 13.69 -34.53
CA LEU B 692 -37.64 13.97 -33.14
C LEU B 692 -38.83 13.12 -32.68
N GLY B 693 -39.89 13.03 -33.52
CA GLY B 693 -41.02 12.19 -33.18
C GLY B 693 -40.68 10.71 -32.92
N LYS B 694 -39.83 10.10 -33.75
CA LYS B 694 -39.36 8.72 -33.54
C LYS B 694 -38.61 8.59 -32.21
N LEU B 695 -37.80 9.61 -31.90
CA LEU B 695 -37.04 9.52 -30.65
C LEU B 695 -38.00 9.60 -29.47
N LEU B 696 -39.03 10.43 -29.58
CA LEU B 696 -39.99 10.55 -28.50
C LEU B 696 -40.72 9.21 -28.30
N ALA B 697 -41.06 8.56 -29.42
CA ALA B 697 -41.70 7.25 -29.40
C ALA B 697 -40.81 6.24 -28.65
N LEU B 698 -39.50 6.24 -28.94
CA LEU B 698 -38.54 5.35 -28.28
C LEU B 698 -38.41 5.66 -26.78
N ILE B 699 -38.30 6.95 -26.42
CA ILE B 699 -38.15 7.37 -25.03
C ILE B 699 -39.35 6.89 -24.22
N GLY B 700 -40.55 6.97 -24.83
CA GLY B 700 -41.80 6.66 -24.16
C GLY B 700 -42.14 5.17 -24.15
N ASP B 701 -41.31 4.36 -24.81
CA ASP B 701 -41.61 2.94 -25.00
C ASP B 701 -41.13 2.14 -23.78
N GLU B 702 -42.10 1.65 -22.96
CA GLU B 702 -41.81 0.85 -21.77
C GLU B 702 -41.01 -0.42 -22.11
N SER B 703 -41.19 -0.94 -23.32
CA SER B 703 -40.45 -2.15 -23.69
C SER B 703 -38.99 -1.86 -24.04
N GLU B 704 -38.63 -0.58 -24.20
CA GLU B 704 -37.27 -0.17 -24.57
C GLU B 704 -36.63 0.60 -23.42
N LEU B 705 -36.93 1.90 -23.28
CA LEU B 705 -36.16 2.79 -22.41
C LEU B 705 -36.93 3.23 -21.17
N TRP B 706 -38.27 3.18 -21.24
CA TRP B 706 -39.10 3.81 -20.22
C TRP B 706 -39.35 2.84 -19.06
N SER B 707 -38.70 3.08 -17.90
CA SER B 707 -38.94 2.30 -16.70
C SER B 707 -39.79 3.12 -15.74
N PRO B 708 -40.36 2.52 -14.66
CA PRO B 708 -41.07 3.31 -13.67
C PRO B 708 -40.21 4.35 -12.94
N TYR B 709 -38.90 4.27 -13.15
CA TYR B 709 -37.91 4.97 -12.33
C TYR B 709 -37.08 5.97 -13.14
N GLY B 710 -37.37 6.07 -14.45
CA GLY B 710 -36.60 6.95 -15.32
C GLY B 710 -36.16 6.19 -16.57
N LEU B 711 -35.44 6.88 -17.48
CA LEU B 711 -34.94 6.30 -18.70
C LEU B 711 -33.74 5.40 -18.41
N ARG B 712 -33.87 4.13 -18.85
CA ARG B 712 -32.80 3.15 -18.88
C ARG B 712 -31.66 3.61 -19.80
N SER B 713 -30.39 3.38 -19.40
CA SER B 713 -29.23 3.76 -20.20
C SER B 713 -29.17 2.96 -21.49
N LEU B 714 -29.70 1.74 -21.42
CA LEU B 714 -29.69 0.83 -22.56
C LEU B 714 -31.02 0.11 -22.58
N SER B 715 -31.58 -0.11 -23.78
CA SER B 715 -32.89 -0.72 -23.92
C SER B 715 -32.88 -2.18 -23.45
N LYS B 716 -34.02 -2.61 -22.86
CA LYS B 716 -34.25 -4.00 -22.45
C LYS B 716 -34.06 -4.94 -23.63
N LYS B 717 -34.36 -4.44 -24.85
CA LYS B 717 -34.30 -5.27 -26.04
C LYS B 717 -32.87 -5.39 -26.59
N ASP B 718 -31.91 -4.58 -26.10
CA ASP B 718 -30.57 -4.64 -26.68
C ASP B 718 -29.88 -5.93 -26.25
N GLU B 719 -29.02 -6.45 -27.12
CA GLU B 719 -28.36 -7.70 -26.83
C GLU B 719 -27.39 -7.55 -25.66
N PHE B 720 -26.97 -6.31 -25.36
CA PHE B 720 -26.00 -6.12 -24.28
C PHE B 720 -26.65 -5.68 -22.97
N TYR B 721 -27.99 -5.70 -22.92
CA TYR B 721 -28.71 -5.20 -21.77
C TYR B 721 -28.29 -5.99 -20.55
N GLY B 722 -27.78 -5.30 -19.52
CA GLY B 722 -27.49 -5.93 -18.24
C GLY B 722 -26.19 -6.72 -18.22
N THR B 723 -25.39 -6.67 -19.29
CA THR B 723 -24.18 -7.50 -19.42
C THR B 723 -22.91 -6.84 -18.85
N ALA B 724 -21.88 -7.68 -18.64
CA ALA B 724 -20.56 -7.29 -18.14
C ALA B 724 -20.68 -6.53 -16.81
N GLU B 725 -20.00 -5.36 -16.69
CA GLU B 725 -20.10 -4.59 -15.46
C GLU B 725 -21.43 -3.84 -15.41
N ASN B 726 -22.21 -3.81 -16.52
CA ASN B 726 -23.56 -3.26 -16.45
C ASN B 726 -23.56 -1.85 -15.85
N TYR B 727 -22.63 -1.00 -16.28
CA TYR B 727 -22.50 0.31 -15.64
C TYR B 727 -23.41 1.28 -16.39
N TRP B 728 -23.29 1.32 -17.71
CA TRP B 728 -24.12 2.15 -18.56
C TRP B 728 -24.94 1.23 -19.48
N ARG B 729 -25.25 0.00 -18.99
CA ARG B 729 -25.91 -0.99 -19.83
C ARG B 729 -27.28 -1.40 -19.28
N SER B 730 -27.93 -0.52 -18.50
CA SER B 730 -29.34 -0.66 -18.15
C SER B 730 -29.74 0.40 -17.13
N PRO B 731 -28.87 0.73 -16.15
CA PRO B 731 -29.30 1.57 -15.03
C PRO B 731 -29.68 2.99 -15.41
N VAL B 732 -30.36 3.67 -14.48
CA VAL B 732 -30.89 5.01 -14.67
C VAL B 732 -29.87 6.00 -14.11
N TRP B 733 -29.38 6.90 -14.98
CA TRP B 733 -28.42 7.92 -14.58
C TRP B 733 -29.10 9.28 -14.60
N ILE B 734 -28.81 10.11 -13.58
CA ILE B 734 -29.59 11.31 -13.35
C ILE B 734 -29.16 12.42 -14.31
N ASN B 735 -27.89 12.39 -14.72
CA ASN B 735 -27.40 13.48 -15.55
C ASN B 735 -28.05 13.40 -16.93
N ILE B 736 -28.12 12.21 -17.51
CA ILE B 736 -28.67 12.07 -18.84
C ILE B 736 -30.17 12.29 -18.75
N ASN B 737 -30.77 11.80 -17.67
CA ASN B 737 -32.21 11.95 -17.53
C ASN B 737 -32.56 13.43 -17.40
N TYR B 738 -31.72 14.19 -16.67
CA TYR B 738 -31.88 15.63 -16.58
C TYR B 738 -31.93 16.25 -17.99
N LEU B 739 -30.99 15.87 -18.86
CA LEU B 739 -30.92 16.50 -20.18
C LEU B 739 -32.24 16.22 -20.91
N ALA B 740 -32.75 14.99 -20.72
CA ALA B 740 -33.96 14.57 -21.41
C ALA B 740 -35.13 15.40 -20.90
N ILE B 741 -35.19 15.61 -19.57
CA ILE B 741 -36.25 16.40 -18.99
C ILE B 741 -36.22 17.83 -19.57
N VAL B 742 -35.04 18.44 -19.61
CA VAL B 742 -34.92 19.80 -20.09
C VAL B 742 -35.41 19.87 -21.55
N GLN B 743 -34.96 18.94 -22.38
CA GLN B 743 -35.31 18.99 -23.80
C GLN B 743 -36.80 18.69 -24.03
N LEU B 744 -37.37 17.78 -23.25
CA LEU B 744 -38.81 17.53 -23.31
C LEU B 744 -39.56 18.81 -22.96
N TYR B 745 -39.07 19.53 -21.93
CA TYR B 745 -39.73 20.77 -21.53
C TYR B 745 -39.69 21.79 -22.68
N ASN B 746 -38.55 21.87 -23.38
CA ASN B 746 -38.37 22.77 -24.51
C ASN B 746 -39.40 22.47 -25.61
N ILE B 747 -39.64 21.20 -25.89
CA ILE B 747 -40.61 20.85 -26.95
C ILE B 747 -42.04 21.13 -26.50
N ALA B 748 -42.33 20.92 -25.21
CA ALA B 748 -43.68 21.00 -24.67
C ALA B 748 -44.18 22.44 -24.64
N THR B 749 -43.27 23.41 -24.83
CA THR B 749 -43.59 24.81 -24.58
C THR B 749 -43.40 25.61 -25.85
N GLN B 750 -43.45 24.94 -27.02
CA GLN B 750 -43.61 25.67 -28.26
C GLN B 750 -44.45 24.87 -29.25
N ASP B 751 -44.89 25.56 -30.31
CA ASP B 751 -45.78 25.06 -31.33
C ASP B 751 -45.09 23.92 -32.10
N GLY B 752 -45.81 22.80 -32.26
CA GLY B 752 -45.35 21.80 -33.22
C GLY B 752 -46.14 20.51 -33.07
N PRO B 753 -45.91 19.51 -33.95
CA PRO B 753 -46.70 18.28 -33.90
C PRO B 753 -46.48 17.44 -32.65
N TYR B 754 -45.32 17.62 -31.99
CA TYR B 754 -44.96 16.78 -30.85
C TYR B 754 -45.12 17.51 -29.51
N LYS B 755 -45.77 18.67 -29.51
CA LYS B 755 -45.91 19.44 -28.28
C LYS B 755 -46.59 18.61 -27.21
N GLU B 756 -47.74 18.00 -27.54
CA GLU B 756 -48.50 17.27 -26.54
C GLU B 756 -47.75 16.02 -26.09
N THR B 757 -47.03 15.37 -27.01
CA THR B 757 -46.30 14.18 -26.65
C THR B 757 -45.20 14.52 -25.63
N ALA B 758 -44.50 15.63 -25.88
CA ALA B 758 -43.44 16.09 -24.99
C ALA B 758 -44.01 16.55 -23.65
N ARG B 759 -45.15 17.26 -23.65
CA ARG B 759 -45.74 17.68 -22.38
C ARG B 759 -45.95 16.48 -21.46
N ASP B 760 -46.58 15.43 -21.99
CA ASP B 760 -46.91 14.25 -21.20
C ASP B 760 -45.63 13.55 -20.72
N LEU B 761 -44.64 13.40 -21.61
CA LEU B 761 -43.41 12.71 -21.24
C LEU B 761 -42.66 13.52 -20.19
N TYR B 762 -42.58 14.84 -20.38
CA TYR B 762 -41.96 15.71 -19.39
C TYR B 762 -42.56 15.46 -18.00
N THR B 763 -43.89 15.59 -17.88
CA THR B 763 -44.58 15.51 -16.59
C THR B 763 -44.25 14.17 -15.93
N ARG B 764 -44.37 13.12 -16.71
CA ARG B 764 -44.21 11.79 -16.17
C ARG B 764 -42.75 11.51 -15.79
N LEU B 765 -41.80 11.87 -16.67
CA LEU B 765 -40.39 11.60 -16.36
C LEU B 765 -39.91 12.44 -15.17
N ARG B 766 -40.33 13.71 -15.13
CA ARG B 766 -40.03 14.57 -13.99
C ARG B 766 -40.47 13.86 -12.71
N LYS B 767 -41.71 13.32 -12.70
CA LYS B 767 -42.24 12.70 -11.48
C LYS B 767 -41.44 11.44 -11.15
N ASN B 768 -41.20 10.60 -12.15
CA ASN B 768 -40.49 9.36 -11.90
C ASN B 768 -39.10 9.62 -11.33
N ILE B 769 -38.38 10.55 -11.94
CA ILE B 769 -36.99 10.77 -11.51
C ILE B 769 -36.98 11.32 -10.07
N VAL B 770 -37.78 12.36 -9.82
CA VAL B 770 -37.70 13.00 -8.51
C VAL B 770 -38.05 11.96 -7.43
N GLU B 771 -39.07 11.14 -7.71
CA GLU B 771 -39.53 10.18 -6.71
C GLU B 771 -38.47 9.11 -6.45
N THR B 772 -37.80 8.64 -7.51
CA THR B 772 -36.79 7.61 -7.36
C THR B 772 -35.67 8.09 -6.46
N VAL B 773 -35.15 9.30 -6.70
CA VAL B 773 -34.04 9.81 -5.88
C VAL B 773 -34.55 10.15 -4.49
N TYR B 774 -35.73 10.77 -4.39
CA TYR B 774 -36.30 11.13 -3.11
C TYR B 774 -36.53 9.90 -2.23
N ARG B 775 -37.15 8.83 -2.79
CA ARG B 775 -37.54 7.65 -2.02
C ARG B 775 -36.28 6.98 -1.45
N ASN B 776 -35.19 6.95 -2.24
CA ASN B 776 -33.97 6.31 -1.79
C ASN B 776 -33.28 7.16 -0.73
N TRP B 777 -33.37 8.48 -0.85
CA TRP B 777 -32.77 9.36 0.14
C TRP B 777 -33.46 9.19 1.48
N GLU B 778 -34.80 9.11 1.46
CA GLU B 778 -35.61 8.86 2.64
C GLU B 778 -35.18 7.56 3.32
N GLU B 779 -35.06 6.48 2.54
CA GLU B 779 -34.79 5.17 3.11
C GLU B 779 -33.34 5.04 3.54
N THR B 780 -32.39 5.60 2.77
CA THR B 780 -30.98 5.28 2.96
C THR B 780 -30.17 6.50 3.41
N GLY B 781 -30.71 7.70 3.18
CA GLY B 781 -29.99 8.92 3.52
C GLY B 781 -28.95 9.33 2.47
N PHE B 782 -28.85 8.58 1.34
CA PHE B 782 -27.83 8.90 0.35
C PHE B 782 -28.44 9.27 -1.01
N ALA B 783 -27.74 10.15 -1.75
CA ALA B 783 -27.79 10.22 -3.21
C ALA B 783 -26.91 9.10 -3.75
N TRP B 784 -27.42 8.38 -4.76
CA TRP B 784 -26.64 7.30 -5.34
C TRP B 784 -26.13 7.69 -6.73
N GLU B 785 -25.12 6.97 -7.20
CA GLU B 785 -24.50 7.17 -8.50
C GLU B 785 -25.50 6.84 -9.61
N GLN B 786 -26.34 5.81 -9.43
CA GLN B 786 -27.34 5.42 -10.42
C GLN B 786 -28.42 4.57 -9.74
N TYR B 787 -29.49 4.22 -10.48
CA TYR B 787 -30.67 3.61 -9.88
C TYR B 787 -31.12 2.41 -10.70
N ASN B 788 -31.46 1.32 -9.99
CA ASN B 788 -31.87 0.08 -10.62
C ASN B 788 -33.16 0.33 -11.41
N PRO B 789 -33.23 -0.06 -12.70
CA PRO B 789 -34.43 0.17 -13.51
C PRO B 789 -35.61 -0.79 -13.25
N GLU B 790 -35.30 -1.93 -12.60
CA GLU B 790 -36.29 -2.94 -12.21
C GLU B 790 -36.93 -2.60 -10.87
N THR B 791 -36.12 -2.14 -9.90
CA THR B 791 -36.63 -1.96 -8.54
C THR B 791 -36.58 -0.51 -8.09
N GLY B 792 -35.77 0.33 -8.75
CA GLY B 792 -35.69 1.72 -8.35
C GLY B 792 -34.61 1.95 -7.28
N LYS B 793 -33.94 0.88 -6.84
CA LYS B 793 -32.98 1.00 -5.73
C LYS B 793 -31.70 1.72 -6.17
N GLY B 794 -31.26 2.69 -5.34
CA GLY B 794 -29.92 3.25 -5.46
C GLY B 794 -28.85 2.16 -5.45
N GLN B 795 -27.88 2.27 -6.37
CA GLN B 795 -26.94 1.21 -6.73
C GLN B 795 -25.58 1.88 -7.00
N ARG B 796 -24.49 1.10 -7.09
CA ARG B 796 -23.13 1.63 -7.16
C ARG B 796 -22.83 2.55 -5.96
N THR B 797 -22.03 3.62 -6.15
CA THR B 797 -21.52 4.33 -4.98
C THR B 797 -22.55 5.28 -4.37
N GLN B 798 -22.42 5.48 -3.05
CA GLN B 798 -23.23 6.40 -2.27
C GLN B 798 -22.52 7.74 -2.19
N HIS B 799 -23.23 8.76 -1.68
CA HIS B 799 -22.76 10.13 -1.51
C HIS B 799 -22.44 10.80 -2.86
N PHE B 800 -23.21 10.45 -3.90
CA PHE B 800 -22.84 10.90 -5.24
C PHE B 800 -23.49 12.27 -5.52
N THR B 801 -22.91 13.34 -4.98
CA THR B 801 -23.40 14.70 -5.13
C THR B 801 -22.23 15.59 -5.59
N GLY B 802 -21.84 15.51 -6.88
CA GLY B 802 -22.33 14.52 -7.83
C GLY B 802 -23.56 15.01 -8.57
N TRP B 803 -23.71 14.56 -9.83
CA TRP B 803 -24.75 15.13 -10.65
C TRP B 803 -26.14 14.65 -10.22
N THR B 804 -26.22 13.71 -9.26
CA THR B 804 -27.53 13.27 -8.79
C THR B 804 -28.30 14.44 -8.16
N SER B 805 -27.55 15.45 -7.72
CA SER B 805 -28.13 16.64 -7.13
C SER B 805 -28.87 17.52 -8.14
N LEU B 806 -28.69 17.26 -9.45
CA LEU B 806 -29.52 17.92 -10.46
C LEU B 806 -31.01 17.81 -10.13
N VAL B 807 -31.39 16.83 -9.32
CA VAL B 807 -32.78 16.69 -8.93
C VAL B 807 -33.36 17.97 -8.31
N VAL B 808 -32.52 18.80 -7.66
CA VAL B 808 -33.04 20.06 -7.13
C VAL B 808 -33.60 20.94 -8.26
N LYS B 809 -32.93 20.94 -9.42
CA LYS B 809 -33.36 21.77 -10.52
C LYS B 809 -34.57 21.11 -11.20
N ILE B 810 -34.63 19.77 -11.19
CA ILE B 810 -35.77 19.10 -11.78
C ILE B 810 -37.05 19.48 -11.02
N MET B 811 -36.93 19.65 -9.69
CA MET B 811 -38.08 20.00 -8.86
C MET B 811 -38.48 21.47 -9.05
N SER B 812 -37.51 22.33 -9.37
CA SER B 812 -37.72 23.77 -9.34
C SER B 812 -38.38 24.25 -10.63
N GLY B 813 -38.28 23.42 -11.68
CA GLY B 813 -38.92 23.70 -12.96
C GLY B 813 -38.06 24.55 -13.88
N HIS B 814 -38.57 24.82 -15.08
CA HIS B 814 -37.81 25.63 -16.01
C HIS B 814 -38.55 26.96 -16.23
#